data_5VF4
#
_entry.id   5VF4
#
_cell.length_a   155.039
_cell.length_b   155.039
_cell.length_c   202.394
_cell.angle_alpha   90.00
_cell.angle_beta   90.00
_cell.angle_gamma   120.00
#
_symmetry.space_group_name_H-M   'P 32 2 1'
#
loop_
_entity.id
_entity.type
_entity.pdbx_description
1 polymer 'Uncharacterized protein'
2 non-polymer 'CALCIUM ION'
3 non-polymer 'ACETATE ION'
4 water water
#
_entity_poly.entity_id   1
_entity_poly.type   'polypeptide(L)'
_entity_poly.pdbx_seq_one_letter_code
;GPGS(MSE)IFSVKDSLRQAVEAASGGLCTV(MSE)YTKKGQPVFLRRIPRFNLEDIDPSLGTGPHPAFVVGGEVKSEIW
IGQFPGIVSNGELISVPGVDPANTINFDEALGYARASGPGFHL(MSE)TNAEWAAVALLTWKSRGAGDDPVRGNTQWGRS
HEAQWEAGTRQSGDAPGEDTGAQGRSGRTLTGSGPATWRHDGTPAGIADLVGNVWEWVAGLRLVGGEIQIIPDNDAAFAS
TD(MSE)SASSPLWKAIRASDGALVSPGTSGTLKYDINPNKSYSNDNTIQDLGPLTLHTTTQTPPAGWDSNTYQDYASAL
YKDLVVGTGITVPNLLKVL(MSE)LAPHTTSITKGRLYARPYGERLPIRGGDWGNGGVAGLAALYLLNPRGSRRWGVGAR
PAFVL
;
_entity_poly.pdbx_strand_id   A,B,C,D
#
loop_
_chem_comp.id
_chem_comp.type
_chem_comp.name
_chem_comp.formula
ACT non-polymer 'ACETATE ION' 'C2 H3 O2 -1'
CA non-polymer 'CALCIUM ION' 'Ca 2'
#
# COMPACT_ATOMS: atom_id res chain seq x y z
N MSE A 5 25.21 24.84 -16.76
CA MSE A 5 23.96 24.23 -16.34
C MSE A 5 22.95 25.26 -15.83
O MSE A 5 23.21 25.96 -14.85
CB MSE A 5 24.23 23.17 -15.26
CG MSE A 5 24.91 23.72 -14.01
SE MSE A 5 24.98 22.46 -12.50
CE MSE A 5 25.77 23.65 -11.15
N ILE A 6 21.81 25.37 -16.50
CA ILE A 6 20.67 26.12 -15.97
C ILE A 6 19.81 25.16 -15.14
N PHE A 7 20.20 23.88 -15.16
CA PHE A 7 19.50 22.77 -14.52
C PHE A 7 19.96 22.42 -13.10
N SER A 8 19.01 22.30 -12.17
CA SER A 8 19.28 21.83 -10.80
C SER A 8 18.31 20.71 -10.44
N VAL A 9 18.75 19.78 -9.60
CA VAL A 9 17.82 18.74 -9.17
C VAL A 9 16.67 19.35 -8.36
N LYS A 10 17.01 20.28 -7.48
CA LYS A 10 16.01 20.95 -6.64
C LYS A 10 14.94 21.72 -7.45
N ASP A 11 15.32 22.34 -8.56
CA ASP A 11 14.35 23.11 -9.34
C ASP A 11 13.50 22.20 -10.22
N SER A 12 14.12 21.13 -10.73
CA SER A 12 13.42 20.17 -11.58
C SER A 12 12.32 19.42 -10.80
N LEU A 13 12.59 19.09 -9.53
CA LEU A 13 11.57 18.53 -8.64
C LEU A 13 10.37 19.50 -8.49
N ARG A 14 10.69 20.77 -8.20
CA ARG A 14 9.68 21.83 -8.13
C ARG A 14 8.81 21.85 -9.37
N GLN A 15 9.44 21.78 -10.53
CA GLN A 15 8.68 21.78 -11.79
C GLN A 15 7.78 20.56 -11.90
N ALA A 16 8.31 19.39 -11.52
CA ALA A 16 7.53 18.14 -11.59
C ALA A 16 6.29 18.24 -10.70
N VAL A 17 6.49 18.76 -9.50
CA VAL A 17 5.41 18.95 -8.55
C VAL A 17 4.39 19.94 -9.11
N GLU A 18 4.88 21.02 -9.71
CA GLU A 18 3.99 22.01 -10.28
C GLU A 18 3.17 21.38 -11.42
N ALA A 19 3.85 20.63 -12.27
CA ALA A 19 3.20 19.98 -13.42
C ALA A 19 2.11 18.99 -12.99
N ALA A 20 2.49 18.00 -12.17
CA ALA A 20 1.55 16.96 -11.74
C ALA A 20 0.32 17.53 -11.03
N SER A 21 0.44 18.75 -10.52
CA SER A 21 -0.57 19.35 -9.68
C SER A 21 -1.38 20.44 -10.36
N GLY A 22 -1.24 20.55 -11.68
CA GLY A 22 -1.94 21.56 -12.44
C GLY A 22 -1.59 22.95 -11.95
N GLY A 23 -0.41 23.07 -11.34
CA GLY A 23 0.03 24.36 -10.84
C GLY A 23 -0.47 24.71 -9.45
N LEU A 24 -1.20 23.80 -8.84
CA LEU A 24 -1.76 24.05 -7.51
C LEU A 24 -0.73 23.90 -6.41
N CYS A 25 0.23 23.01 -6.62
CA CYS A 25 1.28 22.81 -5.63
C CYS A 25 2.64 23.19 -6.17
N THR A 26 3.56 23.51 -5.25
CA THR A 26 4.94 23.74 -5.64
C THR A 26 5.89 23.23 -4.57
N VAL A 27 7.18 23.41 -4.80
CA VAL A 27 8.19 23.13 -3.80
C VAL A 27 9.04 24.37 -3.63
N MSE A 28 9.01 24.94 -2.44
CA MSE A 28 9.88 26.05 -2.11
C MSE A 28 11.02 25.51 -1.26
O MSE A 28 10.90 24.45 -0.67
CB MSE A 28 9.12 27.15 -1.38
CG MSE A 28 7.96 27.74 -2.16
SE MSE A 28 7.21 29.26 -1.22
CE MSE A 28 5.69 29.66 -2.39
N TYR A 29 12.13 26.25 -1.21
CA TYR A 29 13.29 25.71 -0.51
C TYR A 29 13.70 26.59 0.65
N THR A 30 14.09 25.95 1.74
CA THR A 30 14.40 26.65 2.98
C THR A 30 15.79 27.28 2.96
N LYS A 31 16.03 28.12 3.96
CA LYS A 31 17.32 28.71 4.22
C LYS A 31 18.45 27.69 4.06
N LYS A 32 18.23 26.49 4.60
CA LYS A 32 19.23 25.42 4.52
C LYS A 32 19.01 24.52 3.29
N GLY A 33 18.17 24.98 2.36
CA GLY A 33 17.99 24.29 1.09
C GLY A 33 17.20 22.98 1.13
N GLN A 34 16.25 22.90 2.05
CA GLN A 34 15.41 21.72 2.19
C GLN A 34 14.03 21.95 1.56
N PRO A 35 13.40 20.87 1.09
CA PRO A 35 12.14 21.00 0.35
C PRO A 35 10.93 21.18 1.25
N VAL A 36 10.06 22.11 0.84
CA VAL A 36 8.78 22.28 1.47
C VAL A 36 7.71 22.22 0.38
N PHE A 37 7.00 21.10 0.33
CA PHE A 37 5.86 20.95 -0.57
C PHE A 37 4.72 21.84 -0.06
N LEU A 38 4.22 22.73 -0.92
CA LEU A 38 3.17 23.67 -0.53
C LEU A 38 2.04 23.68 -1.54
N ARG A 39 0.82 23.89 -1.05
CA ARG A 39 -0.39 23.96 -1.88
C ARG A 39 -0.98 25.34 -1.75
N ARG A 40 -1.30 25.96 -2.89
CA ARG A 40 -1.80 27.32 -2.84
C ARG A 40 -3.31 27.32 -2.66
N ILE A 41 -3.76 28.22 -1.79
CA ILE A 41 -5.18 28.46 -1.61
C ILE A 41 -5.43 29.94 -1.84
N PRO A 42 -6.05 30.25 -2.99
CA PRO A 42 -6.28 31.64 -3.35
C PRO A 42 -7.34 32.32 -2.49
N ARG A 43 -7.17 33.63 -2.32
CA ARG A 43 -8.04 34.46 -1.50
C ARG A 43 -9.52 34.32 -1.87
N PHE A 44 -10.35 34.26 -0.85
CA PHE A 44 -11.80 34.31 -1.03
C PHE A 44 -12.40 35.27 -0.01
N ASN A 45 -13.65 35.64 -0.24
CA ASN A 45 -14.34 36.58 0.66
C ASN A 45 -15.32 35.82 1.55
N LEU A 46 -15.63 36.37 2.71
CA LEU A 46 -16.50 35.66 3.64
C LEU A 46 -17.84 35.36 2.98
N GLU A 47 -18.33 36.29 2.18
CA GLU A 47 -19.63 36.14 1.55
C GLU A 47 -19.70 34.96 0.57
N ASP A 48 -18.54 34.45 0.14
CA ASP A 48 -18.47 33.28 -0.75
C ASP A 48 -18.72 31.96 -0.01
N ILE A 49 -18.52 31.97 1.29
CA ILE A 49 -18.80 30.81 2.12
C ILE A 49 -20.26 30.81 2.50
N ASP A 50 -20.71 31.95 3.01
CA ASP A 50 -22.09 32.18 3.40
C ASP A 50 -22.15 33.66 3.78
N PRO A 51 -22.96 34.45 3.04
CA PRO A 51 -23.04 35.91 3.15
C PRO A 51 -23.42 36.36 4.56
N SER A 52 -23.97 35.44 5.35
CA SER A 52 -24.43 35.72 6.71
C SER A 52 -23.28 35.73 7.74
N LEU A 53 -22.06 35.56 7.24
CA LEU A 53 -20.86 35.62 8.07
C LEU A 53 -20.17 37.00 8.04
N GLY A 54 -20.70 37.90 7.22
CA GLY A 54 -20.12 39.21 7.05
C GLY A 54 -19.51 39.41 5.67
N THR A 55 -18.56 40.33 5.58
CA THR A 55 -17.92 40.62 4.31
C THR A 55 -16.41 40.84 4.43
N GLY A 56 -15.76 40.96 3.28
CA GLY A 56 -14.34 41.20 3.20
C GLY A 56 -13.54 39.92 3.04
N PRO A 57 -12.23 40.05 2.86
CA PRO A 57 -11.37 38.88 2.69
C PRO A 57 -11.38 38.05 3.97
N HIS A 58 -11.22 36.74 3.88
CA HIS A 58 -11.06 35.94 5.09
C HIS A 58 -9.73 36.34 5.73
N PRO A 59 -9.70 36.40 7.08
CA PRO A 59 -8.53 36.86 7.85
C PRO A 59 -7.22 36.19 7.45
N ALA A 60 -7.29 34.95 6.95
CA ALA A 60 -6.09 34.22 6.54
C ALA A 60 -5.30 34.99 5.48
N PHE A 61 -5.99 35.86 4.74
CA PHE A 61 -5.39 36.57 3.62
C PHE A 61 -5.04 38.02 3.95
N VAL A 62 -5.05 38.36 5.23
CA VAL A 62 -4.67 39.69 5.70
C VAL A 62 -3.46 39.61 6.64
N VAL A 63 -2.32 40.11 6.17
CA VAL A 63 -1.09 40.06 6.95
C VAL A 63 -0.49 41.45 7.12
N GLY A 64 -0.45 41.92 8.36
CA GLY A 64 0.09 43.24 8.65
C GLY A 64 -0.64 44.32 7.86
N GLY A 65 -1.96 44.25 7.85
CA GLY A 65 -2.80 45.20 7.14
C GLY A 65 -2.92 44.98 5.64
N GLU A 66 -1.99 44.26 5.02
CA GLU A 66 -2.02 44.07 3.57
C GLU A 66 -2.77 42.83 3.15
N VAL A 67 -3.67 42.97 2.17
CA VAL A 67 -4.42 41.83 1.64
C VAL A 67 -3.65 41.03 0.58
N LYS A 68 -3.46 39.74 0.86
CA LYS A 68 -2.63 38.87 0.04
C LYS A 68 -3.43 38.19 -1.05
N SER A 69 -2.77 37.89 -2.18
CA SER A 69 -3.39 37.21 -3.32
C SER A 69 -3.78 35.77 -2.98
N GLU A 70 -3.00 35.14 -2.11
CA GLU A 70 -3.15 33.73 -1.77
C GLU A 70 -2.26 33.37 -0.58
N ILE A 71 -2.45 32.18 -0.04
CA ILE A 71 -1.55 31.64 0.97
C ILE A 71 -1.05 30.25 0.58
N TRP A 72 0.06 29.81 1.18
CA TRP A 72 0.59 28.49 0.88
C TRP A 72 0.56 27.60 2.13
N ILE A 73 -0.16 26.48 2.02
CA ILE A 73 -0.24 25.53 3.13
C ILE A 73 0.69 24.35 2.88
N GLY A 74 1.41 23.91 3.92
CA GLY A 74 2.26 22.73 3.82
C GLY A 74 1.38 21.58 3.38
N GLN A 75 1.75 20.91 2.30
CA GLN A 75 0.87 19.85 1.80
C GLN A 75 0.81 18.68 2.79
N PHE A 76 1.82 18.57 3.65
CA PHE A 76 1.91 17.44 4.57
C PHE A 76 2.19 17.89 5.97
N PRO A 77 1.93 17.00 6.93
CA PRO A 77 2.37 17.27 8.29
C PRO A 77 3.85 17.61 8.31
N GLY A 78 4.23 18.57 9.13
CA GLY A 78 5.63 18.96 9.22
C GLY A 78 6.47 17.82 9.73
N ILE A 79 7.75 17.85 9.39
CA ILE A 79 8.75 16.97 9.97
C ILE A 79 9.90 17.86 10.36
N VAL A 80 10.61 17.55 11.45
CA VAL A 80 11.74 18.40 11.79
C VAL A 80 13.03 17.80 11.22
N SER A 81 13.65 18.54 10.29
CA SER A 81 14.85 18.08 9.61
C SER A 81 15.95 19.11 9.77
N ASN A 82 17.08 18.64 10.27
CA ASN A 82 18.13 19.50 10.81
C ASN A 82 17.58 20.37 11.93
N GLY A 83 16.89 21.45 11.60
CA GLY A 83 16.47 22.40 12.61
C GLY A 83 15.37 23.24 12.02
N GLU A 84 14.80 22.70 10.95
CA GLU A 84 13.72 23.32 10.20
C GLU A 84 12.49 22.40 10.22
N LEU A 85 11.31 22.98 10.33
CA LEU A 85 10.06 22.23 10.19
C LEU A 85 9.63 22.30 8.73
N ILE A 86 9.95 21.25 7.98
CA ILE A 86 9.66 21.24 6.56
C ILE A 86 8.44 20.36 6.28
N SER A 87 8.02 20.31 5.03
CA SER A 87 6.84 19.54 4.67
C SER A 87 7.13 18.66 3.47
N VAL A 88 7.27 17.37 3.72
CA VAL A 88 7.52 16.39 2.65
C VAL A 88 6.64 15.16 2.85
N PRO A 89 6.45 14.40 1.75
CA PRO A 89 5.70 13.15 1.67
C PRO A 89 6.52 11.91 2.03
N GLY A 90 5.86 10.94 2.65
CA GLY A 90 6.43 9.63 2.84
C GLY A 90 7.25 9.53 4.11
N VAL A 91 7.02 10.45 5.04
CA VAL A 91 7.76 10.46 6.28
C VAL A 91 6.90 10.38 7.54
N ASP A 92 7.53 10.03 8.65
CA ASP A 92 6.88 9.99 9.95
C ASP A 92 6.66 11.42 10.44
N PRO A 93 5.39 11.81 10.64
CA PRO A 93 5.06 13.18 11.04
C PRO A 93 5.78 13.59 12.32
N ALA A 94 6.17 14.85 12.41
CA ALA A 94 6.84 15.36 13.59
C ALA A 94 5.95 15.18 14.78
N ASN A 95 6.53 14.85 15.92
CA ASN A 95 5.77 14.75 17.14
C ASN A 95 6.63 15.02 18.37
N THR A 96 6.00 14.95 19.54
CA THR A 96 6.70 15.12 20.81
C THR A 96 7.50 16.43 20.82
N ILE A 97 6.84 17.49 20.37
CA ILE A 97 7.40 18.83 20.42
C ILE A 97 6.30 19.78 20.90
N ASN A 98 6.67 20.79 21.68
CA ASN A 98 5.69 21.70 22.27
C ASN A 98 5.46 22.90 21.35
N PHE A 99 4.60 23.81 21.77
CA PHE A 99 4.18 24.90 20.90
C PHE A 99 5.34 25.79 20.48
N ASP A 100 6.19 26.12 21.45
CA ASP A 100 7.29 27.05 21.19
C ASP A 100 8.34 26.42 20.26
N GLU A 101 8.58 25.13 20.45
CA GLU A 101 9.49 24.38 19.60
C GLU A 101 8.95 24.34 18.16
N ALA A 102 7.65 24.11 18.03
CA ALA A 102 7.00 24.06 16.73
C ALA A 102 7.07 25.41 16.02
N LEU A 103 6.72 26.47 16.75
CA LEU A 103 6.74 27.82 16.22
C LEU A 103 8.14 28.20 15.76
N GLY A 104 9.14 27.77 16.53
CA GLY A 104 10.51 28.12 16.24
C GLY A 104 11.06 27.36 15.05
N TYR A 105 10.84 26.05 15.04
CA TYR A 105 11.31 25.19 13.96
C TYR A 105 10.74 25.63 12.62
N ALA A 106 9.49 26.11 12.66
CA ALA A 106 8.82 26.58 11.47
C ALA A 106 9.49 27.82 10.91
N ARG A 107 9.84 28.76 11.79
CA ARG A 107 10.44 30.02 11.37
C ARG A 107 11.89 29.86 10.89
N ALA A 108 12.60 28.91 11.48
CA ALA A 108 14.01 28.68 11.16
C ALA A 108 14.27 28.57 9.65
N SER A 109 13.24 28.21 8.90
CA SER A 109 13.37 27.97 7.46
C SER A 109 13.63 29.27 6.72
N GLY A 110 13.21 30.39 7.30
CA GLY A 110 13.42 31.68 6.65
C GLY A 110 12.21 32.58 6.58
N PRO A 111 12.37 33.75 5.95
CA PRO A 111 11.30 34.72 5.73
C PRO A 111 10.10 34.12 4.98
N GLY A 112 8.89 34.34 5.48
CA GLY A 112 7.71 33.80 4.85
C GLY A 112 7.19 32.57 5.56
N PHE A 113 8.11 31.67 5.90
CA PHE A 113 7.78 30.40 6.55
C PHE A 113 7.36 30.65 8.00
N HIS A 114 6.27 30.02 8.41
CA HIS A 114 5.76 30.14 9.77
C HIS A 114 4.99 28.91 10.22
N LEU A 115 4.73 28.80 11.52
CA LEU A 115 3.84 27.75 12.00
C LEU A 115 2.45 28.08 11.50
N MSE A 116 1.82 27.11 10.85
CA MSE A 116 0.50 27.30 10.29
C MSE A 116 -0.45 27.92 11.33
O MSE A 116 -0.46 27.51 12.49
CB MSE A 116 -0.07 25.98 9.78
CG MSE A 116 -1.53 26.04 9.41
SE MSE A 116 -2.10 24.49 8.38
CE MSE A 116 -3.85 25.13 7.81
N THR A 117 -1.20 28.93 10.92
CA THR A 117 -1.98 29.70 11.88
C THR A 117 -3.43 29.29 11.90
N ASN A 118 -4.07 29.55 13.04
CA ASN A 118 -5.48 29.26 13.24
C ASN A 118 -6.33 29.94 12.18
N ALA A 119 -5.89 31.12 11.75
CA ALA A 119 -6.60 31.84 10.71
C ALA A 119 -6.52 31.11 9.37
N GLU A 120 -5.37 30.52 9.09
CA GLU A 120 -5.17 29.71 7.87
C GLU A 120 -5.98 28.42 7.91
N TRP A 121 -5.90 27.73 9.05
CA TRP A 121 -6.68 26.53 9.28
C TRP A 121 -8.14 26.83 9.06
N ALA A 122 -8.58 27.97 9.62
CA ALA A 122 -9.95 28.40 9.51
C ALA A 122 -10.32 28.66 8.05
N ALA A 123 -9.41 29.27 7.30
CA ALA A 123 -9.63 29.53 5.89
C ALA A 123 -9.80 28.25 5.10
N VAL A 124 -8.94 27.27 5.34
CA VAL A 124 -9.01 26.03 4.59
C VAL A 124 -10.28 25.25 4.91
N ALA A 125 -10.62 25.18 6.19
CA ALA A 125 -11.79 24.41 6.64
C ALA A 125 -13.08 24.95 6.04
N LEU A 126 -13.30 26.25 6.18
CA LEU A 126 -14.47 26.90 5.61
C LEU A 126 -14.51 26.70 4.09
N LEU A 127 -13.38 26.92 3.39
CA LEU A 127 -13.36 26.76 1.93
C LEU A 127 -13.63 25.33 1.53
N THR A 128 -12.99 24.39 2.24
CA THR A 128 -13.22 22.97 2.00
C THR A 128 -14.69 22.63 2.14
N TRP A 129 -15.32 23.11 3.22
CA TRP A 129 -16.71 22.78 3.54
C TRP A 129 -17.68 23.26 2.47
N LYS A 130 -17.48 24.50 2.03
CA LYS A 130 -18.34 25.13 1.04
C LYS A 130 -18.14 24.48 -0.33
N SER A 131 -16.88 24.34 -0.74
CA SER A 131 -16.52 23.89 -2.07
C SER A 131 -16.89 22.43 -2.34
N ARG A 132 -16.94 21.62 -1.29
CA ARG A 132 -17.25 20.20 -1.42
C ARG A 132 -18.73 19.93 -1.15
N GLY A 133 -19.56 20.98 -1.17
CA GLY A 133 -20.99 20.79 -1.13
C GLY A 133 -21.77 21.45 0.01
N ALA A 134 -21.04 22.15 0.87
CA ALA A 134 -21.61 22.87 2.01
C ALA A 134 -22.49 21.96 2.87
N GLY A 135 -22.10 20.69 2.98
CA GLY A 135 -22.80 19.73 3.80
C GLY A 135 -22.08 19.42 5.10
N ASP A 136 -21.56 18.19 5.20
CA ASP A 136 -20.74 17.76 6.33
C ASP A 136 -19.24 18.08 6.11
N ASP A 137 -18.41 17.65 7.04
CA ASP A 137 -16.98 17.75 6.86
C ASP A 137 -16.56 16.76 5.77
N PRO A 138 -16.22 17.30 4.60
CA PRO A 138 -15.97 16.50 3.42
C PRO A 138 -14.83 15.47 3.57
N VAL A 139 -13.91 15.74 4.51
CA VAL A 139 -12.58 15.10 4.57
C VAL A 139 -12.45 13.93 5.56
N ARG A 140 -11.73 12.89 5.15
CA ARG A 140 -11.36 11.77 6.02
C ARG A 140 -9.86 11.68 6.31
N GLY A 141 -9.44 10.68 7.08
CA GLY A 141 -8.04 10.52 7.41
C GLY A 141 -7.71 9.41 8.38
N ASN A 142 -6.43 9.33 8.78
CA ASN A 142 -5.95 8.35 9.75
C ASN A 142 -6.50 8.64 11.13
N THR A 143 -7.69 8.10 11.40
CA THR A 143 -8.43 8.34 12.63
C THR A 143 -8.71 7.05 13.41
N GLN A 144 -7.95 6.00 13.09
CA GLN A 144 -8.07 4.71 13.72
C GLN A 144 -6.84 3.85 13.51
N TRP A 145 -5.71 4.25 14.09
CA TRP A 145 -4.49 3.44 14.07
C TRP A 145 -4.07 3.01 12.66
N GLY A 146 -4.12 3.93 11.71
CA GLY A 146 -3.62 3.66 10.39
C GLY A 146 -4.63 3.78 9.28
N ARG A 147 -5.89 3.56 9.61
CA ARG A 147 -6.98 3.65 8.65
C ARG A 147 -8.04 4.64 9.11
N SER A 148 -9.04 4.86 8.28
CA SER A 148 -10.14 5.75 8.64
C SER A 148 -11.23 5.03 9.42
N HIS A 149 -11.71 5.65 10.49
CA HIS A 149 -12.73 5.03 11.35
C HIS A 149 -14.06 4.94 10.58
N GLU A 150 -14.25 5.84 9.62
CA GLU A 150 -15.40 5.82 8.73
C GLU A 150 -15.27 4.83 7.58
N ALA A 151 -14.02 4.51 7.23
CA ALA A 151 -13.68 3.75 6.02
C ALA A 151 -12.48 2.81 6.18
N GLN A 152 -12.71 1.58 6.62
CA GLN A 152 -11.65 0.66 7.05
C GLN A 152 -10.59 0.37 6.02
N TRP A 153 -11.00 0.41 4.76
CA TRP A 153 -10.15 0.03 3.65
C TRP A 153 -9.26 1.17 3.12
N GLU A 154 -9.49 2.38 3.63
CA GLU A 154 -8.58 3.51 3.44
C GLU A 154 -7.58 3.51 4.58
N ALA A 155 -6.31 3.30 4.26
CA ALA A 155 -5.25 3.34 5.25
C ALA A 155 -4.03 3.99 4.65
N GLY A 156 -3.12 4.45 5.50
CA GLY A 156 -1.83 4.93 5.06
C GLY A 156 -0.79 3.87 5.40
N THR A 157 0.47 4.24 5.38
CA THR A 157 1.55 3.34 5.78
C THR A 157 2.00 3.69 7.19
N ARG A 158 1.79 2.78 8.13
CA ARG A 158 2.11 3.10 9.52
C ARG A 158 3.61 3.09 9.74
N GLN A 159 4.11 4.13 10.39
CA GLN A 159 5.53 4.23 10.74
C GLN A 159 5.92 3.03 11.62
N SER A 160 4.96 2.59 12.43
CA SER A 160 5.21 1.56 13.40
C SER A 160 5.46 0.23 12.71
N GLY A 161 4.96 0.07 11.50
CA GLY A 161 5.10 -1.19 10.77
C GLY A 161 3.99 -2.20 11.03
N ASP A 162 3.07 -1.80 11.92
CA ASP A 162 1.94 -2.62 12.34
C ASP A 162 0.77 -2.50 11.35
N ALA A 163 -0.22 -3.39 11.47
CA ALA A 163 -1.39 -3.37 10.60
C ALA A 163 -2.35 -2.22 10.91
N PRO A 164 -2.88 -1.58 9.86
CA PRO A 164 -3.86 -0.51 10.08
C PRO A 164 -5.00 -1.03 10.95
N GLY A 165 -5.35 -0.30 12.00
CA GLY A 165 -6.47 -0.68 12.84
C GLY A 165 -6.05 -1.41 14.11
N GLU A 166 -4.78 -1.84 14.19
CA GLU A 166 -4.27 -2.52 15.38
C GLU A 166 -3.85 -1.48 16.43
N ASP A 167 -4.49 -1.57 17.59
CA ASP A 167 -4.20 -0.69 18.71
C ASP A 167 -2.95 -1.22 19.41
N THR A 168 -1.84 -0.50 19.24
CA THR A 168 -0.57 -0.96 19.76
C THR A 168 -0.07 -0.03 20.85
N GLY A 169 -0.98 0.80 21.39
CA GLY A 169 -0.65 1.73 22.45
C GLY A 169 0.10 1.11 23.61
N ALA A 170 -0.36 -0.04 24.09
CA ALA A 170 0.24 -0.71 25.23
C ALA A 170 1.66 -1.21 24.92
N GLN A 171 1.95 -1.44 23.66
CA GLN A 171 3.28 -1.91 23.30
C GLN A 171 4.17 -0.69 23.03
N GLY A 172 3.61 0.50 23.25
CA GLY A 172 4.32 1.74 23.04
C GLY A 172 4.66 2.02 21.59
N ARG A 173 3.84 1.51 20.68
CA ARG A 173 4.00 1.76 19.27
C ARG A 173 2.90 2.68 18.75
N SER A 174 3.29 3.75 18.08
CA SER A 174 2.35 4.77 17.68
C SER A 174 1.50 4.30 16.51
N GLY A 175 0.41 5.01 16.26
CA GLY A 175 -0.44 4.73 15.12
C GLY A 175 -0.25 5.75 14.01
N ARG A 176 0.85 6.51 14.03
CA ARG A 176 1.06 7.53 13.00
C ARG A 176 1.31 6.87 11.65
N THR A 177 0.87 7.52 10.58
CA THR A 177 1.10 7.01 9.24
C THR A 177 2.02 7.97 8.47
N LEU A 178 2.80 7.42 7.55
CA LEU A 178 3.68 8.26 6.72
C LEU A 178 2.83 9.28 5.98
N THR A 179 3.33 10.49 5.92
CA THR A 179 2.59 11.62 5.36
C THR A 179 2.07 11.38 3.93
N GLY A 180 0.80 11.73 3.71
CA GLY A 180 0.17 11.62 2.40
C GLY A 180 -0.02 10.19 1.92
N SER A 181 0.41 9.23 2.73
CA SER A 181 0.37 7.83 2.32
C SER A 181 -1.05 7.25 2.27
N GLY A 182 -2.05 7.98 2.76
CA GLY A 182 -3.43 7.53 2.67
C GLY A 182 -3.95 7.90 1.28
N PRO A 183 -5.19 7.50 0.97
CA PRO A 183 -5.80 7.82 -0.34
C PRO A 183 -6.10 9.30 -0.54
N ALA A 184 -6.64 9.65 -1.70
CA ALA A 184 -6.88 11.06 -2.00
C ALA A 184 -8.01 11.64 -1.18
N THR A 185 -8.85 10.78 -0.60
CA THR A 185 -9.96 11.27 0.19
C THR A 185 -9.45 11.77 1.54
N TRP A 186 -8.17 11.54 1.80
CA TRP A 186 -7.52 12.09 2.98
C TRP A 186 -6.84 13.42 2.67
N ARG A 187 -7.10 13.97 1.50
CA ARG A 187 -6.60 15.30 1.13
C ARG A 187 -7.76 16.25 0.94
N HIS A 188 -7.54 17.51 1.29
CA HIS A 188 -8.66 18.41 1.62
C HIS A 188 -9.68 18.56 0.50
N ASP A 189 -9.26 18.38 -0.75
CA ASP A 189 -10.14 18.61 -1.88
C ASP A 189 -10.46 17.32 -2.68
N GLY A 190 -10.05 16.17 -2.16
CA GLY A 190 -10.38 14.89 -2.75
C GLY A 190 -9.43 14.47 -3.86
N THR A 191 -8.52 15.36 -4.20
CA THR A 191 -7.56 15.13 -5.25
C THR A 191 -6.15 15.02 -4.68
N PRO A 192 -5.22 14.40 -5.44
CA PRO A 192 -3.82 14.26 -5.01
C PRO A 192 -3.12 15.59 -4.82
N ALA A 193 -3.72 16.66 -5.30
CA ALA A 193 -3.12 17.98 -5.21
C ALA A 193 -3.61 18.68 -3.95
N GLY A 194 -4.33 17.94 -3.13
CA GLY A 194 -4.90 18.50 -1.92
C GLY A 194 -3.94 18.54 -0.76
N ILE A 195 -4.30 19.29 0.28
CA ILE A 195 -3.60 19.25 1.55
C ILE A 195 -3.89 17.93 2.26
N ALA A 196 -2.83 17.23 2.68
CA ALA A 196 -2.97 15.88 3.23
C ALA A 196 -2.87 15.80 4.75
N ASP A 197 -3.64 14.88 5.33
CA ASP A 197 -3.57 14.55 6.75
C ASP A 197 -3.94 15.70 7.69
N LEU A 198 -4.74 16.65 7.21
CA LEU A 198 -5.29 17.69 8.08
C LEU A 198 -6.13 17.06 9.19
N VAL A 199 -6.92 16.08 8.78
CA VAL A 199 -7.76 15.28 9.66
C VAL A 199 -6.98 14.00 9.92
N GLY A 200 -6.74 13.73 11.20
CA GLY A 200 -6.12 12.49 11.64
C GLY A 200 -4.60 12.49 11.63
N ASN A 201 -4.03 11.31 11.80
CA ASN A 201 -2.59 11.12 11.96
C ASN A 201 -2.10 11.74 13.28
N VAL A 202 -1.72 13.01 13.26
CA VAL A 202 -1.37 13.71 14.48
C VAL A 202 -2.17 15.00 14.63
N TRP A 203 -2.44 15.41 15.87
CA TRP A 203 -2.98 16.75 16.12
C TRP A 203 -1.91 17.71 15.66
N GLU A 204 -2.27 18.96 15.37
CA GLU A 204 -1.25 19.93 14.95
C GLU A 204 -1.41 21.26 15.66
N TRP A 205 -0.32 21.73 16.28
CA TRP A 205 -0.26 23.06 16.89
C TRP A 205 -0.60 24.14 15.88
N VAL A 206 -1.44 25.09 16.24
CA VAL A 206 -1.67 26.25 15.37
C VAL A 206 -1.46 27.55 16.13
N ALA A 207 -0.99 28.57 15.42
CA ALA A 207 -0.66 29.84 16.04
C ALA A 207 -1.81 30.83 15.91
N GLY A 208 -1.89 31.78 16.83
CA GLY A 208 -2.88 32.83 16.71
C GLY A 208 -4.14 32.58 17.53
N LEU A 209 -4.08 31.55 18.37
CA LEU A 209 -5.20 31.24 19.23
C LEU A 209 -4.70 30.82 20.60
N ARG A 210 -5.44 31.17 21.64
CA ARG A 210 -4.99 30.91 23.00
C ARG A 210 -6.15 30.95 24.02
N LEU A 211 -6.02 30.19 25.11
CA LEU A 211 -6.94 30.31 26.23
C LEU A 211 -6.20 30.74 27.49
N VAL A 212 -6.74 31.75 28.17
CA VAL A 212 -6.25 32.16 29.48
C VAL A 212 -7.40 32.15 30.48
N GLY A 213 -7.42 31.14 31.34
CA GLY A 213 -8.48 30.99 32.33
C GLY A 213 -9.84 30.96 31.66
N GLY A 214 -9.90 30.32 30.49
CA GLY A 214 -11.13 30.20 29.74
C GLY A 214 -11.48 31.35 28.82
N GLU A 215 -10.81 32.50 28.96
CA GLU A 215 -11.03 33.62 28.04
C GLU A 215 -10.37 33.34 26.70
N ILE A 216 -11.13 33.51 25.63
CA ILE A 216 -10.66 33.24 24.28
C ILE A 216 -9.82 34.42 23.77
N GLN A 217 -8.60 34.14 23.33
CA GLN A 217 -7.72 35.19 22.83
C GLN A 217 -7.08 34.83 21.49
N ILE A 218 -6.90 35.85 20.64
CA ILE A 218 -6.31 35.63 19.32
C ILE A 218 -5.26 36.69 18.95
N ILE A 219 -4.39 36.31 18.01
CA ILE A 219 -3.56 37.28 17.29
C ILE A 219 -4.42 37.71 16.11
N PRO A 220 -4.67 39.02 15.98
CA PRO A 220 -5.61 39.53 14.98
C PRO A 220 -5.27 39.13 13.55
N ASP A 221 -6.29 38.98 12.71
CA ASP A 221 -6.13 38.60 11.31
C ASP A 221 -5.21 37.39 11.16
N ASN A 222 -4.32 37.46 10.18
CA ASN A 222 -3.31 36.42 9.99
C ASN A 222 -1.94 36.93 10.45
N ASP A 223 -1.96 37.90 11.37
CA ASP A 223 -0.75 38.53 11.89
C ASP A 223 0.17 37.53 12.60
N ALA A 224 -0.36 36.33 12.85
CA ALA A 224 0.40 35.24 13.47
C ALA A 224 1.45 34.69 12.50
N ALA A 225 1.44 35.23 11.29
CA ALA A 225 2.31 34.79 10.21
C ALA A 225 3.72 35.39 10.29
N PHE A 226 3.82 36.61 10.83
CA PHE A 226 5.12 37.26 11.02
C PHE A 226 6.06 36.45 11.92
N ALA A 227 7.35 36.50 11.62
CA ALA A 227 8.35 35.78 12.42
C ALA A 227 8.68 36.61 13.67
N SER A 228 8.11 37.81 13.71
CA SER A 228 8.40 38.79 14.75
C SER A 228 7.32 38.92 15.83
N THR A 229 6.14 38.36 15.59
CA THR A 229 5.03 38.58 16.53
C THR A 229 5.17 37.74 17.80
N ASP A 230 5.03 38.41 18.95
CA ASP A 230 5.25 37.77 20.23
C ASP A 230 4.05 36.90 20.58
N MSE A 231 4.24 35.57 20.57
CA MSE A 231 3.16 34.69 20.99
C MSE A 231 3.51 33.94 22.26
O MSE A 231 2.95 32.89 22.52
CB MSE A 231 2.78 33.73 19.87
CG MSE A 231 1.87 34.40 18.84
SE MSE A 231 1.47 33.40 17.20
CE MSE A 231 3.28 33.04 16.54
N SER A 232 4.44 34.50 23.05
CA SER A 232 4.68 34.01 24.40
C SER A 232 3.49 34.37 25.29
N ALA A 233 3.50 33.87 26.52
CA ALA A 233 2.40 34.12 27.45
C ALA A 233 2.22 35.61 27.76
N SER A 234 3.34 36.33 27.88
CA SER A 234 3.34 37.72 28.35
C SER A 234 3.01 38.76 27.28
N SER A 235 2.86 38.32 26.03
CA SER A 235 2.70 39.22 24.89
C SER A 235 1.47 40.15 24.97
N PRO A 236 1.67 41.43 24.62
CA PRO A 236 0.61 42.44 24.57
C PRO A 236 -0.18 42.37 23.27
N LEU A 237 0.21 41.42 22.42
CA LEU A 237 -0.45 41.25 21.12
C LEU A 237 -1.80 40.53 21.20
N TRP A 238 -1.97 39.64 22.18
CA TRP A 238 -3.23 38.88 22.35
C TRP A 238 -4.43 39.77 22.62
N LYS A 239 -5.53 39.52 21.89
CA LYS A 239 -6.76 40.26 22.11
C LYS A 239 -7.92 39.31 22.38
N ALA A 240 -8.90 39.78 23.16
CA ALA A 240 -10.11 39.00 23.45
C ALA A 240 -11.28 39.54 22.64
N ILE A 241 -12.44 38.89 22.76
CA ILE A 241 -13.58 39.23 21.91
C ILE A 241 -14.83 39.56 22.75
N ARG A 242 -15.55 40.61 22.36
CA ARG A 242 -16.48 41.29 23.26
C ARG A 242 -17.89 40.69 23.34
N ALA A 243 -18.19 39.71 22.49
CA ALA A 243 -19.44 38.96 22.59
C ALA A 243 -20.70 39.74 22.18
N SER A 244 -20.86 40.96 22.67
CA SER A 244 -22.00 41.79 22.29
C SER A 244 -21.84 42.34 20.86
N ASP A 245 -20.65 42.83 20.52
CA ASP A 245 -20.39 43.37 19.18
C ASP A 245 -19.19 42.71 18.52
N GLY A 246 -18.57 41.75 19.21
CA GLY A 246 -17.46 41.01 18.64
C GLY A 246 -16.21 41.79 18.32
N ALA A 247 -16.06 42.97 18.92
CA ALA A 247 -14.87 43.79 18.74
C ALA A 247 -13.65 43.23 19.49
N LEU A 248 -12.45 43.44 18.95
CA LEU A 248 -11.23 43.01 19.62
C LEU A 248 -10.92 43.97 20.76
N VAL A 249 -10.74 43.43 21.97
CA VAL A 249 -10.55 44.29 23.14
C VAL A 249 -9.44 43.74 24.02
N SER A 250 -9.09 44.51 25.04
CA SER A 250 -8.00 44.13 25.92
C SER A 250 -8.43 42.97 26.83
N PRO A 251 -7.52 41.98 27.03
CA PRO A 251 -7.77 40.86 27.93
C PRO A 251 -8.19 41.32 29.34
N GLY A 252 -9.21 40.66 29.90
CA GLY A 252 -9.72 41.02 31.21
C GLY A 252 -10.90 41.97 31.18
N THR A 253 -11.16 42.56 30.01
CA THR A 253 -12.31 43.45 29.83
C THR A 253 -13.63 42.73 30.17
N SER A 254 -14.69 43.49 30.38
CA SER A 254 -15.90 42.96 31.00
C SER A 254 -16.61 41.86 30.19
N GLY A 255 -17.06 42.19 28.98
CA GLY A 255 -17.93 41.28 28.23
C GLY A 255 -17.29 40.26 27.30
N THR A 256 -16.09 39.80 27.62
CA THR A 256 -15.31 38.92 26.72
C THR A 256 -15.81 37.47 26.72
N LEU A 257 -15.73 36.84 25.54
CA LEU A 257 -16.18 35.45 25.37
C LEU A 257 -15.20 34.43 25.94
N LYS A 258 -15.76 33.43 26.61
CA LYS A 258 -14.96 32.43 27.28
C LYS A 258 -15.56 31.03 27.10
N TYR A 259 -14.68 30.04 27.04
CA TYR A 259 -15.12 28.66 27.08
C TYR A 259 -15.30 28.26 28.55
N ASP A 260 -16.43 27.65 28.88
CA ASP A 260 -16.73 27.32 30.25
C ASP A 260 -17.30 25.91 30.37
N ILE A 261 -17.17 25.32 31.54
CA ILE A 261 -17.85 24.06 31.82
C ILE A 261 -19.33 24.34 31.90
N ASN A 262 -20.16 23.30 31.84
CA ASN A 262 -21.61 23.47 31.78
C ASN A 262 -22.19 24.14 33.02
N PRO A 263 -23.15 25.06 32.83
CA PRO A 263 -23.85 25.72 33.95
C PRO A 263 -24.46 24.72 34.92
N ASN A 264 -24.90 23.58 34.40
CA ASN A 264 -25.54 22.56 35.21
C ASN A 264 -24.55 21.60 35.86
N LYS A 265 -23.26 21.92 35.81
CA LYS A 265 -22.24 21.11 36.50
C LYS A 265 -21.20 21.98 37.22
N SER A 266 -20.34 21.34 38.01
CA SER A 266 -19.38 22.07 38.85
C SER A 266 -18.07 21.31 39.05
N TYR A 267 -16.99 22.06 39.23
CA TYR A 267 -15.67 21.47 39.37
C TYR A 267 -15.59 20.62 40.64
N SER A 268 -15.10 19.39 40.50
CA SER A 268 -14.91 18.49 41.64
C SER A 268 -13.43 18.31 41.95
N ASN A 269 -12.93 18.91 43.03
CA ASN A 269 -11.52 18.78 43.34
C ASN A 269 -11.16 17.43 43.94
N ASP A 270 -11.46 16.35 43.21
CA ASP A 270 -11.24 14.99 43.70
C ASP A 270 -10.01 14.33 43.09
N ASN A 271 -9.11 15.14 42.53
CA ASN A 271 -7.92 14.66 41.81
C ASN A 271 -8.27 13.54 40.85
N THR A 272 -9.41 13.71 40.18
CA THR A 272 -9.96 12.74 39.24
C THR A 272 -10.57 13.50 38.07
N ILE A 273 -10.22 13.10 36.86
CA ILE A 273 -10.65 13.86 35.68
C ILE A 273 -12.07 13.54 35.24
N GLN A 274 -12.88 14.58 35.13
CA GLN A 274 -14.24 14.47 34.63
C GLN A 274 -14.49 15.45 33.46
N ASP A 275 -15.22 15.00 32.45
CA ASP A 275 -15.69 15.89 31.39
C ASP A 275 -16.94 16.58 31.91
N LEU A 276 -16.87 17.88 32.16
CA LEU A 276 -17.98 18.53 32.85
C LEU A 276 -18.97 19.19 31.91
N GLY A 277 -19.75 18.35 31.24
CA GLY A 277 -20.99 18.76 30.62
C GLY A 277 -20.69 19.46 29.32
N PRO A 278 -21.71 19.60 28.47
CA PRO A 278 -21.52 20.23 27.14
C PRO A 278 -20.85 21.59 27.27
N LEU A 279 -19.70 21.76 26.62
CA LEU A 279 -18.93 22.99 26.66
C LEU A 279 -19.79 24.19 26.33
N THR A 280 -19.65 25.26 27.12
CA THR A 280 -20.53 26.41 26.95
C THR A 280 -19.73 27.65 26.61
N LEU A 281 -20.31 28.47 25.75
CA LEU A 281 -19.71 29.73 25.37
C LEU A 281 -20.57 30.88 25.89
N HIS A 282 -20.12 31.50 26.98
CA HIS A 282 -20.71 32.76 27.40
C HIS A 282 -19.61 33.69 27.94
N THR A 283 -20.01 34.71 28.69
CA THR A 283 -19.07 35.75 29.08
C THR A 283 -18.55 35.61 30.50
N THR A 284 -18.73 34.44 31.09
CA THR A 284 -18.30 34.23 32.46
C THR A 284 -17.58 32.90 32.61
N THR A 285 -16.87 32.74 33.73
CA THR A 285 -16.11 31.53 34.01
C THR A 285 -16.36 31.10 35.44
N GLN A 286 -16.79 29.86 35.62
CA GLN A 286 -16.90 29.30 36.95
C GLN A 286 -15.53 29.23 37.62
N THR A 287 -15.46 29.70 38.85
CA THR A 287 -14.21 29.71 39.61
C THR A 287 -13.74 28.28 39.90
N PRO A 288 -12.56 27.91 39.37
CA PRO A 288 -11.99 26.58 39.66
C PRO A 288 -11.49 26.51 41.08
N PRO A 289 -11.36 25.29 41.62
CA PRO A 289 -10.71 25.06 42.91
C PRO A 289 -9.39 25.82 43.02
N ALA A 290 -9.02 26.22 44.24
CA ALA A 290 -7.86 27.07 44.43
C ALA A 290 -6.58 26.35 44.05
N GLY A 291 -5.69 27.07 43.35
CA GLY A 291 -4.39 26.55 43.01
C GLY A 291 -4.29 25.85 41.67
N TRP A 292 -5.42 25.78 40.95
CA TRP A 292 -5.45 25.22 39.59
C TRP A 292 -4.90 26.19 38.54
N ASP A 293 -3.84 25.78 37.85
CA ASP A 293 -3.23 26.62 36.81
C ASP A 293 -2.93 25.86 35.51
N SER A 294 -1.96 26.37 34.76
CA SER A 294 -1.57 25.79 33.47
C SER A 294 -0.92 24.42 33.61
N ASN A 295 -0.56 24.04 34.82
CA ASN A 295 0.10 22.76 35.02
C ASN A 295 -0.82 21.76 35.67
N THR A 296 -2.07 22.19 35.90
CA THR A 296 -3.14 21.33 36.41
C THR A 296 -3.85 20.59 35.26
N TYR A 297 -3.82 19.27 35.33
CA TYR A 297 -4.48 18.44 34.33
C TYR A 297 -5.68 17.71 34.91
N GLN A 298 -6.78 18.43 35.08
CA GLN A 298 -7.97 17.89 35.73
C GLN A 298 -9.22 18.12 34.89
N ASP A 299 -10.33 18.40 35.56
CA ASP A 299 -11.65 18.49 34.93
C ASP A 299 -11.66 19.45 33.74
N TYR A 300 -12.41 19.10 32.71
CA TYR A 300 -12.52 19.93 31.51
C TYR A 300 -13.95 19.89 31.00
N ALA A 301 -14.16 20.41 29.80
CA ALA A 301 -15.47 20.35 29.17
C ALA A 301 -15.31 20.24 27.66
N SER A 302 -16.07 19.31 27.07
CA SER A 302 -16.01 19.05 25.64
C SER A 302 -17.40 19.11 25.05
N ALA A 303 -17.48 18.96 23.72
CA ALA A 303 -18.76 18.98 23.03
C ALA A 303 -18.49 18.77 21.56
N LEU A 304 -19.37 18.09 20.82
CA LEU A 304 -19.21 18.09 19.37
C LEU A 304 -19.32 19.53 18.91
N TYR A 305 -18.49 19.89 17.93
CA TYR A 305 -18.45 21.25 17.43
C TYR A 305 -19.84 21.78 17.09
N LYS A 306 -20.68 20.94 16.50
CA LYS A 306 -22.02 21.37 16.10
C LYS A 306 -22.89 21.64 17.32
N ASP A 307 -22.50 21.03 18.44
CA ASP A 307 -23.29 21.00 19.66
C ASP A 307 -22.80 21.97 20.76
N LEU A 308 -21.87 22.86 20.42
CA LEU A 308 -21.37 23.86 21.39
C LEU A 308 -22.52 24.67 21.97
N VAL A 309 -22.55 24.80 23.29
CA VAL A 309 -23.68 25.48 23.94
C VAL A 309 -23.49 26.98 23.99
N VAL A 310 -24.36 27.70 23.30
CA VAL A 310 -24.35 29.16 23.32
C VAL A 310 -25.14 29.70 24.53
N GLY A 311 -24.49 30.58 25.31
CA GLY A 311 -25.07 31.17 26.50
C GLY A 311 -26.40 31.86 26.25
N THR A 312 -27.24 31.92 27.29
CA THR A 312 -28.65 32.29 27.12
C THR A 312 -28.81 33.71 26.54
N GLY A 313 -27.94 34.62 26.93
CA GLY A 313 -28.03 35.98 26.41
C GLY A 313 -27.27 36.23 25.13
N ILE A 314 -26.37 35.31 24.77
CA ILE A 314 -25.30 35.58 23.79
C ILE A 314 -25.64 35.34 22.34
N THR A 315 -25.29 36.31 21.48
CA THR A 315 -25.28 36.11 20.04
C THR A 315 -23.84 35.96 19.62
N VAL A 316 -23.48 34.75 19.19
CA VAL A 316 -22.11 34.45 18.78
C VAL A 316 -21.70 35.31 17.58
N PRO A 317 -20.66 36.14 17.77
CA PRO A 317 -20.13 37.04 16.74
C PRO A 317 -19.63 36.26 15.55
N ASN A 318 -19.80 36.82 14.35
CA ASN A 318 -19.37 36.13 13.14
C ASN A 318 -17.87 35.82 13.18
N LEU A 319 -17.11 36.69 13.85
CA LEU A 319 -15.66 36.57 13.95
C LEU A 319 -15.24 35.19 14.45
N LEU A 320 -16.01 34.66 15.39
CA LEU A 320 -15.70 33.34 15.97
C LEU A 320 -15.98 32.23 14.97
N LYS A 321 -17.05 32.38 14.19
CA LYS A 321 -17.41 31.39 13.19
C LYS A 321 -16.30 31.33 12.16
N VAL A 322 -15.86 32.49 11.70
CA VAL A 322 -14.81 32.60 10.70
C VAL A 322 -13.45 32.01 11.15
N LEU A 323 -13.19 32.02 12.45
CA LEU A 323 -11.92 31.48 12.94
C LEU A 323 -12.11 30.06 13.47
N MSE A 324 -13.27 29.48 13.18
CA MSE A 324 -13.63 28.11 13.57
C MSE A 324 -13.59 27.87 15.09
O MSE A 324 -13.01 26.89 15.55
CB MSE A 324 -12.72 27.12 12.86
CG MSE A 324 -12.94 27.04 11.37
SE MSE A 324 -14.51 25.99 10.88
CE MSE A 324 -14.13 24.44 12.03
N LEU A 325 -14.23 28.77 15.84
CA LEU A 325 -14.25 28.71 17.30
C LEU A 325 -15.68 28.49 17.79
N ALA A 326 -16.62 28.67 16.87
CA ALA A 326 -18.01 28.38 17.12
C ALA A 326 -18.66 27.99 15.79
N PRO A 327 -19.54 26.98 15.84
CA PRO A 327 -20.07 26.36 14.62
C PRO A 327 -20.96 27.33 13.86
N HIS A 328 -21.05 27.18 12.53
CA HIS A 328 -21.95 28.01 11.74
C HIS A 328 -23.05 27.20 11.08
N THR A 329 -23.04 25.87 11.21
CA THR A 329 -23.97 25.06 10.42
C THR A 329 -24.69 23.88 11.05
N THR A 330 -24.06 23.16 11.97
CA THR A 330 -24.65 21.91 12.54
C THR A 330 -24.85 20.78 11.52
N SER A 331 -24.44 20.99 10.28
CA SER A 331 -24.36 19.91 9.31
C SER A 331 -23.07 19.12 9.56
N ILE A 332 -22.23 19.63 10.46
CA ILE A 332 -20.94 19.04 10.81
C ILE A 332 -21.06 18.07 11.99
N THR A 333 -20.88 16.77 11.73
CA THR A 333 -21.16 15.71 12.71
C THR A 333 -19.88 15.09 13.29
N LYS A 334 -18.73 15.66 12.94
CA LYS A 334 -17.41 15.22 13.42
C LYS A 334 -16.63 16.39 13.97
N GLY A 335 -15.57 16.10 14.70
CA GLY A 335 -14.76 17.15 15.24
C GLY A 335 -15.29 17.60 16.58
N ARG A 336 -14.53 17.31 17.62
CA ARG A 336 -14.92 17.63 18.97
C ARG A 336 -14.11 18.81 19.49
N LEU A 337 -14.76 19.65 20.29
CA LEU A 337 -14.14 20.81 20.87
C LEU A 337 -13.81 20.56 22.37
N TYR A 338 -12.56 20.76 22.77
CA TYR A 338 -12.16 20.57 24.18
C TYR A 338 -11.61 21.87 24.79
N ALA A 339 -11.89 22.12 26.08
CA ALA A 339 -11.38 23.32 26.74
C ALA A 339 -11.25 23.20 28.27
N ARG A 340 -10.10 23.59 28.81
CA ARG A 340 -9.87 23.78 30.25
C ARG A 340 -9.87 25.26 30.64
N PRO A 341 -10.93 25.72 31.30
CA PRO A 341 -11.07 27.15 31.63
C PRO A 341 -10.16 27.63 32.77
N TYR A 342 -8.98 27.03 32.93
CA TYR A 342 -8.02 27.49 33.91
C TYR A 342 -6.58 27.34 33.38
N GLY A 343 -5.77 28.39 33.55
CA GLY A 343 -4.41 28.38 33.06
C GLY A 343 -4.27 28.78 31.60
N GLU A 344 -3.05 28.74 31.07
CA GLU A 344 -2.84 29.04 29.66
C GLU A 344 -2.85 27.77 28.81
N ARG A 345 -3.72 27.78 27.81
CA ARG A 345 -3.87 26.66 26.91
C ARG A 345 -3.59 27.10 25.46
N LEU A 346 -2.82 26.28 24.74
CA LEU A 346 -2.54 26.53 23.33
C LEU A 346 -3.24 25.47 22.48
N PRO A 347 -3.70 25.85 21.27
CA PRO A 347 -4.58 24.96 20.51
C PRO A 347 -3.85 23.95 19.64
N ILE A 348 -4.38 22.74 19.60
CA ILE A 348 -3.98 21.76 18.60
C ILE A 348 -5.24 21.34 17.85
N ARG A 349 -5.12 21.18 16.53
CA ARG A 349 -6.30 20.95 15.70
C ARG A 349 -6.20 19.65 14.89
N GLY A 350 -7.36 19.20 14.39
CA GLY A 350 -7.45 18.11 13.43
C GLY A 350 -7.68 16.68 13.92
N GLY A 351 -7.25 16.37 15.13
CA GLY A 351 -7.37 15.03 15.70
C GLY A 351 -6.31 14.05 15.19
N ASP A 352 -6.08 12.97 15.92
CA ASP A 352 -5.07 11.97 15.53
C ASP A 352 -5.62 10.55 15.34
N TRP A 353 -4.70 9.60 15.28
CA TRP A 353 -5.01 8.23 14.92
C TRP A 353 -5.95 7.51 15.91
N GLY A 354 -6.00 8.03 17.13
CA GLY A 354 -6.72 7.36 18.18
C GLY A 354 -8.06 7.99 18.50
N ASN A 355 -8.27 9.21 18.04
CA ASN A 355 -9.56 9.87 18.21
C ASN A 355 -10.47 9.11 17.26
N GLY A 356 -11.57 9.67 16.81
CA GLY A 356 -12.39 8.86 15.95
C GLY A 356 -13.20 9.84 15.18
N GLY A 357 -14.49 9.96 15.49
CA GLY A 357 -15.27 11.07 14.97
C GLY A 357 -14.89 12.35 15.72
N VAL A 358 -14.02 12.21 16.71
CA VAL A 358 -13.45 13.35 17.40
C VAL A 358 -12.55 14.14 16.41
N ALA A 359 -11.87 13.40 15.55
CA ALA A 359 -11.05 14.04 14.56
C ALA A 359 -11.93 14.70 13.51
N GLY A 360 -11.36 15.62 12.74
CA GLY A 360 -12.10 16.29 11.69
C GLY A 360 -11.66 17.73 11.54
N LEU A 361 -12.16 18.40 10.50
CA LEU A 361 -11.77 19.78 10.21
C LEU A 361 -12.06 20.70 11.37
N ALA A 362 -13.08 20.36 12.16
CA ALA A 362 -13.57 21.21 13.23
C ALA A 362 -12.99 20.86 14.60
N ALA A 363 -12.24 19.76 14.69
CA ALA A 363 -11.58 19.31 15.91
C ALA A 363 -10.56 20.31 16.50
N LEU A 364 -10.80 20.70 17.75
CA LEU A 364 -9.98 21.68 18.46
C LEU A 364 -9.75 21.31 19.92
N TYR A 365 -8.50 21.13 20.31
CA TYR A 365 -8.17 20.60 21.63
C TYR A 365 -7.33 21.59 22.44
N LEU A 366 -8.01 22.25 23.37
CA LEU A 366 -7.42 23.28 24.21
C LEU A 366 -7.30 22.83 25.67
N LEU A 367 -6.83 21.60 25.89
CA LEU A 367 -6.64 21.11 27.25
C LEU A 367 -5.19 21.22 27.69
N ASN A 368 -4.27 21.41 26.76
CA ASN A 368 -2.84 21.44 27.07
C ASN A 368 -2.23 22.84 27.11
N PRO A 369 -1.15 22.98 27.90
CA PRO A 369 -0.28 24.16 27.97
C PRO A 369 0.80 24.14 26.90
N ARG A 370 1.41 25.28 26.59
CA ARG A 370 2.39 25.36 25.51
C ARG A 370 3.58 24.44 25.72
N GLY A 371 3.73 23.90 26.92
CA GLY A 371 4.89 23.09 27.22
C GLY A 371 4.70 21.62 26.92
N SER A 372 3.45 21.23 26.69
CA SER A 372 3.11 19.82 26.52
C SER A 372 3.74 19.23 25.26
N ARG A 373 4.33 18.04 25.43
CA ARG A 373 4.89 17.26 24.33
C ARG A 373 4.21 15.91 24.32
N ARG A 374 3.57 15.56 23.21
CA ARG A 374 2.85 14.29 23.12
C ARG A 374 3.19 13.58 21.84
N TRP A 375 3.10 12.25 21.81
CA TRP A 375 3.45 11.50 20.60
C TRP A 375 2.40 11.58 19.49
N GLY A 376 1.22 12.11 19.80
CA GLY A 376 0.18 12.24 18.79
C GLY A 376 -0.11 13.69 18.41
N VAL A 377 0.81 14.58 18.79
CA VAL A 377 0.70 16.01 18.46
C VAL A 377 1.96 16.54 17.75
N GLY A 378 1.75 17.24 16.65
CA GLY A 378 2.84 17.77 15.86
C GLY A 378 2.50 19.12 15.28
N ALA A 379 3.03 19.40 14.10
CA ALA A 379 2.85 20.70 13.47
C ALA A 379 3.15 20.64 11.99
N ARG A 380 2.78 21.68 11.27
CA ARG A 380 3.14 21.78 9.85
C ARG A 380 3.36 23.24 9.45
N PRO A 381 4.28 23.48 8.51
CA PRO A 381 4.64 24.83 8.05
C PRO A 381 3.66 25.39 7.02
N ALA A 382 3.62 26.71 6.93
CA ALA A 382 2.91 27.42 5.87
C ALA A 382 3.78 28.58 5.43
N PHE A 383 3.38 29.22 4.33
CA PHE A 383 4.18 30.27 3.72
C PHE A 383 3.29 31.35 3.12
N VAL A 384 3.68 32.60 3.30
CA VAL A 384 2.96 33.72 2.69
C VAL A 384 3.98 34.68 2.07
N LEU A 385 3.65 35.22 0.89
CA LEU A 385 4.50 36.07 0.05
C LEU A 385 5.41 35.25 -0.86
N MSE B 5 -14.45 -23.38 27.74
CA MSE B 5 -15.30 -23.31 26.55
C MSE B 5 -14.50 -23.58 25.25
O MSE B 5 -13.33 -23.21 25.13
CB MSE B 5 -16.00 -21.96 26.49
CG MSE B 5 -15.16 -20.81 27.02
SE MSE B 5 -14.56 -19.59 25.63
CE MSE B 5 -12.74 -19.23 26.27
N ILE B 6 -15.17 -24.22 24.28
CA ILE B 6 -14.46 -24.81 23.14
C ILE B 6 -13.74 -23.80 22.25
N PHE B 7 -13.89 -22.50 22.53
CA PHE B 7 -13.30 -21.45 21.68
C PHE B 7 -11.88 -21.03 22.10
N SER B 8 -11.01 -21.00 21.12
CA SER B 8 -9.68 -20.46 21.30
C SER B 8 -9.41 -19.55 20.13
N VAL B 9 -8.80 -18.42 20.41
CA VAL B 9 -8.43 -17.53 19.35
C VAL B 9 -7.47 -18.22 18.36
N LYS B 10 -6.49 -18.96 18.86
CA LYS B 10 -5.57 -19.65 17.95
C LYS B 10 -6.34 -20.62 17.04
N ASP B 11 -7.40 -21.23 17.54
CA ASP B 11 -8.14 -22.20 16.74
C ASP B 11 -9.05 -21.55 15.73
N SER B 12 -9.65 -20.41 16.07
CA SER B 12 -10.52 -19.71 15.11
C SER B 12 -9.72 -19.14 13.94
N LEU B 13 -8.51 -18.68 14.24
CA LEU B 13 -7.58 -18.22 13.24
C LEU B 13 -7.33 -19.29 12.22
N ARG B 14 -7.04 -20.49 12.71
CA ARG B 14 -6.88 -21.67 11.88
C ARG B 14 -8.06 -21.91 10.97
N GLN B 15 -9.24 -21.89 11.57
CA GLN B 15 -10.45 -22.15 10.83
C GLN B 15 -10.65 -21.08 9.78
N ALA B 16 -10.37 -19.83 10.16
CA ALA B 16 -10.52 -18.70 9.26
C ALA B 16 -9.59 -18.83 8.08
N VAL B 17 -8.34 -19.20 8.35
CA VAL B 17 -7.37 -19.40 7.29
C VAL B 17 -7.82 -20.55 6.38
N GLU B 18 -8.31 -21.63 6.96
CA GLU B 18 -8.77 -22.75 6.16
C GLU B 18 -9.97 -22.38 5.29
N ALA B 19 -10.93 -21.69 5.91
CA ALA B 19 -12.14 -21.28 5.21
C ALA B 19 -11.78 -20.41 4.05
N ALA B 20 -11.02 -19.37 4.32
CA ALA B 20 -10.63 -18.39 3.31
C ALA B 20 -9.89 -18.99 2.13
N SER B 21 -9.31 -20.17 2.32
CA SER B 21 -8.46 -20.78 1.30
C SER B 21 -9.05 -22.07 0.75
N GLY B 22 -10.33 -22.29 1.02
CA GLY B 22 -10.99 -23.50 0.56
C GLY B 22 -10.31 -24.73 1.12
N GLY B 23 -9.65 -24.57 2.26
CA GLY B 23 -8.95 -25.69 2.86
C GLY B 23 -7.53 -25.95 2.36
N LEU B 24 -7.04 -25.08 1.47
CA LEU B 24 -5.71 -25.27 0.90
C LEU B 24 -4.62 -24.87 1.88
N CYS B 25 -4.92 -23.90 2.73
CA CYS B 25 -3.97 -23.45 3.73
C CYS B 25 -4.53 -23.74 5.10
N THR B 26 -3.64 -23.84 6.07
CA THR B 26 -4.06 -23.98 7.43
C THR B 26 -3.06 -23.30 8.35
N VAL B 27 -3.30 -23.42 9.64
CA VAL B 27 -2.34 -22.95 10.61
C VAL B 27 -2.03 -24.10 11.55
N MSE B 28 -0.79 -24.55 11.55
CA MSE B 28 -0.37 -25.54 12.53
C MSE B 28 0.38 -24.82 13.66
O MSE B 28 0.91 -23.72 13.48
CB MSE B 28 0.51 -26.61 11.90
CG MSE B 28 -0.04 -27.16 10.60
SE MSE B 28 0.77 -28.88 10.20
CE MSE B 28 -0.14 -29.23 8.47
N TYR B 29 0.37 -25.40 14.86
CA TYR B 29 1.01 -24.69 15.95
C TYR B 29 2.24 -25.44 16.49
N THR B 30 3.28 -24.68 16.80
CA THR B 30 4.56 -25.26 17.17
C THR B 30 4.55 -25.79 18.59
N LYS B 31 5.56 -26.57 18.93
CA LYS B 31 5.79 -27.03 20.29
C LYS B 31 5.56 -25.89 21.30
N LYS B 32 5.97 -24.67 20.95
CA LYS B 32 5.81 -23.51 21.81
C LYS B 32 4.53 -22.76 21.52
N GLY B 33 3.63 -23.40 20.76
CA GLY B 33 2.29 -22.88 20.51
C GLY B 33 2.21 -21.65 19.63
N GLN B 34 3.17 -21.53 18.71
CA GLN B 34 3.21 -20.41 17.80
C GLN B 34 2.66 -20.82 16.43
N PRO B 35 2.10 -19.86 15.70
CA PRO B 35 1.42 -20.12 14.43
C PRO B 35 2.39 -20.28 13.26
N VAL B 36 2.13 -21.28 12.42
CA VAL B 36 2.83 -21.49 11.17
C VAL B 36 1.81 -21.65 10.04
N PHE B 37 1.66 -20.62 9.22
CA PHE B 37 0.79 -20.69 8.05
C PHE B 37 1.37 -21.59 6.96
N LEU B 38 0.60 -22.57 6.51
CA LEU B 38 1.07 -23.54 5.54
C LEU B 38 0.10 -23.73 4.36
N ARG B 39 0.64 -24.01 3.18
CA ARG B 39 -0.15 -24.29 1.98
C ARG B 39 0.16 -25.68 1.54
N ARG B 40 -0.87 -26.48 1.26
CA ARG B 40 -0.65 -27.87 0.86
C ARG B 40 -0.46 -28.02 -0.64
N ILE B 41 0.48 -28.90 -0.98
CA ILE B 41 0.78 -29.32 -2.32
C ILE B 41 0.76 -30.83 -2.37
N PRO B 42 -0.23 -31.40 -3.04
CA PRO B 42 -0.42 -32.86 -3.10
C PRO B 42 0.56 -33.57 -4.03
N ARG B 43 0.85 -34.82 -3.71
CA ARG B 43 1.77 -35.64 -4.49
C ARG B 43 1.44 -35.62 -5.97
N PHE B 44 2.47 -35.48 -6.79
CA PHE B 44 2.28 -35.63 -8.22
C PHE B 44 3.42 -36.50 -8.76
N ASN B 45 3.28 -36.94 -10.00
CA ASN B 45 4.29 -37.77 -10.64
C ASN B 45 5.08 -36.99 -11.66
N LEU B 46 6.32 -37.42 -11.93
CA LEU B 46 7.18 -36.69 -12.84
C LEU B 46 6.51 -36.54 -14.22
N GLU B 47 5.84 -37.60 -14.66
CA GLU B 47 5.22 -37.60 -15.98
C GLU B 47 4.10 -36.58 -16.06
N ASP B 48 3.59 -36.14 -14.92
CA ASP B 48 2.53 -35.12 -14.88
C ASP B 48 3.15 -33.79 -15.24
N ILE B 49 4.46 -33.69 -15.08
CA ILE B 49 5.22 -32.50 -15.46
C ILE B 49 5.70 -32.58 -16.91
N ASP B 50 6.34 -33.70 -17.26
CA ASP B 50 6.88 -33.97 -18.60
C ASP B 50 7.39 -35.40 -18.63
N PRO B 51 6.78 -36.26 -19.45
CA PRO B 51 7.04 -37.70 -19.42
C PRO B 51 8.51 -38.05 -19.61
N SER B 52 9.28 -37.09 -20.14
CA SER B 52 10.70 -37.28 -20.38
C SER B 52 11.60 -37.08 -19.17
N LEU B 53 11.00 -36.78 -18.01
CA LEU B 53 11.73 -36.65 -16.76
C LEU B 53 11.69 -37.97 -15.99
N GLY B 54 10.94 -38.91 -16.52
CA GLY B 54 10.81 -40.20 -15.87
C GLY B 54 9.43 -40.49 -15.30
N THR B 55 9.38 -41.35 -14.30
CA THR B 55 8.09 -41.70 -13.76
C THR B 55 8.14 -41.75 -12.25
N GLY B 56 6.99 -41.92 -11.62
CA GLY B 56 6.93 -42.05 -10.18
C GLY B 56 6.75 -40.71 -9.52
N PRO B 57 6.63 -40.72 -8.19
CA PRO B 57 6.43 -39.51 -7.41
C PRO B 57 7.62 -38.62 -7.53
N HIS B 58 7.40 -37.32 -7.51
CA HIS B 58 8.51 -36.39 -7.39
C HIS B 58 9.12 -36.56 -6.00
N PRO B 59 10.44 -36.44 -5.89
CA PRO B 59 11.19 -36.67 -4.65
C PRO B 59 10.63 -35.93 -3.42
N ALA B 60 9.99 -34.80 -3.60
CA ALA B 60 9.46 -34.09 -2.45
C ALA B 60 8.52 -34.96 -1.63
N PHE B 61 7.93 -35.96 -2.27
CA PHE B 61 6.86 -36.72 -1.63
C PHE B 61 7.33 -38.07 -1.15
N VAL B 62 8.64 -38.27 -1.15
CA VAL B 62 9.22 -39.53 -0.69
C VAL B 62 10.13 -39.30 0.52
N VAL B 63 9.70 -39.78 1.67
CA VAL B 63 10.44 -39.60 2.92
C VAL B 63 10.66 -40.93 3.61
N GLY B 64 11.92 -41.32 3.74
CA GLY B 64 12.22 -42.61 4.34
C GLY B 64 11.57 -43.76 3.58
N GLY B 65 11.68 -43.75 2.27
CA GLY B 65 11.15 -44.84 1.48
C GLY B 65 9.65 -44.78 1.30
N GLU B 66 8.98 -44.02 2.16
CA GLU B 66 7.51 -43.94 2.16
C GLU B 66 6.95 -42.79 1.32
N VAL B 67 5.93 -43.08 0.51
CA VAL B 67 5.29 -42.03 -0.29
C VAL B 67 4.21 -41.23 0.42
N LYS B 68 4.38 -39.91 0.48
CA LYS B 68 3.46 -39.05 1.23
C LYS B 68 2.34 -38.54 0.33
N SER B 69 1.18 -38.30 0.91
CA SER B 69 0.03 -37.78 0.17
C SER B 69 0.23 -36.33 -0.31
N GLU B 70 0.97 -35.56 0.48
CA GLU B 70 1.12 -34.16 0.24
C GLU B 70 2.25 -33.61 1.10
N ILE B 71 2.70 -32.40 0.79
CA ILE B 71 3.66 -31.71 1.62
C ILE B 71 3.08 -30.36 1.95
N TRP B 72 3.54 -29.76 3.04
CA TRP B 72 3.07 -28.45 3.46
C TRP B 72 4.19 -27.41 3.47
N ILE B 73 4.02 -26.36 2.68
CA ILE B 73 5.02 -25.30 2.59
C ILE B 73 4.59 -24.06 3.39
N GLY B 74 5.52 -23.45 4.10
CA GLY B 74 5.24 -22.18 4.76
C GLY B 74 4.73 -21.18 3.72
N GLN B 75 3.60 -20.55 4.00
CA GLN B 75 3.04 -19.66 3.03
C GLN B 75 3.90 -18.43 2.86
N PHE B 76 4.70 -18.13 3.87
CA PHE B 76 5.50 -16.91 3.85
C PHE B 76 6.96 -17.18 4.17
N PRO B 77 7.84 -16.23 3.82
CA PRO B 77 9.22 -16.33 4.32
C PRO B 77 9.19 -16.46 5.84
N GLY B 78 10.06 -17.31 6.37
CA GLY B 78 10.11 -17.56 7.80
C GLY B 78 10.51 -16.35 8.61
N ILE B 79 10.12 -16.38 9.88
CA ILE B 79 10.58 -15.42 10.89
C ILE B 79 11.00 -16.22 12.15
N VAL B 80 12.05 -15.76 12.83
CA VAL B 80 12.48 -16.47 14.03
C VAL B 80 11.82 -15.83 15.23
N SER B 81 10.96 -16.59 15.89
CA SER B 81 10.24 -16.11 17.07
C SER B 81 10.46 -17.12 18.17
N ASN B 82 10.91 -16.64 19.31
CA ASN B 82 11.49 -17.55 20.30
C ASN B 82 12.59 -18.38 19.69
N GLY B 83 12.44 -19.69 19.68
CA GLY B 83 13.55 -20.47 19.18
C GLY B 83 13.13 -21.19 17.95
N GLU B 84 12.04 -20.68 17.38
CA GLU B 84 11.37 -21.35 16.28
C GLU B 84 11.36 -20.52 15.01
N LEU B 85 11.51 -21.20 13.89
CA LEU B 85 11.36 -20.58 12.58
C LEU B 85 9.92 -20.77 12.11
N ILE B 86 9.10 -19.74 12.30
CA ILE B 86 7.69 -19.85 11.96
C ILE B 86 7.38 -19.11 10.68
N SER B 87 6.12 -19.21 10.24
CA SER B 87 5.74 -18.56 9.01
C SER B 87 4.42 -17.81 9.21
N VAL B 88 4.50 -16.49 9.27
CA VAL B 88 3.32 -15.64 9.41
C VAL B 88 3.36 -14.44 8.45
N PRO B 89 2.19 -13.87 8.17
CA PRO B 89 2.09 -12.72 7.27
C PRO B 89 2.29 -11.39 7.95
N GLY B 90 2.87 -10.44 7.21
CA GLY B 90 2.91 -9.06 7.64
C GLY B 90 4.10 -8.71 8.51
N VAL B 91 5.14 -9.53 8.43
CA VAL B 91 6.35 -9.32 9.21
C VAL B 91 7.57 -9.22 8.30
N ASP B 92 8.65 -8.72 8.88
CA ASP B 92 9.97 -8.63 8.24
C ASP B 92 10.64 -10.00 8.20
N PRO B 93 10.95 -10.51 7.01
CA PRO B 93 11.52 -11.85 6.89
C PRO B 93 12.78 -12.02 7.72
N ALA B 94 12.97 -13.17 8.34
CA ALA B 94 14.19 -13.39 9.10
C ALA B 94 15.35 -13.23 8.15
N ASN B 95 16.47 -12.72 8.67
CA ASN B 95 17.66 -12.61 7.87
C ASN B 95 18.90 -12.73 8.76
N THR B 96 20.08 -12.65 8.18
CA THR B 96 21.31 -12.68 8.96
C THR B 96 21.35 -13.90 9.88
N ILE B 97 21.01 -15.06 9.30
CA ILE B 97 21.15 -16.32 10.01
C ILE B 97 21.78 -17.29 9.03
N ASN B 98 22.64 -18.18 9.53
CA ASN B 98 23.36 -19.06 8.64
C ASN B 98 22.57 -20.33 8.46
N PHE B 99 23.13 -21.23 7.66
CA PHE B 99 22.45 -22.46 7.30
C PHE B 99 22.11 -23.32 8.49
N ASP B 100 23.07 -23.50 9.39
CA ASP B 100 22.83 -24.39 10.51
C ASP B 100 21.84 -23.78 11.49
N GLU B 101 21.90 -22.46 11.64
CA GLU B 101 20.92 -21.76 12.44
C GLU B 101 19.51 -21.90 11.85
N ALA B 102 19.39 -21.76 10.53
CA ALA B 102 18.08 -21.84 9.90
C ALA B 102 17.51 -23.22 10.12
N LEU B 103 18.32 -24.21 9.81
CA LEU B 103 17.95 -25.60 9.96
C LEU B 103 17.51 -25.87 11.37
N GLY B 104 18.18 -25.26 12.32
CA GLY B 104 17.91 -25.55 13.72
C GLY B 104 16.61 -24.96 14.17
N TYR B 105 16.44 -23.68 13.86
CA TYR B 105 15.25 -22.96 14.22
C TYR B 105 14.00 -23.57 13.59
N ALA B 106 14.13 -24.10 12.38
CA ALA B 106 12.99 -24.71 11.69
C ALA B 106 12.60 -25.97 12.41
N ARG B 107 13.59 -26.77 12.77
CA ARG B 107 13.31 -28.05 13.40
C ARG B 107 12.74 -27.93 14.81
N ALA B 108 13.17 -26.90 15.52
CA ALA B 108 12.78 -26.70 16.90
C ALA B 108 11.28 -26.74 17.12
N SER B 109 10.51 -26.50 16.07
CA SER B 109 9.07 -26.32 16.22
C SER B 109 8.41 -27.62 16.63
N GLY B 110 9.07 -28.72 16.28
CA GLY B 110 8.60 -30.05 16.64
C GLY B 110 8.55 -30.98 15.45
N PRO B 111 8.22 -32.25 15.69
CA PRO B 111 8.18 -33.27 14.65
C PRO B 111 7.34 -32.85 13.46
N GLY B 112 7.88 -33.04 12.27
CA GLY B 112 7.19 -32.65 11.05
C GLY B 112 7.78 -31.37 10.50
N PHE B 113 8.06 -30.42 11.38
CA PHE B 113 8.61 -29.15 10.94
C PHE B 113 10.07 -29.30 10.51
N HIS B 114 10.38 -28.69 9.37
CA HIS B 114 11.74 -28.73 8.87
C HIS B 114 12.06 -27.53 8.01
N LEU B 115 13.35 -27.31 7.78
CA LEU B 115 13.75 -26.28 6.84
C LEU B 115 13.32 -26.74 5.48
N MSE B 116 12.76 -25.84 4.68
CA MSE B 116 12.25 -26.24 3.39
C MSE B 116 13.38 -26.90 2.62
O MSE B 116 14.50 -26.41 2.58
CB MSE B 116 11.67 -25.04 2.64
CG MSE B 116 11.06 -25.37 1.29
SE MSE B 116 10.14 -23.83 0.52
CE MSE B 116 9.59 -24.63 -1.16
N THR B 117 13.10 -28.05 2.03
CA THR B 117 14.12 -28.80 1.32
C THR B 117 14.17 -28.44 -0.14
N ASN B 118 15.32 -28.69 -0.74
CA ASN B 118 15.51 -28.48 -2.15
C ASN B 118 14.56 -29.33 -2.97
N ALA B 119 14.29 -30.55 -2.54
CA ALA B 119 13.32 -31.39 -3.26
C ALA B 119 11.92 -30.78 -3.24
N GLU B 120 11.55 -30.19 -2.11
CA GLU B 120 10.26 -29.52 -2.02
C GLU B 120 10.22 -28.32 -2.94
N TRP B 121 11.25 -27.49 -2.88
CA TRP B 121 11.31 -26.33 -3.76
C TRP B 121 11.18 -26.74 -5.20
N ALA B 122 11.88 -27.80 -5.56
CA ALA B 122 11.88 -28.23 -6.96
C ALA B 122 10.48 -28.62 -7.37
N ALA B 123 9.81 -29.36 -6.49
CA ALA B 123 8.43 -29.77 -6.76
C ALA B 123 7.52 -28.55 -6.91
N VAL B 124 7.67 -27.57 -6.03
CA VAL B 124 6.79 -26.42 -6.14
C VAL B 124 7.02 -25.67 -7.43
N ALA B 125 8.29 -25.46 -7.79
CA ALA B 125 8.64 -24.71 -9.02
C ALA B 125 8.16 -25.44 -10.27
N LEU B 126 8.51 -26.73 -10.36
CA LEU B 126 8.12 -27.59 -11.46
C LEU B 126 6.59 -27.62 -11.63
N LEU B 127 5.87 -27.77 -10.53
CA LEU B 127 4.42 -27.77 -10.59
C LEU B 127 3.88 -26.42 -11.03
N THR B 128 4.44 -25.36 -10.46
CA THR B 128 4.03 -24.01 -10.84
C THR B 128 4.18 -23.81 -12.33
N TRP B 129 5.33 -24.24 -12.84
CA TRP B 129 5.62 -24.01 -14.24
C TRP B 129 4.65 -24.75 -15.17
N LYS B 130 4.36 -26.01 -14.88
CA LYS B 130 3.46 -26.79 -15.73
C LYS B 130 2.04 -26.29 -15.61
N SER B 131 1.59 -26.12 -14.38
CA SER B 131 0.18 -25.80 -14.15
C SER B 131 -0.21 -24.43 -14.68
N ARG B 132 0.75 -23.51 -14.72
CA ARG B 132 0.49 -22.14 -15.15
C ARG B 132 0.80 -21.95 -16.64
N GLY B 133 0.93 -23.04 -17.39
CA GLY B 133 1.07 -22.93 -18.83
C GLY B 133 2.30 -23.48 -19.53
N ALA B 134 3.23 -24.07 -18.78
CA ALA B 134 4.45 -24.64 -19.35
C ALA B 134 5.22 -23.64 -20.22
N GLY B 135 5.18 -22.38 -19.84
CA GLY B 135 5.89 -21.34 -20.55
C GLY B 135 7.10 -20.87 -19.79
N ASP B 136 7.05 -19.61 -19.38
CA ASP B 136 8.11 -19.00 -18.58
C ASP B 136 7.87 -19.26 -17.10
N ASP B 137 8.73 -18.70 -16.26
CA ASP B 137 8.54 -18.74 -14.83
C ASP B 137 7.40 -17.79 -14.55
N PRO B 138 6.27 -18.38 -14.15
CA PRO B 138 5.04 -17.65 -13.96
C PRO B 138 5.12 -16.52 -12.89
N VAL B 139 6.05 -16.65 -11.93
CA VAL B 139 5.93 -15.90 -10.68
C VAL B 139 6.73 -14.61 -10.58
N ARG B 140 6.12 -13.59 -9.97
CA ARG B 140 6.78 -12.32 -9.67
C ARG B 140 7.01 -12.10 -8.17
N GLY B 141 7.60 -10.96 -7.83
CA GLY B 141 7.92 -10.70 -6.44
C GLY B 141 8.75 -9.45 -6.21
N ASN B 142 9.17 -9.24 -4.97
CA ASN B 142 10.02 -8.10 -4.62
C ASN B 142 11.46 -8.27 -5.19
N THR B 143 11.65 -7.78 -6.41
CA THR B 143 12.93 -7.90 -7.11
C THR B 143 13.52 -6.56 -7.49
N GLN B 144 13.08 -5.48 -6.85
CA GLN B 144 13.62 -4.17 -7.12
C GLN B 144 13.34 -3.25 -5.94
N TRP B 145 13.93 -3.55 -4.80
CA TRP B 145 13.82 -2.68 -3.64
C TRP B 145 12.38 -2.33 -3.26
N GLY B 146 11.49 -3.31 -3.26
CA GLY B 146 10.14 -3.07 -2.81
C GLY B 146 9.10 -3.38 -3.86
N ARG B 147 9.50 -3.28 -5.12
CA ARG B 147 8.59 -3.54 -6.22
C ARG B 147 9.14 -4.61 -7.11
N SER B 148 8.36 -4.99 -8.12
CA SER B 148 8.83 -5.93 -9.15
C SER B 148 9.62 -5.23 -10.24
N HIS B 149 10.71 -5.83 -10.69
CA HIS B 149 11.46 -5.18 -11.76
C HIS B 149 10.66 -5.27 -13.08
N GLU B 150 9.88 -6.36 -13.24
CA GLU B 150 9.02 -6.55 -14.40
C GLU B 150 7.70 -5.78 -14.37
N ALA B 151 7.22 -5.49 -13.17
CA ALA B 151 5.88 -4.93 -13.00
C ALA B 151 5.93 -3.92 -11.90
N GLN B 152 6.47 -2.75 -12.23
CA GLN B 152 6.80 -1.78 -11.22
C GLN B 152 5.60 -1.24 -10.45
N TRP B 153 4.40 -1.49 -10.95
CA TRP B 153 3.23 -0.99 -10.25
C TRP B 153 2.94 -1.91 -9.07
N GLU B 154 3.57 -3.08 -9.07
CA GLU B 154 3.47 -4.05 -7.98
C GLU B 154 4.50 -3.82 -6.88
N ALA B 155 4.04 -3.52 -5.68
CA ALA B 155 4.95 -3.36 -4.56
C ALA B 155 4.41 -4.03 -3.32
N GLY B 156 5.27 -4.27 -2.35
CA GLY B 156 4.88 -4.75 -1.03
C GLY B 156 5.07 -3.60 -0.07
N THR B 157 5.06 -3.91 1.22
CA THR B 157 5.33 -2.89 2.24
C THR B 157 6.74 -3.02 2.75
N ARG B 158 7.56 -2.01 2.48
CA ARG B 158 8.97 -2.09 2.82
C ARG B 158 9.12 -1.99 4.32
N GLN B 159 9.95 -2.88 4.86
CA GLN B 159 10.25 -2.89 6.27
C GLN B 159 10.90 -1.57 6.67
N SER B 160 11.69 -1.01 5.76
CA SER B 160 12.43 0.22 6.04
C SER B 160 11.55 1.45 6.07
N GLY B 161 10.40 1.41 5.41
CA GLY B 161 9.54 2.57 5.34
C GLY B 161 9.82 3.45 4.14
N ASP B 162 10.81 3.07 3.36
CA ASP B 162 11.20 3.83 2.18
C ASP B 162 10.34 3.53 0.96
N ALA B 163 10.49 4.34 -0.08
CA ALA B 163 9.69 4.09 -1.28
C ALA B 163 10.14 2.86 -2.05
N PRO B 164 9.18 2.09 -2.54
CA PRO B 164 9.51 0.95 -3.40
C PRO B 164 10.36 1.40 -4.57
N GLY B 165 11.45 0.69 -4.82
CA GLY B 165 12.28 0.97 -5.98
C GLY B 165 13.50 1.80 -5.67
N GLU B 166 13.53 2.36 -4.46
CA GLU B 166 14.64 3.20 -3.98
C GLU B 166 15.77 2.36 -3.41
N ASP B 167 16.95 2.54 -3.97
CA ASP B 167 18.13 1.84 -3.52
C ASP B 167 18.61 2.54 -2.27
N THR B 168 18.45 1.90 -1.12
CA THR B 168 18.83 2.54 0.12
C THR B 168 20.02 1.82 0.74
N GLY B 169 20.68 0.99 -0.08
CA GLY B 169 21.84 0.24 0.36
C GLY B 169 22.86 1.08 1.12
N ALA B 170 23.15 2.27 0.60
CA ALA B 170 24.12 3.17 1.20
C ALA B 170 23.72 3.71 2.57
N GLN B 171 22.43 3.79 2.84
CA GLN B 171 22.01 4.28 4.14
C GLN B 171 21.89 3.11 5.12
N GLY B 172 22.21 1.92 4.64
CA GLY B 172 22.12 0.73 5.48
C GLY B 172 20.69 0.37 5.81
N ARG B 173 19.78 0.72 4.90
CA ARG B 173 18.38 0.38 5.05
C ARG B 173 18.02 -0.67 4.01
N SER B 174 17.45 -1.79 4.45
CA SER B 174 17.22 -2.92 3.54
C SER B 174 16.03 -2.72 2.61
N GLY B 175 15.94 -3.60 1.61
CA GLY B 175 14.83 -3.56 0.69
C GLY B 175 13.81 -4.65 0.95
N ARG B 176 13.83 -5.23 2.14
CA ARG B 176 12.90 -6.31 2.43
C ARG B 176 11.48 -5.73 2.55
N THR B 177 10.50 -6.54 2.17
CA THR B 177 9.11 -6.16 2.33
C THR B 177 8.44 -7.14 3.28
N LEU B 178 7.43 -6.69 4.03
CA LEU B 178 6.71 -7.57 4.95
C LEU B 178 6.15 -8.80 4.24
N THR B 179 6.25 -9.96 4.88
CA THR B 179 5.88 -11.21 4.23
C THR B 179 4.46 -11.16 3.68
N GLY B 180 4.31 -11.65 2.45
CA GLY B 180 3.01 -11.74 1.79
C GLY B 180 2.44 -10.38 1.38
N SER B 181 3.20 -9.34 1.63
CA SER B 181 2.74 -7.96 1.47
C SER B 181 2.50 -7.53 0.02
N GLY B 182 2.98 -8.33 -0.93
CA GLY B 182 2.78 -8.02 -2.34
C GLY B 182 1.43 -8.45 -2.86
N PRO B 183 1.19 -8.21 -4.15
CA PRO B 183 -0.03 -8.65 -4.83
C PRO B 183 -0.08 -10.16 -4.99
N ALA B 184 -1.18 -10.72 -5.48
CA ALA B 184 -1.30 -12.17 -5.57
C ALA B 184 -0.38 -12.76 -6.62
N THR B 185 0.17 -11.89 -7.46
CA THR B 185 1.06 -12.37 -8.51
C THR B 185 2.44 -12.67 -7.89
N TRP B 186 2.62 -12.30 -6.62
CA TRP B 186 3.82 -12.69 -5.87
C TRP B 186 3.58 -13.99 -5.11
N ARG B 187 2.47 -14.66 -5.39
CA ARG B 187 2.20 -15.96 -4.80
C ARG B 187 2.19 -17.06 -5.88
N HIS B 188 2.67 -18.24 -5.52
CA HIS B 188 3.17 -19.17 -6.53
C HIS B 188 2.17 -19.57 -7.59
N ASP B 189 0.89 -19.53 -7.26
CA ASP B 189 -0.14 -20.02 -8.18
C ASP B 189 -1.03 -18.90 -8.61
N GLY B 190 -0.65 -17.68 -8.24
CA GLY B 190 -1.36 -16.48 -8.66
C GLY B 190 -2.55 -16.11 -7.81
N THR B 191 -2.87 -16.95 -6.81
CA THR B 191 -4.04 -16.72 -5.97
C THR B 191 -3.62 -16.37 -4.58
N PRO B 192 -4.53 -15.79 -3.79
CA PRO B 192 -4.25 -15.45 -2.39
C PRO B 192 -3.87 -16.66 -1.53
N ALA B 193 -4.15 -17.86 -2.03
CA ALA B 193 -3.87 -19.09 -1.27
C ALA B 193 -2.53 -19.65 -1.69
N GLY B 194 -1.83 -18.89 -2.51
CA GLY B 194 -0.56 -19.37 -2.99
C GLY B 194 0.51 -19.10 -1.97
N ILE B 195 1.62 -19.80 -2.14
CA ILE B 195 2.86 -19.56 -1.41
C ILE B 195 3.42 -18.22 -1.85
N ALA B 196 3.76 -17.35 -0.88
CA ALA B 196 4.18 -15.98 -1.20
C ALA B 196 5.68 -15.71 -1.11
N ASP B 197 6.19 -14.85 -1.99
CA ASP B 197 7.58 -14.38 -1.92
C ASP B 197 8.66 -15.46 -2.14
N LEU B 198 8.33 -16.53 -2.85
CA LEU B 198 9.32 -17.51 -3.23
C LEU B 198 10.36 -16.81 -4.08
N VAL B 199 9.88 -15.91 -4.92
CA VAL B 199 10.72 -15.07 -5.75
C VAL B 199 10.89 -13.73 -5.09
N GLY B 200 12.14 -13.33 -4.84
CA GLY B 200 12.44 -12.00 -4.33
C GLY B 200 12.41 -11.84 -2.81
N ASN B 201 12.38 -10.59 -2.37
CA ASN B 201 12.45 -10.26 -0.95
C ASN B 201 13.77 -10.75 -0.34
N VAL B 202 13.82 -11.98 0.18
CA VAL B 202 15.12 -12.52 0.60
C VAL B 202 15.39 -13.87 -0.04
N TRP B 203 16.66 -14.16 -0.30
CA TRP B 203 17.05 -15.49 -0.72
C TRP B 203 16.66 -16.39 0.43
N GLU B 204 16.52 -17.68 0.17
CA GLU B 204 16.16 -18.60 1.24
C GLU B 204 17.03 -19.86 1.24
N TRP B 205 17.63 -20.14 2.39
CA TRP B 205 18.37 -21.37 2.60
C TRP B 205 17.47 -22.58 2.28
N VAL B 206 17.98 -23.59 1.57
CA VAL B 206 17.21 -24.82 1.45
C VAL B 206 18.05 -26.05 1.81
N ALA B 207 17.38 -27.08 2.33
CA ALA B 207 18.06 -28.26 2.83
C ALA B 207 18.15 -29.34 1.77
N GLY B 208 19.16 -30.19 1.87
CA GLY B 208 19.30 -31.34 1.00
C GLY B 208 20.16 -31.14 -0.23
N LEU B 209 20.82 -29.99 -0.31
CA LEU B 209 21.69 -29.70 -1.46
C LEU B 209 22.97 -29.04 -1.05
N ARG B 210 24.04 -29.37 -1.75
CA ARG B 210 25.36 -28.95 -1.34
C ARG B 210 26.38 -29.03 -2.46
N LEU B 211 27.38 -28.16 -2.42
CA LEU B 211 28.56 -28.29 -3.31
C LEU B 211 29.83 -28.50 -2.50
N VAL B 212 30.64 -29.47 -2.91
CA VAL B 212 31.98 -29.60 -2.35
C VAL B 212 32.98 -29.58 -3.49
N GLY B 213 33.69 -28.46 -3.62
CA GLY B 213 34.63 -28.27 -4.70
C GLY B 213 33.92 -28.42 -6.02
N GLY B 214 32.68 -27.93 -6.08
CA GLY B 214 31.90 -27.97 -7.30
C GLY B 214 31.18 -29.28 -7.51
N GLU B 215 31.51 -30.30 -6.72
CA GLU B 215 30.80 -31.57 -6.88
C GLU B 215 29.40 -31.39 -6.33
N ILE B 216 28.40 -31.79 -7.12
CA ILE B 216 27.01 -31.63 -6.72
C ILE B 216 26.61 -32.75 -5.80
N GLN B 217 26.10 -32.40 -4.64
CA GLN B 217 25.69 -33.41 -3.69
C GLN B 217 24.29 -33.17 -3.12
N ILE B 218 23.57 -34.26 -2.90
CA ILE B 218 22.22 -34.19 -2.35
C ILE B 218 21.96 -35.23 -1.27
N ILE B 219 20.98 -34.93 -0.44
CA ILE B 219 20.38 -35.92 0.42
C ILE B 219 19.24 -36.54 -0.42
N PRO B 220 19.26 -37.86 -0.58
CA PRO B 220 18.33 -38.58 -1.44
C PRO B 220 16.85 -38.34 -1.13
N ASP B 221 16.02 -38.43 -2.18
CA ASP B 221 14.57 -38.25 -2.07
C ASP B 221 14.27 -36.96 -1.30
N ASN B 222 13.31 -37.00 -0.38
CA ASN B 222 13.05 -35.86 0.49
C ASN B 222 13.48 -36.16 1.91
N ASP B 223 14.46 -37.03 2.05
CA ASP B 223 14.95 -37.42 3.36
C ASP B 223 15.45 -36.22 4.15
N ALA B 224 15.67 -35.10 3.47
CA ALA B 224 16.15 -33.93 4.16
C ALA B 224 15.11 -33.37 5.07
N ALA B 225 13.91 -33.94 4.99
CA ALA B 225 12.77 -33.45 5.75
C ALA B 225 12.80 -33.95 7.20
N PHE B 226 13.42 -35.12 7.42
CA PHE B 226 13.62 -35.67 8.77
C PHE B 226 14.38 -34.75 9.69
N ALA B 227 14.05 -34.75 10.98
CA ALA B 227 14.80 -33.88 11.89
C ALA B 227 16.10 -34.57 12.29
N SER B 228 16.23 -35.83 11.94
CA SER B 228 17.38 -36.57 12.39
C SER B 228 18.44 -36.68 11.30
N THR B 229 18.14 -36.34 10.05
CA THR B 229 19.13 -36.65 9.05
C THR B 229 20.23 -35.63 9.20
N ASP B 230 21.46 -36.13 9.24
CA ASP B 230 22.65 -35.33 9.44
C ASP B 230 23.04 -34.62 8.16
N MSE B 231 23.05 -33.29 8.19
CA MSE B 231 23.49 -32.54 7.03
C MSE B 231 24.66 -31.62 7.36
O MSE B 231 24.89 -30.62 6.68
CB MSE B 231 22.35 -31.72 6.44
CG MSE B 231 21.50 -32.49 5.45
SE MSE B 231 19.69 -31.78 5.23
CE MSE B 231 20.12 -29.92 4.98
N SER B 232 25.43 -31.98 8.39
CA SER B 232 26.67 -31.25 8.68
C SER B 232 27.70 -31.44 7.56
N ALA B 233 28.82 -30.72 7.65
CA ALA B 233 29.88 -30.89 6.65
C ALA B 233 30.43 -32.32 6.60
N SER B 234 30.50 -32.98 7.76
CA SER B 234 31.10 -34.31 7.83
C SER B 234 30.18 -35.47 7.50
N SER B 235 28.90 -35.19 7.27
CA SER B 235 27.93 -36.28 7.13
C SER B 235 28.18 -37.23 5.98
N PRO B 236 28.01 -38.52 6.22
CA PRO B 236 28.13 -39.50 5.15
C PRO B 236 26.89 -39.61 4.28
N LEU B 237 25.84 -38.88 4.63
CA LEU B 237 24.57 -39.01 3.93
C LEU B 237 24.56 -38.36 2.56
N TRP B 238 25.36 -37.31 2.40
CA TRP B 238 25.46 -36.60 1.13
C TRP B 238 25.91 -37.55 0.04
N LYS B 239 25.23 -37.47 -1.10
CA LYS B 239 25.55 -38.30 -2.24
C LYS B 239 25.85 -37.43 -3.45
N ALA B 240 26.71 -37.92 -4.32
CA ALA B 240 27.04 -37.23 -5.56
C ALA B 240 26.35 -37.97 -6.70
N ILE B 241 26.41 -37.41 -7.90
CA ILE B 241 25.65 -37.95 -9.02
C ILE B 241 26.53 -38.25 -10.25
N ARG B 242 26.32 -39.42 -10.86
CA ARG B 242 27.33 -40.05 -11.73
C ARG B 242 27.40 -39.65 -13.21
N ALA B 243 26.51 -38.81 -13.70
CA ALA B 243 26.67 -38.28 -15.07
C ALA B 243 26.38 -39.31 -16.17
N SER B 244 26.91 -40.52 -16.04
CA SER B 244 26.59 -41.53 -17.04
C SER B 244 25.16 -42.02 -16.88
N ASP B 245 24.78 -42.36 -15.65
CA ASP B 245 23.43 -42.87 -15.39
C ASP B 245 22.68 -42.12 -14.30
N GLY B 246 23.26 -41.04 -13.79
CA GLY B 246 22.59 -40.26 -12.75
C GLY B 246 22.40 -41.01 -11.43
N ALA B 247 23.21 -42.04 -11.23
CA ALA B 247 23.18 -42.83 -10.00
C ALA B 247 23.76 -42.07 -8.82
N LEU B 248 23.21 -42.32 -7.64
CA LEU B 248 23.78 -41.73 -6.45
C LEU B 248 25.00 -42.56 -6.06
N VAL B 249 26.13 -41.89 -5.88
CA VAL B 249 27.41 -42.54 -5.58
C VAL B 249 28.17 -41.74 -4.54
N SER B 250 29.25 -42.29 -4.01
CA SER B 250 30.00 -41.58 -2.98
C SER B 250 30.78 -40.40 -3.54
N PRO B 251 30.81 -39.28 -2.81
CA PRO B 251 31.57 -38.10 -3.24
C PRO B 251 33.00 -38.46 -3.59
N GLY B 252 33.51 -37.88 -4.66
CA GLY B 252 34.87 -38.17 -5.04
C GLY B 252 34.96 -39.32 -6.04
N THR B 253 33.86 -40.05 -6.21
CA THR B 253 33.84 -41.13 -7.21
C THR B 253 34.13 -40.52 -8.58
N SER B 254 34.54 -41.34 -9.53
CA SER B 254 35.17 -40.77 -10.70
C SER B 254 34.29 -39.86 -11.54
N GLY B 255 33.18 -40.37 -12.05
CA GLY B 255 32.46 -39.61 -13.05
C GLY B 255 31.38 -38.65 -12.58
N THR B 256 31.54 -38.09 -11.39
CA THR B 256 30.48 -37.32 -10.76
C THR B 256 30.30 -35.94 -11.37
N LEU B 257 29.06 -35.47 -11.42
CA LEU B 257 28.73 -34.17 -12.00
C LEU B 257 29.16 -32.99 -11.13
N LYS B 258 29.70 -31.96 -11.79
CA LYS B 258 30.24 -30.81 -11.09
C LYS B 258 29.93 -29.51 -11.83
N TYR B 259 29.71 -28.44 -11.07
CA TYR B 259 29.62 -27.09 -11.60
C TYR B 259 31.03 -26.58 -11.70
N ASP B 260 31.42 -25.99 -12.82
CA ASP B 260 32.79 -25.54 -13.01
C ASP B 260 32.80 -24.16 -13.69
N ILE B 261 33.89 -23.40 -13.56
CA ILE B 261 34.01 -22.19 -14.37
C ILE B 261 34.19 -22.59 -15.81
N ASN B 262 34.05 -21.64 -16.72
CA ASN B 262 34.11 -21.94 -18.15
C ASN B 262 35.45 -22.55 -18.59
N PRO B 263 35.42 -23.57 -19.45
CA PRO B 263 36.66 -24.15 -19.98
C PRO B 263 37.59 -23.11 -20.63
N ASN B 264 36.99 -22.10 -21.24
CA ASN B 264 37.74 -21.05 -21.93
C ASN B 264 38.19 -19.92 -21.04
N LYS B 265 38.10 -20.11 -19.72
CA LYS B 265 38.62 -19.09 -18.80
C LYS B 265 39.40 -19.76 -17.69
N SER B 266 40.02 -18.94 -16.84
CA SER B 266 40.90 -19.49 -15.84
C SER B 266 40.87 -18.65 -14.58
N TYR B 267 41.12 -19.28 -13.43
CA TYR B 267 41.07 -18.55 -12.19
C TYR B 267 42.17 -17.48 -12.23
N SER B 268 41.85 -16.28 -11.78
CA SER B 268 42.80 -15.19 -11.68
C SER B 268 43.12 -14.93 -10.22
N ASN B 269 44.31 -15.33 -9.78
CA ASN B 269 44.68 -15.12 -8.38
C ASN B 269 45.11 -13.68 -8.08
N ASP B 270 44.25 -12.72 -8.44
CA ASP B 270 44.57 -11.30 -8.31
C ASP B 270 43.84 -10.64 -7.18
N ASN B 271 43.34 -11.43 -6.24
CA ASN B 271 42.49 -10.92 -5.17
C ASN B 271 41.35 -9.99 -5.63
N THR B 272 40.72 -10.35 -6.74
CA THR B 272 39.65 -9.56 -7.34
C THR B 272 38.61 -10.51 -7.93
N ILE B 273 37.34 -10.27 -7.62
CA ILE B 273 36.29 -11.21 -8.04
C ILE B 273 35.88 -11.03 -9.49
N GLN B 274 35.96 -12.12 -10.24
CA GLN B 274 35.55 -12.16 -11.64
C GLN B 274 34.52 -13.27 -11.83
N ASP B 275 33.52 -12.98 -12.66
CA ASP B 275 32.55 -14.00 -13.04
C ASP B 275 33.19 -14.76 -14.20
N LEU B 276 33.57 -16.02 -14.02
CA LEU B 276 34.37 -16.71 -15.05
C LEU B 276 33.58 -17.58 -16.01
N GLY B 277 32.85 -16.89 -16.89
CA GLY B 277 32.33 -17.44 -18.14
C GLY B 277 31.10 -18.23 -17.83
N PRO B 278 30.30 -18.54 -18.84
CA PRO B 278 29.07 -19.29 -18.55
C PRO B 278 29.34 -20.57 -17.73
N LEU B 279 28.67 -20.66 -16.59
CA LEU B 279 28.81 -21.77 -15.67
C LEU B 279 28.64 -23.07 -16.42
N THR B 280 29.49 -24.04 -16.10
CA THR B 280 29.50 -25.30 -16.84
C THR B 280 29.25 -26.50 -15.97
N LEU B 281 28.49 -27.45 -16.52
CA LEU B 281 28.21 -28.71 -15.86
C LEU B 281 28.89 -29.85 -16.58
N HIS B 282 29.98 -30.36 -16.01
CA HIS B 282 30.62 -31.56 -16.52
C HIS B 282 31.15 -32.38 -15.35
N THR B 283 32.12 -33.24 -15.62
CA THR B 283 32.65 -34.16 -14.62
C THR B 283 34.02 -33.78 -14.05
N THR B 284 34.46 -32.55 -14.28
CA THR B 284 35.75 -32.11 -13.76
C THR B 284 35.71 -30.69 -13.20
N THR B 285 36.75 -30.30 -12.51
CA THR B 285 36.85 -28.96 -11.94
C THR B 285 38.24 -28.39 -12.18
N GLN B 286 38.32 -27.19 -12.72
CA GLN B 286 39.62 -26.54 -12.83
C GLN B 286 40.18 -26.34 -11.43
N THR B 287 41.43 -26.69 -11.26
CA THR B 287 42.06 -26.58 -9.98
C THR B 287 42.18 -25.10 -9.59
N PRO B 288 41.57 -24.73 -8.47
CA PRO B 288 41.64 -23.36 -7.95
C PRO B 288 43.00 -23.04 -7.32
N PRO B 289 43.34 -21.74 -7.21
CA PRO B 289 44.52 -21.27 -6.50
C PRO B 289 44.68 -21.98 -5.16
N ALA B 290 45.92 -22.15 -4.73
CA ALA B 290 46.16 -22.94 -3.54
C ALA B 290 45.60 -22.24 -2.30
N GLY B 291 44.96 -23.02 -1.45
CA GLY B 291 44.47 -22.51 -0.18
C GLY B 291 43.08 -21.93 -0.23
N TRP B 292 42.47 -21.94 -1.41
CA TRP B 292 41.09 -21.48 -1.54
C TRP B 292 40.19 -22.55 -0.94
N ASP B 293 39.44 -22.19 0.09
CA ASP B 293 38.57 -23.15 0.72
C ASP B 293 37.15 -22.57 0.92
N SER B 294 36.42 -23.11 1.89
CA SER B 294 35.04 -22.69 2.08
C SER B 294 34.96 -21.25 2.54
N ASN B 295 36.09 -20.68 2.92
CA ASN B 295 36.06 -19.33 3.44
C ASN B 295 36.60 -18.30 2.50
N THR B 296 36.98 -18.77 1.31
CA THR B 296 37.46 -17.91 0.24
C THR B 296 36.28 -17.34 -0.54
N TYR B 297 36.21 -16.02 -0.63
CA TYR B 297 35.17 -15.36 -1.42
C TYR B 297 35.77 -14.68 -2.65
N GLN B 298 36.05 -15.47 -3.67
CA GLN B 298 36.73 -14.98 -4.85
C GLN B 298 36.03 -15.39 -6.13
N ASP B 299 36.78 -15.68 -7.18
CA ASP B 299 36.17 -15.91 -8.48
C ASP B 299 35.09 -16.97 -8.41
N TYR B 300 34.04 -16.78 -9.21
CA TYR B 300 32.94 -17.74 -9.30
C TYR B 300 32.52 -17.84 -10.77
N ALA B 301 31.39 -18.48 -11.02
CA ALA B 301 30.86 -18.59 -12.37
C ALA B 301 29.34 -18.65 -12.35
N SER B 302 28.71 -17.86 -13.22
CA SER B 302 27.27 -17.78 -13.24
C SER B 302 26.67 -18.02 -14.63
N ALA B 303 25.34 -18.05 -14.69
CA ALA B 303 24.59 -18.30 -15.91
C ALA B 303 23.09 -18.27 -15.66
N LEU B 304 22.32 -17.83 -16.64
CA LEU B 304 20.88 -18.01 -16.55
C LEU B 304 20.63 -19.50 -16.50
N TYR B 305 19.67 -19.89 -15.69
CA TYR B 305 19.36 -21.30 -15.57
C TYR B 305 19.20 -21.95 -16.96
N LYS B 306 18.55 -21.26 -17.88
CA LYS B 306 18.33 -21.86 -19.20
C LYS B 306 19.63 -22.01 -19.97
N ASP B 307 20.62 -21.20 -19.61
CA ASP B 307 21.87 -21.07 -20.37
C ASP B 307 23.04 -21.87 -19.80
N LEU B 308 22.77 -22.72 -18.82
CA LEU B 308 23.80 -23.56 -18.25
C LEU B 308 24.44 -24.39 -19.34
N VAL B 309 25.77 -24.35 -19.39
CA VAL B 309 26.50 -25.04 -20.41
C VAL B 309 26.77 -26.48 -20.04
N VAL B 310 26.25 -27.39 -20.86
CA VAL B 310 26.55 -28.81 -20.67
C VAL B 310 27.84 -29.22 -21.37
N GLY B 311 28.72 -29.86 -20.63
CA GLY B 311 29.99 -30.35 -21.14
C GLY B 311 29.81 -31.31 -22.30
N THR B 312 30.80 -31.37 -23.18
CA THR B 312 30.61 -31.99 -24.49
C THR B 312 30.18 -33.45 -24.48
N GLY B 313 30.66 -34.24 -23.54
CA GLY B 313 30.27 -35.65 -23.58
C GLY B 313 28.96 -35.92 -22.87
N ILE B 314 28.46 -34.92 -22.15
CA ILE B 314 27.50 -35.18 -21.09
C ILE B 314 26.03 -35.23 -21.47
N THR B 315 25.34 -36.27 -20.98
CA THR B 315 23.88 -36.26 -21.01
C THR B 315 23.30 -36.04 -19.60
N VAL B 316 22.74 -34.83 -19.41
CA VAL B 316 22.21 -34.43 -18.12
C VAL B 316 21.12 -35.35 -17.64
N PRO B 317 21.37 -36.06 -16.53
CA PRO B 317 20.44 -37.02 -15.93
C PRO B 317 19.15 -36.36 -15.52
N ASN B 318 18.05 -37.10 -15.59
CA ASN B 318 16.77 -36.53 -15.21
C ASN B 318 16.76 -36.03 -13.77
N LEU B 319 17.47 -36.74 -12.90
CA LEU B 319 17.54 -36.37 -11.49
C LEU B 319 17.88 -34.91 -11.28
N LEU B 320 18.78 -34.38 -12.10
CA LEU B 320 19.20 -33.00 -11.94
C LEU B 320 18.11 -32.05 -12.39
N LYS B 321 17.40 -32.41 -13.46
CA LYS B 321 16.29 -31.61 -13.94
C LYS B 321 15.19 -31.58 -12.88
N VAL B 322 14.85 -32.75 -12.38
CA VAL B 322 13.82 -32.88 -11.38
C VAL B 322 14.13 -32.12 -10.07
N LEU B 323 15.42 -31.93 -9.76
CA LEU B 323 15.79 -31.25 -8.51
C LEU B 323 16.19 -29.81 -8.76
N MSE B 324 15.89 -29.35 -9.96
CA MSE B 324 16.18 -27.97 -10.37
C MSE B 324 17.66 -27.63 -10.32
O MSE B 324 18.03 -26.57 -9.84
CB MSE B 324 15.39 -27.00 -9.50
CG MSE B 324 13.89 -27.01 -9.77
SE MSE B 324 13.32 -26.36 -11.56
CE MSE B 324 13.93 -24.48 -11.42
N LEU B 325 18.51 -28.52 -10.82
CA LEU B 325 19.95 -28.29 -10.83
C LEU B 325 20.48 -28.08 -12.27
N ALA B 326 19.68 -28.47 -13.25
CA ALA B 326 19.92 -28.23 -14.67
C ALA B 326 18.56 -28.16 -15.37
N PRO B 327 18.43 -27.27 -16.35
CA PRO B 327 17.16 -26.89 -16.97
C PRO B 327 16.52 -28.02 -17.78
N HIS B 328 15.20 -27.99 -17.89
CA HIS B 328 14.52 -28.99 -18.69
C HIS B 328 13.85 -28.33 -19.86
N THR B 329 13.87 -27.00 -19.93
CA THR B 329 13.03 -26.28 -20.90
C THR B 329 13.59 -25.10 -21.71
N THR B 330 14.46 -24.29 -21.12
CA THR B 330 14.97 -23.08 -21.80
C THR B 330 13.93 -22.01 -22.14
N SER B 331 12.67 -22.25 -21.75
CA SER B 331 11.61 -21.23 -21.80
C SER B 331 11.71 -20.28 -20.63
N ILE B 332 12.55 -20.64 -19.65
CA ILE B 332 12.65 -19.87 -18.44
C ILE B 332 13.66 -18.76 -18.61
N THR B 333 13.17 -17.54 -18.62
CA THR B 333 13.99 -16.41 -19.01
C THR B 333 14.48 -15.61 -17.84
N LYS B 334 14.16 -16.08 -16.64
CA LYS B 334 14.57 -15.40 -15.41
C LYS B 334 15.19 -16.43 -14.49
N GLY B 335 15.86 -15.95 -13.45
CA GLY B 335 16.45 -16.84 -12.47
C GLY B 335 17.83 -17.28 -12.88
N ARG B 336 18.83 -16.81 -12.14
CA ARG B 336 20.26 -17.08 -12.44
C ARG B 336 20.93 -18.10 -11.50
N LEU B 337 21.82 -18.92 -12.06
CA LEU B 337 22.56 -19.95 -11.33
C LEU B 337 24.03 -19.56 -11.04
N TYR B 338 24.44 -19.63 -9.77
CA TYR B 338 25.80 -19.30 -9.33
C TYR B 338 26.57 -20.41 -8.60
N ALA B 339 27.89 -20.48 -8.77
CA ALA B 339 28.67 -21.49 -8.08
C ALA B 339 30.14 -21.11 -7.88
N ARG B 340 30.68 -21.36 -6.68
CA ARG B 340 32.13 -21.35 -6.43
C ARG B 340 32.57 -22.79 -6.31
N PRO B 341 33.24 -23.31 -7.34
CA PRO B 341 33.62 -24.73 -7.38
C PRO B 341 34.77 -25.07 -6.46
N TYR B 342 34.87 -24.36 -5.34
CA TYR B 342 35.86 -24.64 -4.31
C TYR B 342 35.26 -24.46 -2.93
N GLY B 343 35.55 -25.40 -2.04
CA GLY B 343 35.04 -25.34 -0.68
C GLY B 343 33.65 -25.95 -0.56
N GLU B 344 33.09 -25.87 0.63
CA GLU B 344 31.72 -26.32 0.82
C GLU B 344 30.77 -25.14 0.57
N ARG B 345 29.80 -25.37 -0.29
CA ARG B 345 28.81 -24.37 -0.56
C ARG B 345 27.40 -24.91 -0.29
N LEU B 346 26.61 -24.10 0.41
CA LEU B 346 25.21 -24.43 0.64
C LEU B 346 24.31 -23.46 -0.09
N PRO B 347 23.14 -23.95 -0.54
CA PRO B 347 22.26 -23.26 -1.48
C PRO B 347 21.28 -22.29 -0.83
N ILE B 348 21.08 -21.17 -1.49
CA ILE B 348 19.97 -20.29 -1.18
C ILE B 348 19.19 -20.07 -2.49
N ARG B 349 17.86 -20.03 -2.45
CA ARG B 349 17.08 -19.99 -3.70
C ARG B 349 16.17 -18.77 -3.78
N GLY B 350 15.67 -18.47 -4.97
CA GLY B 350 14.61 -17.49 -5.15
C GLY B 350 14.94 -16.05 -5.45
N GLY B 351 16.13 -15.59 -5.05
CA GLY B 351 16.58 -14.22 -5.24
C GLY B 351 15.99 -13.23 -4.24
N ASP B 352 16.61 -12.07 -4.07
CA ASP B 352 16.12 -11.08 -3.11
C ASP B 352 15.82 -9.76 -3.77
N TRP B 353 15.65 -8.74 -2.94
CA TRP B 353 15.06 -7.48 -3.40
C TRP B 353 15.89 -6.70 -4.40
N GLY B 354 17.18 -7.00 -4.45
CA GLY B 354 18.10 -6.23 -5.24
C GLY B 354 18.49 -6.89 -6.55
N ASN B 355 18.11 -8.15 -6.72
CA ASN B 355 18.51 -8.88 -7.91
C ASN B 355 17.85 -8.51 -9.23
N GLY B 356 16.53 -8.33 -9.25
CA GLY B 356 15.80 -8.05 -10.49
C GLY B 356 15.47 -9.32 -11.28
N GLY B 357 16.00 -9.44 -12.50
CA GLY B 357 15.86 -10.67 -13.29
C GLY B 357 16.70 -11.92 -12.96
N VAL B 358 17.65 -11.77 -12.05
CA VAL B 358 18.42 -12.88 -11.50
C VAL B 358 17.50 -13.74 -10.65
N ALA B 359 16.55 -13.09 -9.96
CA ALA B 359 15.62 -13.79 -9.07
C ALA B 359 14.61 -14.65 -9.84
N GLY B 360 13.94 -15.56 -9.14
CA GLY B 360 12.95 -16.44 -9.75
C GLY B 360 12.94 -17.89 -9.27
N LEU B 361 12.01 -18.67 -9.78
CA LEU B 361 11.89 -20.06 -9.36
C LEU B 361 13.17 -20.86 -9.60
N ALA B 362 13.94 -20.48 -10.60
CA ALA B 362 15.16 -21.22 -10.93
C ALA B 362 16.43 -20.60 -10.29
N ALA B 363 16.30 -19.41 -9.69
CA ALA B 363 17.45 -18.75 -9.06
C ALA B 363 18.10 -19.60 -7.97
N LEU B 364 19.37 -19.91 -8.15
CA LEU B 364 20.12 -20.78 -7.25
C LEU B 364 21.51 -20.21 -7.03
N TYR B 365 21.84 -19.94 -5.78
CA TYR B 365 23.08 -19.24 -5.45
C TYR B 365 23.96 -20.10 -4.55
N LEU B 366 25.01 -20.67 -5.13
CA LEU B 366 25.94 -21.49 -4.37
C LEU B 366 27.33 -20.86 -4.20
N LEU B 367 27.39 -19.57 -3.92
CA LEU B 367 28.70 -18.93 -3.69
C LEU B 367 29.06 -18.82 -2.20
N ASN B 368 28.10 -19.00 -1.29
CA ASN B 368 28.41 -18.86 0.13
C ASN B 368 28.55 -20.21 0.86
N PRO B 369 29.36 -20.22 1.92
CA PRO B 369 29.47 -21.37 2.82
C PRO B 369 28.38 -21.34 3.89
N ARG B 370 28.15 -22.47 4.55
CA ARG B 370 27.06 -22.58 5.52
C ARG B 370 27.13 -21.59 6.66
N GLY B 371 28.27 -20.94 6.83
CA GLY B 371 28.44 -20.07 7.98
C GLY B 371 27.99 -18.66 7.68
N SER B 372 27.76 -18.39 6.40
CA SER B 372 27.46 -17.05 5.93
C SER B 372 26.15 -16.49 6.53
N ARG B 373 26.20 -15.24 6.99
CA ARG B 373 25.01 -14.51 7.43
C ARG B 373 24.84 -13.20 6.66
N ARG B 374 23.71 -13.07 5.97
CA ARG B 374 23.44 -11.92 5.11
C ARG B 374 22.07 -11.28 5.36
N TRP B 375 21.96 -9.97 5.18
CA TRP B 375 20.71 -9.29 5.44
C TRP B 375 19.67 -9.52 4.34
N GLY B 376 20.07 -10.18 3.26
CA GLY B 376 19.14 -10.52 2.21
C GLY B 376 18.95 -12.02 2.07
N VAL B 377 19.36 -12.75 3.10
CA VAL B 377 19.22 -14.20 3.12
C VAL B 377 18.49 -14.67 4.36
N GLY B 378 17.47 -15.50 4.14
CA GLY B 378 16.65 -16.04 5.22
C GLY B 378 16.20 -17.48 4.98
N ALA B 379 15.03 -17.81 5.49
CA ALA B 379 14.53 -19.18 5.40
C ALA B 379 13.05 -19.24 5.69
N ARG B 380 12.48 -20.39 5.39
CA ARG B 380 11.09 -20.67 5.73
C ARG B 380 10.87 -22.16 6.03
N PRO B 381 9.93 -22.45 6.93
CA PRO B 381 9.61 -23.81 7.38
C PRO B 381 8.74 -24.56 6.40
N ALA B 382 8.76 -25.88 6.49
CA ALA B 382 7.83 -26.73 5.75
C ALA B 382 7.38 -27.84 6.69
N PHE B 383 6.38 -28.61 6.29
CA PHE B 383 5.84 -29.64 7.18
C PHE B 383 5.37 -30.88 6.43
N VAL B 384 5.72 -32.07 6.94
CA VAL B 384 5.26 -33.33 6.36
C VAL B 384 4.86 -34.37 7.43
N LEU B 385 3.75 -35.08 7.15
CA LEU B 385 3.06 -36.06 8.02
C LEU B 385 2.04 -35.47 9.01
N ILE C 6 7.27 -10.35 15.71
CA ILE C 6 6.40 -9.16 15.64
C ILE C 6 4.93 -9.53 15.59
N PHE C 7 4.62 -10.82 15.53
CA PHE C 7 3.26 -11.23 15.11
C PHE C 7 2.20 -11.44 16.21
N SER C 8 0.98 -10.97 15.93
CA SER C 8 -0.11 -11.17 16.88
C SER C 8 -1.31 -11.99 16.41
N VAL C 9 -1.57 -13.08 17.13
CA VAL C 9 -2.67 -13.95 16.81
C VAL C 9 -4.02 -13.28 17.03
N LYS C 10 -4.16 -12.53 18.12
CA LYS C 10 -5.43 -11.85 18.33
C LYS C 10 -5.73 -10.88 17.19
N ASP C 11 -4.75 -10.13 16.73
CA ASP C 11 -5.01 -9.15 15.68
C ASP C 11 -5.13 -9.80 14.29
N SER C 12 -4.43 -10.91 14.10
CA SER C 12 -4.57 -11.63 12.86
C SER C 12 -6.01 -12.13 12.72
N LEU C 13 -6.59 -12.60 13.81
CA LEU C 13 -8.00 -13.01 13.81
C LEU C 13 -8.93 -11.87 13.41
N ARG C 14 -8.74 -10.70 14.02
CA ARG C 14 -9.49 -9.54 13.63
C ARG C 14 -9.45 -9.30 12.13
N GLN C 15 -8.26 -9.38 11.57
CA GLN C 15 -8.13 -9.15 10.14
C GLN C 15 -8.93 -10.19 9.34
N ALA C 16 -8.85 -11.45 9.76
CA ALA C 16 -9.51 -12.55 9.10
C ALA C 16 -11.00 -12.39 9.12
N VAL C 17 -11.52 -11.99 10.28
CA VAL C 17 -12.94 -11.73 10.43
C VAL C 17 -13.33 -10.57 9.55
N GLU C 18 -12.51 -9.53 9.54
CA GLU C 18 -12.83 -8.36 8.73
C GLU C 18 -12.81 -8.68 7.23
N ALA C 19 -11.78 -9.39 6.79
CA ALA C 19 -11.67 -9.79 5.38
C ALA C 19 -12.85 -10.61 4.93
N ALA C 20 -13.10 -11.70 5.66
CA ALA C 20 -14.15 -12.64 5.32
C ALA C 20 -15.49 -11.99 5.17
N SER C 21 -15.68 -10.88 5.84
CA SER C 21 -16.98 -10.25 5.90
C SER C 21 -17.02 -8.95 5.15
N GLY C 22 -15.98 -8.67 4.36
CA GLY C 22 -15.93 -7.44 3.59
C GLY C 22 -16.02 -6.20 4.46
N GLY C 23 -15.65 -6.33 5.73
CA GLY C 23 -15.72 -5.26 6.71
C GLY C 23 -17.01 -5.13 7.51
N LEU C 24 -17.96 -6.03 7.26
CA LEU C 24 -19.20 -5.91 8.01
C LEU C 24 -19.01 -6.40 9.44
N CYS C 25 -18.12 -7.34 9.64
CA CYS C 25 -17.83 -7.83 10.99
C CYS C 25 -16.41 -7.51 11.36
N THR C 26 -16.15 -7.42 12.66
CA THR C 26 -14.78 -7.28 13.11
C THR C 26 -14.61 -8.03 14.40
N VAL C 27 -13.43 -7.95 14.98
CA VAL C 27 -13.20 -8.46 16.33
C VAL C 27 -12.61 -7.32 17.16
N MSE C 28 -13.29 -6.96 18.25
CA MSE C 28 -12.78 -5.99 19.21
C MSE C 28 -12.37 -6.74 20.45
O MSE C 28 -12.83 -7.85 20.66
CB MSE C 28 -13.80 -4.92 19.56
CG MSE C 28 -14.33 -4.18 18.37
SE MSE C 28 -15.39 -2.62 18.85
CE MSE C 28 -16.20 -2.26 17.10
N TYR C 29 -11.49 -6.14 21.25
CA TYR C 29 -10.99 -6.82 22.43
C TYR C 29 -11.32 -6.06 23.72
N THR C 30 -11.68 -6.80 24.77
CA THR C 30 -12.12 -6.23 26.04
C THR C 30 -10.96 -5.74 26.90
N LYS C 31 -11.25 -5.01 27.97
CA LYS C 31 -10.22 -4.67 28.98
C LYS C 31 -9.33 -5.85 29.35
N LYS C 32 -9.91 -7.04 29.47
CA LYS C 32 -9.14 -8.23 29.82
C LYS C 32 -8.60 -8.96 28.60
N GLY C 33 -8.65 -8.30 27.45
CA GLY C 33 -8.06 -8.83 26.24
C GLY C 33 -8.80 -9.99 25.59
N GLN C 34 -10.11 -10.02 25.75
CA GLN C 34 -10.89 -11.09 25.16
C GLN C 34 -11.62 -10.61 23.90
N PRO C 35 -11.85 -11.52 22.92
CA PRO C 35 -12.42 -11.20 21.61
C PRO C 35 -13.95 -11.10 21.66
N VAL C 36 -14.48 -10.09 20.99
CA VAL C 36 -15.90 -9.94 20.83
C VAL C 36 -16.18 -9.78 19.33
N PHE C 37 -16.72 -10.84 18.72
CA PHE C 37 -17.15 -10.77 17.33
C PHE C 37 -18.34 -9.83 17.16
N LEU C 38 -18.22 -8.83 16.31
CA LEU C 38 -19.30 -7.85 16.14
C LEU C 38 -19.66 -7.60 14.67
N ARG C 39 -20.94 -7.34 14.42
CA ARG C 39 -21.44 -7.02 13.09
C ARG C 39 -21.98 -5.61 13.11
N ARG C 40 -21.58 -4.78 12.15
CA ARG C 40 -22.04 -3.40 12.15
C ARG C 40 -23.33 -3.28 11.38
N ILE C 41 -24.20 -2.44 11.94
CA ILE C 41 -25.48 -2.11 11.38
C ILE C 41 -25.52 -0.60 11.21
N PRO C 42 -25.54 -0.12 9.97
CA PRO C 42 -25.45 1.32 9.70
C PRO C 42 -26.72 2.05 10.06
N ARG C 43 -26.61 3.32 10.44
CA ARG C 43 -27.79 4.12 10.77
C ARG C 43 -28.77 4.11 9.62
N PHE C 44 -30.06 4.04 9.94
CA PHE C 44 -31.13 4.27 8.97
C PHE C 44 -32.25 5.10 9.59
N ASN C 45 -33.14 5.62 8.75
CA ASN C 45 -34.26 6.41 9.22
C ASN C 45 -35.56 5.62 9.18
N LEU C 46 -36.52 6.03 9.99
CA LEU C 46 -37.75 5.28 10.09
C LEU C 46 -38.44 5.16 8.73
N GLU C 47 -38.41 6.22 7.94
CA GLU C 47 -39.10 6.20 6.65
C GLU C 47 -38.48 5.19 5.72
N ASP C 48 -37.26 4.75 6.03
CA ASP C 48 -36.60 3.73 5.22
C ASP C 48 -37.24 2.38 5.47
N ILE C 49 -37.89 2.25 6.61
CA ILE C 49 -38.64 1.05 6.96
C ILE C 49 -40.09 1.15 6.49
N ASP C 50 -40.70 2.30 6.77
CA ASP C 50 -42.09 2.54 6.45
C ASP C 50 -42.43 3.96 6.79
N PRO C 51 -42.79 4.76 5.79
CA PRO C 51 -43.01 6.20 6.01
C PRO C 51 -44.05 6.50 7.09
N SER C 52 -44.92 5.54 7.39
CA SER C 52 -45.97 5.70 8.40
C SER C 52 -45.48 5.45 9.83
N LEU C 53 -44.20 5.18 10.01
CA LEU C 53 -43.61 5.06 11.34
C LEU C 53 -43.03 6.41 11.76
N GLY C 54 -43.08 7.37 10.84
CA GLY C 54 -42.54 8.69 11.13
C GLY C 54 -41.26 8.92 10.34
N THR C 55 -40.43 9.81 10.86
CA THR C 55 -39.20 10.15 10.21
C THR C 55 -38.03 10.27 11.19
N GLY C 56 -36.82 10.42 10.67
CA GLY C 56 -35.63 10.59 11.49
C GLY C 56 -34.89 9.31 11.83
N PRO C 57 -33.75 9.46 12.50
CA PRO C 57 -32.99 8.26 12.81
C PRO C 57 -33.76 7.35 13.77
N HIS C 58 -33.61 6.04 13.59
CA HIS C 58 -34.17 5.08 14.52
C HIS C 58 -33.41 5.19 15.82
N PRO C 59 -34.13 5.08 16.94
CA PRO C 59 -33.63 5.29 18.29
C PRO C 59 -32.33 4.53 18.59
N ALA C 60 -32.11 3.38 17.97
CA ALA C 60 -30.87 2.64 18.22
C ALA C 60 -29.66 3.51 17.93
N PHE C 61 -29.81 4.53 17.08
CA PHE C 61 -28.67 5.29 16.62
C PHE C 61 -28.56 6.65 17.29
N VAL C 62 -29.31 6.81 18.36
CA VAL C 62 -29.22 8.04 19.13
C VAL C 62 -28.76 7.73 20.56
N VAL C 63 -27.55 8.15 20.87
CA VAL C 63 -27.01 7.91 22.20
C VAL C 63 -26.57 9.20 22.84
N GLY C 64 -27.26 9.59 23.90
CA GLY C 64 -26.93 10.82 24.56
C GLY C 64 -27.04 12.02 23.66
N GLY C 65 -28.15 12.12 22.93
CA GLY C 65 -28.37 13.27 22.09
C GLY C 65 -27.61 13.29 20.78
N GLU C 66 -26.55 12.49 20.70
CA GLU C 66 -25.69 12.44 19.50
C GLU C 66 -26.14 11.36 18.53
N VAL C 67 -26.25 11.67 17.26
CA VAL C 67 -26.66 10.63 16.30
C VAL C 67 -25.49 9.78 15.83
N LYS C 68 -25.57 8.48 16.02
CA LYS C 68 -24.43 7.64 15.70
C LYS C 68 -24.47 7.09 14.28
N SER C 69 -23.28 6.90 13.74
CA SER C 69 -23.07 6.39 12.40
C SER C 69 -23.53 4.93 12.25
N GLU C 70 -23.43 4.17 13.33
CA GLU C 70 -23.72 2.76 13.25
C GLU C 70 -23.77 2.16 14.64
N ILE C 71 -24.24 0.92 14.76
CA ILE C 71 -24.16 0.21 16.03
C ILE C 71 -23.48 -1.11 15.76
N TRP C 72 -22.84 -1.69 16.77
CA TRP C 72 -22.20 -2.99 16.60
C TRP C 72 -22.89 -4.07 17.46
N ILE C 73 -23.41 -5.10 16.80
CA ILE C 73 -24.13 -6.16 17.50
C ILE C 73 -23.24 -7.37 17.61
N GLY C 74 -23.28 -8.04 18.77
CA GLY C 74 -22.54 -9.28 18.94
C GLY C 74 -22.99 -10.28 17.90
N GLN C 75 -22.07 -10.84 17.14
CA GLN C 75 -22.48 -11.74 16.08
C GLN C 75 -23.08 -13.01 16.66
N PHE C 76 -22.75 -13.29 17.92
CA PHE C 76 -23.21 -14.51 18.55
C PHE C 76 -23.81 -14.25 19.93
N PRO C 77 -24.60 -15.20 20.42
CA PRO C 77 -25.08 -15.17 21.79
C PRO C 77 -23.87 -15.05 22.69
N GLY C 78 -23.99 -14.24 23.73
CA GLY C 78 -22.87 -14.01 24.62
C GLY C 78 -22.48 -15.23 25.40
N ILE C 79 -21.24 -15.25 25.85
CA ILE C 79 -20.77 -16.26 26.79
C ILE C 79 -20.01 -15.48 27.85
N VAL C 80 -20.11 -15.92 29.10
CA VAL C 80 -19.43 -15.22 30.19
C VAL C 80 -18.10 -15.89 30.43
N SER C 81 -17.03 -15.15 30.18
CA SER C 81 -15.64 -15.63 30.31
C SER C 81 -14.89 -14.66 31.18
N ASN C 82 -14.25 -15.22 32.18
CA ASN C 82 -13.77 -14.41 33.26
C ASN C 82 -14.96 -13.64 33.79
N GLY C 83 -14.98 -12.33 33.62
CA GLY C 83 -16.07 -11.57 34.21
C GLY C 83 -16.68 -10.71 33.16
N GLU C 84 -16.47 -11.13 31.92
CA GLU C 84 -16.88 -10.39 30.74
C GLU C 84 -17.87 -11.20 29.94
N LEU C 85 -18.88 -10.52 29.41
CA LEU C 85 -19.83 -11.12 28.50
C LEU C 85 -19.36 -10.86 27.13
N ILE C 86 -18.69 -11.84 26.54
CA ILE C 86 -18.13 -11.70 25.20
C ILE C 86 -18.98 -12.43 24.16
N SER C 87 -18.57 -12.35 22.90
CA SER C 87 -19.30 -13.00 21.82
C SER C 87 -18.34 -13.76 20.91
N VAL C 88 -18.35 -15.07 20.98
CA VAL C 88 -17.50 -15.86 20.12
C VAL C 88 -18.32 -16.99 19.50
N PRO C 89 -17.82 -17.56 18.41
CA PRO C 89 -18.49 -18.68 17.74
C PRO C 89 -18.17 -20.04 18.30
N GLY C 90 -19.17 -20.91 18.26
CA GLY C 90 -18.94 -22.33 18.49
C GLY C 90 -18.97 -22.72 19.93
N VAL C 91 -19.59 -21.89 20.75
CA VAL C 91 -19.65 -22.19 22.17
C VAL C 91 -21.09 -22.27 22.66
N ASP C 92 -21.22 -22.84 23.85
CA ASP C 92 -22.51 -22.95 24.55
C ASP C 92 -22.89 -21.60 25.09
N PRO C 93 -24.02 -21.05 24.63
CA PRO C 93 -24.48 -19.70 25.04
C PRO C 93 -24.61 -19.56 26.55
N ALA C 94 -24.26 -18.40 27.07
CA ALA C 94 -24.40 -18.17 28.49
C ALA C 94 -25.86 -18.32 28.88
N ASN C 95 -26.10 -18.86 30.07
CA ASN C 95 -27.46 -18.95 30.56
C ASN C 95 -27.48 -18.92 32.08
N THR C 96 -28.68 -19.02 32.64
CA THR C 96 -28.84 -19.08 34.08
C THR C 96 -28.14 -17.91 34.73
N ILE C 97 -28.35 -16.72 34.17
CA ILE C 97 -27.84 -15.47 34.72
C ILE C 97 -28.97 -14.47 34.65
N ASN C 98 -29.08 -13.58 35.63
CA ASN C 98 -30.22 -12.68 35.68
C ASN C 98 -29.89 -11.40 34.97
N PHE C 99 -30.86 -10.50 34.91
CA PHE C 99 -30.69 -9.27 34.16
C PHE C 99 -29.56 -8.43 34.70
N ASP C 100 -29.48 -8.28 36.02
CA ASP C 100 -28.48 -7.38 36.53
C ASP C 100 -27.09 -7.98 36.26
N GLU C 101 -26.97 -9.30 36.38
CA GLU C 101 -25.71 -9.98 36.08
C GLU C 101 -25.33 -9.83 34.60
N ALA C 102 -26.29 -10.00 33.69
CA ALA C 102 -26.02 -9.84 32.26
C ALA C 102 -25.58 -8.42 31.97
N LEU C 103 -26.29 -7.45 32.52
CA LEU C 103 -25.94 -6.06 32.32
C LEU C 103 -24.50 -5.76 32.78
N GLY C 104 -24.11 -6.32 33.91
CA GLY C 104 -22.81 -6.01 34.48
C GLY C 104 -21.67 -6.62 33.70
N TYR C 105 -21.84 -7.90 33.36
CA TYR C 105 -20.86 -8.63 32.59
C TYR C 105 -20.66 -7.98 31.22
N ALA C 106 -21.74 -7.49 30.63
CA ALA C 106 -21.61 -6.85 29.34
C ALA C 106 -20.77 -5.59 29.48
N ARG C 107 -21.03 -4.80 30.52
CA ARG C 107 -20.33 -3.54 30.76
C ARG C 107 -18.89 -3.76 31.20
N ALA C 108 -18.66 -4.86 31.88
CA ALA C 108 -17.35 -5.14 32.43
C ALA C 108 -16.25 -5.04 31.38
N SER C 109 -16.62 -5.20 30.12
CA SER C 109 -15.65 -5.32 29.06
C SER C 109 -14.94 -4.03 28.81
N GLY C 110 -15.61 -2.93 29.14
CA GLY C 110 -15.03 -1.61 28.96
C GLY C 110 -15.93 -0.64 28.23
N PRO C 111 -15.48 0.61 28.09
CA PRO C 111 -16.28 1.66 27.44
C PRO C 111 -16.70 1.24 26.06
N GLY C 112 -17.98 1.40 25.77
CA GLY C 112 -18.54 0.99 24.50
C GLY C 112 -19.33 -0.29 24.65
N PHE C 113 -18.78 -1.24 25.38
CA PHE C 113 -19.47 -2.50 25.53
C PHE C 113 -20.68 -2.38 26.46
N HIS C 114 -21.80 -2.94 25.99
CA HIS C 114 -23.01 -2.89 26.78
C HIS C 114 -23.92 -4.09 26.49
N LEU C 115 -24.87 -4.33 27.39
CA LEU C 115 -25.87 -5.35 27.18
C LEU C 115 -26.73 -4.83 26.06
N MSE C 116 -26.99 -5.65 25.06
CA MSE C 116 -27.77 -5.22 23.91
C MSE C 116 -29.12 -4.68 24.33
O MSE C 116 -29.80 -5.24 25.19
CB MSE C 116 -27.98 -6.37 22.93
CG MSE C 116 -28.73 -5.99 21.66
SE MSE C 116 -28.79 -7.54 20.45
CE MSE C 116 -29.65 -6.71 18.91
N THR C 117 -29.50 -3.57 23.71
CA THR C 117 -30.65 -2.82 24.13
C THR C 117 -31.86 -3.11 23.26
N ASN C 118 -33.03 -2.92 23.83
CA ASN C 118 -34.25 -3.15 23.10
C ASN C 118 -34.32 -2.30 21.86
N ALA C 119 -33.78 -1.09 21.91
CA ALA C 119 -33.78 -0.22 20.74
C ALA C 119 -32.91 -0.78 19.61
N GLU C 120 -31.78 -1.37 19.99
CA GLU C 120 -30.92 -2.02 19.03
C GLU C 120 -31.63 -3.24 18.41
N TRP C 121 -32.24 -4.06 19.27
CA TRP C 121 -32.97 -5.22 18.79
C TRP C 121 -34.04 -4.81 17.78
N ALA C 122 -34.81 -3.77 18.10
CA ALA C 122 -35.87 -3.34 17.22
C ALA C 122 -35.30 -2.85 15.88
N ALA C 123 -34.23 -2.07 15.93
CA ALA C 123 -33.57 -1.62 14.72
C ALA C 123 -33.08 -2.81 13.90
N VAL C 124 -32.49 -3.83 14.53
CA VAL C 124 -32.05 -4.97 13.75
C VAL C 124 -33.23 -5.74 13.16
N ALA C 125 -34.30 -5.96 13.92
CA ALA C 125 -35.48 -6.70 13.42
C ALA C 125 -36.16 -6.00 12.27
N LEU C 126 -36.47 -4.72 12.46
CA LEU C 126 -37.14 -3.92 11.45
C LEU C 126 -36.37 -3.92 10.15
N LEU C 127 -35.08 -3.65 10.23
CA LEU C 127 -34.23 -3.57 9.05
C LEU C 127 -34.14 -4.91 8.35
N THR C 128 -33.96 -5.98 9.13
CA THR C 128 -33.92 -7.34 8.60
C THR C 128 -35.22 -7.61 7.86
N TRP C 129 -36.32 -7.21 8.49
CA TRP C 129 -37.65 -7.45 7.94
C TRP C 129 -37.85 -6.74 6.61
N LYS C 130 -37.49 -5.45 6.55
CA LYS C 130 -37.68 -4.66 5.33
C LYS C 130 -36.73 -5.13 4.25
N SER C 131 -35.46 -5.26 4.59
CA SER C 131 -34.45 -5.55 3.60
C SER C 131 -34.63 -6.95 3.00
N ARG C 132 -35.24 -7.86 3.74
CA ARG C 132 -35.39 -9.23 3.24
C ARG C 132 -36.77 -9.47 2.60
N GLY C 133 -37.51 -8.40 2.33
CA GLY C 133 -38.76 -8.48 1.58
C GLY C 133 -40.07 -7.97 2.20
N ALA C 134 -40.01 -7.49 3.43
CA ALA C 134 -41.17 -6.94 4.15
C ALA C 134 -42.38 -7.85 4.21
N GLY C 135 -42.14 -9.15 4.31
CA GLY C 135 -43.21 -10.10 4.48
C GLY C 135 -43.21 -10.61 5.91
N ASP C 136 -42.87 -11.88 6.08
CA ASP C 136 -42.80 -12.50 7.40
C ASP C 136 -41.46 -12.23 8.07
N ASP C 137 -41.27 -12.78 9.26
CA ASP C 137 -39.99 -12.73 9.95
C ASP C 137 -39.04 -13.59 9.15
N PRO C 138 -38.09 -12.92 8.50
CA PRO C 138 -37.20 -13.55 7.58
C PRO C 138 -36.38 -14.72 8.14
N VAL C 139 -36.13 -14.72 9.46
CA VAL C 139 -35.07 -15.53 10.10
C VAL C 139 -35.57 -16.84 10.75
N ARG C 140 -34.78 -17.90 10.63
CA ARG C 140 -35.00 -19.17 11.32
C ARG C 140 -33.93 -19.39 12.39
N GLY C 141 -33.98 -20.52 13.09
CA GLY C 141 -33.06 -20.78 14.18
C GLY C 141 -33.32 -22.04 14.98
N ASN C 142 -32.56 -22.23 16.06
CA ASN C 142 -32.75 -23.36 16.96
C ASN C 142 -34.05 -23.21 17.75
N THR C 143 -35.15 -23.71 17.20
CA THR C 143 -36.46 -23.57 17.84
C THR C 143 -37.12 -24.92 18.13
N GLN C 144 -36.32 -25.97 18.12
CA GLN C 144 -36.82 -27.30 18.42
C GLN C 144 -35.69 -28.21 18.85
N TRP C 145 -35.09 -27.92 19.99
CA TRP C 145 -34.10 -28.82 20.57
C TRP C 145 -32.98 -29.14 19.60
N GLY C 146 -32.50 -28.13 18.89
CA GLY C 146 -31.36 -28.30 18.03
C GLY C 146 -31.65 -27.98 16.58
N ARG C 147 -32.89 -28.15 16.18
CA ARG C 147 -33.25 -27.85 14.80
C ARG C 147 -34.36 -26.80 14.71
N SER C 148 -34.69 -26.42 13.48
CA SER C 148 -35.80 -25.52 13.26
C SER C 148 -37.13 -26.25 13.24
N HIS C 149 -38.12 -25.68 13.89
CA HIS C 149 -39.42 -26.29 13.91
C HIS C 149 -40.06 -26.20 12.53
N GLU C 150 -39.72 -25.16 11.78
CA GLU C 150 -40.20 -24.95 10.40
C GLU C 150 -39.40 -25.71 9.37
N ALA C 151 -38.14 -26.01 9.71
CA ALA C 151 -37.24 -26.55 8.70
C ALA C 151 -36.34 -27.62 9.32
N GLN C 152 -36.91 -28.78 9.57
CA GLN C 152 -36.27 -29.73 10.46
C GLN C 152 -34.94 -30.21 9.97
N TRP C 153 -34.67 -30.02 8.69
CA TRP C 153 -33.40 -30.46 8.12
C TRP C 153 -32.28 -29.48 8.48
N GLU C 154 -32.66 -28.31 9.00
CA GLU C 154 -31.74 -27.30 9.53
C GLU C 154 -31.44 -27.50 10.99
N ALA C 155 -30.18 -27.71 11.32
CA ALA C 155 -29.80 -27.84 12.72
C ALA C 155 -28.48 -27.20 13.04
N GLY C 156 -28.28 -26.93 14.32
CA GLY C 156 -26.98 -26.49 14.80
C GLY C 156 -26.37 -27.68 15.52
N THR C 157 -25.28 -27.43 16.25
CA THR C 157 -24.61 -28.47 17.02
C THR C 157 -24.97 -28.42 18.49
N ARG C 158 -25.65 -29.44 18.97
CA ARG C 158 -26.16 -29.39 20.35
C ARG C 158 -25.06 -29.50 21.39
N GLN C 159 -25.14 -28.61 22.36
CA GLN C 159 -24.20 -28.58 23.45
C GLN C 159 -24.26 -29.90 24.21
N SER C 160 -25.47 -30.45 24.32
CA SER C 160 -25.69 -31.67 25.08
C SER C 160 -25.14 -32.91 24.42
N GLY C 161 -24.96 -32.88 23.10
CA GLY C 161 -24.51 -34.05 22.35
C GLY C 161 -25.65 -34.92 21.80
N ASP C 162 -26.88 -34.51 22.08
CA ASP C 162 -28.04 -35.26 21.66
C ASP C 162 -28.40 -34.98 20.22
N ALA C 163 -29.30 -35.78 19.67
CA ALA C 163 -29.71 -35.56 18.29
C ALA C 163 -30.63 -34.37 18.19
N PRO C 164 -30.42 -33.55 17.15
CA PRO C 164 -31.32 -32.41 17.03
C PRO C 164 -32.77 -32.84 17.06
N GLY C 165 -33.54 -32.15 17.89
CA GLY C 165 -34.98 -32.34 17.94
C GLY C 165 -35.46 -33.18 19.09
N GLU C 166 -34.56 -33.88 19.77
CA GLU C 166 -34.93 -34.77 20.87
C GLU C 166 -35.12 -33.99 22.15
N ASP C 167 -36.32 -34.12 22.70
CA ASP C 167 -36.70 -33.46 23.93
C ASP C 167 -36.06 -34.22 25.06
N THR C 168 -35.07 -33.59 25.68
CA THR C 168 -34.33 -34.22 26.73
C THR C 168 -34.51 -33.50 28.06
N GLY C 169 -35.56 -32.69 28.15
CA GLY C 169 -35.88 -31.95 29.36
C GLY C 169 -35.91 -32.79 30.63
N ALA C 170 -36.53 -33.95 30.53
CA ALA C 170 -36.67 -34.84 31.68
C ALA C 170 -35.32 -35.36 32.14
N GLN C 171 -34.36 -35.41 31.23
CA GLN C 171 -33.03 -35.90 31.56
C GLN C 171 -32.13 -34.76 32.01
N GLY C 172 -32.69 -33.56 32.10
CA GLY C 172 -31.92 -32.41 32.56
C GLY C 172 -30.80 -32.01 31.61
N ARG C 173 -30.98 -32.31 30.33
CA ARG C 173 -30.04 -31.92 29.30
C ARG C 173 -30.65 -30.86 28.38
N SER C 174 -29.97 -29.72 28.20
CA SER C 174 -30.58 -28.60 27.48
C SER C 174 -30.66 -28.79 25.97
N GLY C 175 -31.41 -27.92 25.30
CA GLY C 175 -31.50 -27.96 23.85
C GLY C 175 -30.68 -26.86 23.19
N ARG C 176 -29.74 -26.27 23.93
CA ARG C 176 -28.93 -25.20 23.37
C ARG C 176 -27.98 -25.75 22.31
N THR C 177 -27.69 -24.95 21.28
CA THR C 177 -26.72 -25.30 20.25
C THR C 177 -25.51 -24.35 20.28
N LEU C 178 -24.34 -24.83 19.88
CA LEU C 178 -23.15 -23.98 19.81
C LEU C 178 -23.39 -22.76 18.92
N THR C 179 -22.94 -21.60 19.40
CA THR C 179 -23.25 -20.35 18.75
C THR C 179 -22.90 -20.39 17.28
N GLY C 180 -23.80 -19.91 16.43
CA GLY C 180 -23.54 -19.85 15.00
C GLY C 180 -23.44 -21.19 14.26
N SER C 181 -23.61 -22.29 14.97
CA SER C 181 -23.41 -23.63 14.42
C SER C 181 -24.48 -24.04 13.41
N GLY C 182 -25.53 -23.25 13.31
CA GLY C 182 -26.58 -23.55 12.34
C GLY C 182 -26.19 -23.05 10.96
N PRO C 183 -27.08 -23.25 9.99
CA PRO C 183 -26.94 -22.81 8.61
C PRO C 183 -26.98 -21.30 8.50
N ALA C 184 -26.82 -20.79 7.30
CA ALA C 184 -26.73 -19.35 7.14
C ALA C 184 -28.07 -18.67 7.30
N THR C 185 -29.14 -19.46 7.22
CA THR C 185 -30.47 -18.90 7.37
C THR C 185 -30.79 -18.60 8.81
N TRP C 186 -29.89 -18.96 9.72
CA TRP C 186 -30.03 -18.57 11.12
C TRP C 186 -29.26 -17.27 11.42
N ARG C 187 -28.80 -16.59 10.37
CA ARG C 187 -28.14 -15.31 10.54
C ARG C 187 -28.97 -14.23 9.85
N HIS C 188 -29.00 -13.04 10.44
CA HIS C 188 -30.07 -12.11 10.17
C HIS C 188 -30.19 -11.70 8.72
N ASP C 189 -29.09 -11.76 7.96
CA ASP C 189 -29.12 -11.26 6.61
C ASP C 189 -28.90 -12.35 5.57
N GLY C 190 -28.86 -13.59 6.03
CA GLY C 190 -28.73 -14.75 5.16
C GLY C 190 -27.31 -15.11 4.76
N THR C 191 -26.35 -14.30 5.19
CA THR C 191 -24.95 -14.52 4.86
C THR C 191 -24.17 -14.92 6.08
N PRO C 192 -22.95 -15.43 5.88
CA PRO C 192 -22.10 -15.74 7.03
C PRO C 192 -21.73 -14.53 7.88
N ALA C 193 -21.98 -13.33 7.37
CA ALA C 193 -21.57 -12.15 8.11
C ALA C 193 -22.74 -11.63 8.95
N GLY C 194 -23.82 -12.39 8.93
CA GLY C 194 -25.00 -11.98 9.65
C GLY C 194 -24.90 -12.30 11.13
N ILE C 195 -25.70 -11.59 11.91
CA ILE C 195 -25.88 -11.85 13.32
C ILE C 195 -26.58 -13.16 13.45
N ALA C 196 -26.05 -14.06 14.29
CA ALA C 196 -26.56 -15.44 14.39
C ALA C 196 -27.41 -15.73 15.64
N ASP C 197 -28.40 -16.59 15.47
CA ASP C 197 -29.17 -17.11 16.60
C ASP C 197 -29.93 -16.03 17.37
N LEU C 198 -30.28 -14.93 16.70
CA LEU C 198 -31.18 -13.92 17.26
C LEU C 198 -32.49 -14.59 17.61
N VAL C 199 -32.88 -15.52 16.74
CA VAL C 199 -34.07 -16.35 16.90
C VAL C 199 -33.71 -17.70 17.46
N GLY C 200 -34.31 -18.07 18.59
CA GLY C 200 -34.09 -19.40 19.13
C GLY C 200 -32.83 -19.57 19.96
N ASN C 201 -32.48 -20.82 20.21
CA ASN C 201 -31.37 -21.18 21.06
C ASN C 201 -31.68 -20.74 22.49
N VAL C 202 -31.28 -19.53 22.89
CA VAL C 202 -31.71 -19.05 24.19
C VAL C 202 -32.38 -17.71 24.06
N TRP C 203 -33.34 -17.41 24.92
CA TRP C 203 -33.87 -16.05 24.99
C TRP C 203 -32.69 -15.17 25.36
N GLU C 204 -32.81 -13.87 25.11
CA GLU C 204 -31.74 -12.95 25.45
C GLU C 204 -32.27 -11.70 26.18
N TRP C 205 -31.71 -11.42 27.37
CA TRP C 205 -32.01 -10.19 28.11
C TRP C 205 -31.73 -8.95 27.26
N VAL C 206 -32.62 -7.97 27.29
CA VAL C 206 -32.30 -6.72 26.63
C VAL C 206 -32.51 -5.55 27.57
N ALA C 207 -31.75 -4.47 27.35
CA ALA C 207 -31.78 -3.29 28.22
C ALA C 207 -32.72 -2.25 27.65
N GLY C 208 -33.20 -1.37 28.52
CA GLY C 208 -33.97 -0.20 28.11
C GLY C 208 -35.47 -0.39 28.10
N LEU C 209 -35.92 -1.54 28.60
CA LEU C 209 -37.35 -1.87 28.64
C LEU C 209 -37.75 -2.55 29.94
N ARG C 210 -38.93 -2.23 30.42
CA ARG C 210 -39.42 -2.83 31.64
C ARG C 210 -40.92 -2.65 31.73
N LEU C 211 -41.56 -3.55 32.47
CA LEU C 211 -42.96 -3.38 32.84
C LEU C 211 -43.04 -3.17 34.35
N VAL C 212 -43.85 -2.19 34.75
CA VAL C 212 -44.20 -2.05 36.14
C VAL C 212 -45.71 -2.09 36.27
N GLY C 213 -46.21 -3.21 36.76
CA GLY C 213 -47.63 -3.41 36.90
C GLY C 213 -48.35 -3.26 35.57
N GLY C 214 -47.69 -3.77 34.53
CA GLY C 214 -48.20 -3.77 33.17
C GLY C 214 -47.94 -2.49 32.43
N GLU C 215 -47.53 -1.45 33.14
CA GLU C 215 -47.21 -0.18 32.51
C GLU C 215 -45.89 -0.33 31.76
N ILE C 216 -45.89 0.13 30.51
CA ILE C 216 -44.75 0.02 29.63
C ILE C 216 -43.80 1.16 29.92
N GLN C 217 -42.53 0.82 30.12
CA GLN C 217 -41.53 1.84 30.40
C GLN C 217 -40.27 1.58 29.59
N ILE C 218 -39.62 2.66 29.18
CA ILE C 218 -38.39 2.57 28.38
C ILE C 218 -37.30 3.55 28.84
N ILE C 219 -36.06 3.23 28.50
CA ILE C 219 -35.01 4.24 28.53
C ILE C 219 -35.02 4.89 27.14
N PRO C 220 -35.20 6.20 27.07
CA PRO C 220 -35.33 6.95 25.81
C PRO C 220 -34.18 6.72 24.85
N ASP C 221 -34.45 6.84 23.56
CA ASP C 221 -33.44 6.68 22.50
C ASP C 221 -32.64 5.39 22.73
N ASN C 222 -31.33 5.45 22.51
CA ASN C 222 -30.48 4.29 22.81
C ASN C 222 -29.64 4.56 24.03
N ASP C 223 -30.13 5.44 24.90
CA ASP C 223 -29.40 5.82 26.12
C ASP C 223 -29.16 4.61 27.00
N ALA C 224 -29.84 3.51 26.70
CA ALA C 224 -29.62 2.32 27.48
C ALA C 224 -28.23 1.75 27.22
N ALA C 225 -27.55 2.31 26.22
CA ALA C 225 -26.27 1.77 25.78
C ALA C 225 -25.15 2.29 26.66
N PHE C 226 -25.33 3.48 27.24
CA PHE C 226 -24.37 4.02 28.21
C PHE C 226 -24.16 3.10 29.41
N ALA C 227 -22.94 3.05 29.92
CA ALA C 227 -22.65 2.18 31.05
C ALA C 227 -23.04 2.84 32.37
N SER C 228 -23.40 4.11 32.28
CA SER C 228 -23.69 4.86 33.48
C SER C 228 -25.19 5.00 33.70
N THR C 229 -25.99 4.67 32.69
CA THR C 229 -27.41 4.95 32.89
C THR C 229 -28.02 3.88 33.79
N ASP C 230 -28.73 4.39 34.79
CA ASP C 230 -29.31 3.60 35.86
C ASP C 230 -30.56 2.89 35.41
N MSE C 231 -30.51 1.57 35.35
CA MSE C 231 -31.69 0.79 34.98
C MSE C 231 -32.11 -0.14 36.10
O MSE C 231 -32.74 -1.16 35.85
CB MSE C 231 -31.45 0.01 33.71
CG MSE C 231 -31.47 0.91 32.49
SE MSE C 231 -30.91 0.04 30.85
CE MSE C 231 -29.03 -0.28 31.30
N SER C 232 -31.81 0.25 37.33
CA SER C 232 -32.34 -0.45 38.50
C SER C 232 -33.84 -0.17 38.67
N ALA C 233 -34.45 -0.87 39.62
CA ALA C 233 -35.88 -0.72 39.86
C ALA C 233 -36.25 0.71 40.25
N SER C 234 -35.36 1.35 41.01
CA SER C 234 -35.63 2.69 41.53
C SER C 234 -35.31 3.83 40.59
N SER C 235 -34.76 3.52 39.41
CA SER C 235 -34.26 4.58 38.54
C SER C 235 -35.33 5.55 38.06
N PRO C 236 -35.02 6.84 38.14
CA PRO C 236 -35.93 7.90 37.68
C PRO C 236 -35.87 8.07 36.18
N LEU C 237 -35.01 7.29 35.52
CA LEU C 237 -34.79 7.40 34.08
C LEU C 237 -35.90 6.76 33.26
N TRP C 238 -36.54 5.73 33.81
CA TRP C 238 -37.61 5.04 33.12
C TRP C 238 -38.77 5.98 32.84
N LYS C 239 -39.25 5.94 31.60
CA LYS C 239 -40.36 6.75 31.16
C LYS C 239 -41.49 5.88 30.65
N ALA C 240 -42.72 6.35 30.83
CA ALA C 240 -43.90 5.66 30.32
C ALA C 240 -44.41 6.43 29.12
N ILE C 241 -45.41 5.87 28.44
CA ILE C 241 -45.84 6.42 27.16
C ILE C 241 -47.33 6.73 27.19
N ARG C 242 -47.70 7.89 26.63
CA ARG C 242 -48.98 8.52 26.95
C ARG C 242 -50.24 8.10 26.17
N ALA C 243 -50.10 7.28 25.14
CA ALA C 243 -51.28 6.75 24.46
C ALA C 243 -51.99 7.77 23.56
N SER C 244 -52.23 8.96 24.10
CA SER C 244 -52.85 9.99 23.29
C SER C 244 -51.83 10.59 22.30
N ASP C 245 -50.63 10.92 22.75
CA ASP C 245 -49.60 11.48 21.85
C ASP C 245 -48.29 10.74 21.87
N GLY C 246 -48.21 9.66 22.63
CA GLY C 246 -46.99 8.88 22.71
C GLY C 246 -45.85 9.65 23.36
N ALA C 247 -46.21 10.67 24.13
CA ALA C 247 -45.21 11.47 24.81
C ALA C 247 -44.56 10.69 25.96
N LEU C 248 -43.27 10.92 26.18
CA LEU C 248 -42.62 10.29 27.33
C LEU C 248 -42.99 11.06 28.57
N VAL C 249 -43.49 10.32 29.55
CA VAL C 249 -43.98 10.90 30.79
C VAL C 249 -43.55 10.10 31.99
N SER C 250 -43.80 10.66 33.16
CA SER C 250 -43.41 10.03 34.41
C SER C 250 -44.28 8.81 34.70
N PRO C 251 -43.65 7.70 35.12
CA PRO C 251 -44.42 6.49 35.43
C PRO C 251 -45.54 6.76 36.41
N GLY C 252 -46.70 6.19 36.15
CA GLY C 252 -47.84 6.40 37.02
C GLY C 252 -48.71 7.54 36.54
N THR C 253 -48.20 8.32 35.60
CA THR C 253 -48.97 9.40 34.99
C THR C 253 -50.27 8.85 34.41
N SER C 254 -51.25 9.71 34.20
CA SER C 254 -52.61 9.24 34.04
C SER C 254 -52.87 8.33 32.84
N GLY C 255 -52.67 8.81 31.62
CA GLY C 255 -53.10 8.05 30.46
C GLY C 255 -52.10 7.10 29.79
N THR C 256 -51.17 6.55 30.56
CA THR C 256 -50.08 5.75 30.02
C THR C 256 -50.51 4.36 29.59
N LEU C 257 -49.80 3.86 28.58
CA LEU C 257 -50.04 2.56 27.96
C LEU C 257 -49.60 1.38 28.82
N LYS C 258 -50.42 0.33 28.81
CA LYS C 258 -50.18 -0.85 29.63
C LYS C 258 -50.55 -2.14 28.91
N TYR C 259 -49.79 -3.19 29.17
CA TYR C 259 -50.17 -4.53 28.76
C TYR C 259 -51.10 -5.05 29.85
N ASP C 260 -52.21 -5.62 29.45
CA ASP C 260 -53.24 -6.04 30.37
C ASP C 260 -53.72 -7.40 29.93
N ILE C 261 -54.31 -8.16 30.83
CA ILE C 261 -55.03 -9.35 30.42
C ILE C 261 -56.28 -8.93 29.65
N ASN C 262 -56.87 -9.89 28.93
CA ASN C 262 -58.02 -9.64 28.08
C ASN C 262 -59.28 -9.21 28.85
N PRO C 263 -60.01 -8.23 28.32
CA PRO C 263 -61.25 -7.82 28.99
C PRO C 263 -62.20 -8.99 29.24
N ASN C 264 -62.23 -9.99 28.36
CA ASN C 264 -63.14 -11.12 28.55
C ASN C 264 -62.57 -12.21 29.44
N LYS C 265 -61.53 -11.90 30.22
CA LYS C 265 -61.04 -12.87 31.17
C LYS C 265 -60.81 -12.12 32.46
N SER C 266 -60.52 -12.85 33.54
CA SER C 266 -60.30 -12.24 34.85
C SER C 266 -59.27 -13.06 35.61
N TYR C 267 -58.52 -12.41 36.47
CA TYR C 267 -57.51 -13.15 37.21
C TYR C 267 -58.19 -14.18 38.08
N SER C 268 -57.67 -15.39 38.06
CA SER C 268 -58.20 -16.45 38.89
C SER C 268 -57.23 -16.80 39.99
N ASN C 269 -57.53 -16.40 41.23
CA ASN C 269 -56.61 -16.73 42.32
C ASN C 269 -56.70 -18.18 42.74
N ASP C 270 -56.50 -19.10 41.77
CA ASP C 270 -56.65 -20.53 42.01
C ASP C 270 -55.31 -21.25 42.12
N ASN C 271 -54.26 -20.49 42.40
CA ASN C 271 -52.89 -21.00 42.40
C ASN C 271 -52.59 -21.88 41.21
N THR C 272 -53.09 -21.47 40.05
CA THR C 272 -52.88 -22.22 38.82
C THR C 272 -52.72 -21.23 37.68
N ILE C 273 -51.68 -21.42 36.88
CA ILE C 273 -51.33 -20.47 35.83
C ILE C 273 -52.21 -20.61 34.60
N GLN C 274 -52.84 -19.50 34.24
CA GLN C 274 -53.66 -19.41 33.03
C GLN C 274 -53.18 -18.26 32.15
N ASP C 275 -53.23 -18.48 30.85
CA ASP C 275 -53.03 -17.42 29.89
C ASP C 275 -54.36 -16.70 29.76
N LEU C 276 -54.43 -15.47 30.23
CA LEU C 276 -55.73 -14.84 30.32
C LEU C 276 -56.02 -13.97 29.10
N GLY C 277 -56.26 -14.67 27.99
CA GLY C 277 -56.94 -14.10 26.84
C GLY C 277 -55.91 -13.33 26.10
N PRO C 278 -56.22 -12.93 24.86
CA PRO C 278 -55.32 -12.16 24.01
C PRO C 278 -54.79 -10.93 24.74
N LEU C 279 -53.47 -10.84 24.82
CA LEU C 279 -52.81 -9.74 25.48
C LEU C 279 -53.35 -8.42 24.94
N THR C 280 -53.63 -7.49 25.83
CA THR C 280 -54.26 -6.26 25.40
C THR C 280 -53.46 -5.02 25.75
N LEU C 281 -53.49 -4.05 24.84
CA LEU C 281 -52.81 -2.78 25.02
C LEU C 281 -53.78 -1.63 25.16
N HIS C 282 -53.98 -1.13 26.38
CA HIS C 282 -54.74 0.09 26.58
C HIS C 282 -54.15 0.85 27.74
N THR C 283 -54.95 1.75 28.33
CA THR C 283 -54.47 2.62 29.38
C THR C 283 -54.86 2.17 30.79
N THR C 284 -55.29 0.93 30.95
CA THR C 284 -55.69 0.43 32.27
C THR C 284 -55.21 -0.96 32.53
N THR C 285 -55.24 -1.37 33.77
CA THR C 285 -54.81 -2.71 34.10
C THR C 285 -55.83 -3.31 35.10
N GLN C 286 -56.38 -4.47 34.79
CA GLN C 286 -57.25 -5.15 35.74
C GLN C 286 -56.50 -5.43 37.02
N THR C 287 -57.12 -5.09 38.15
CA THR C 287 -56.49 -5.28 39.45
C THR C 287 -56.26 -6.74 39.81
N PRO C 288 -54.99 -7.10 40.01
CA PRO C 288 -54.58 -8.44 40.38
C PRO C 288 -54.95 -8.74 41.81
N PRO C 289 -55.08 -10.04 42.13
CA PRO C 289 -55.26 -10.57 43.48
C PRO C 289 -54.32 -9.92 44.48
N ALA C 290 -54.74 -9.83 45.72
CA ALA C 290 -53.94 -9.09 46.68
C ALA C 290 -52.62 -9.80 46.94
N GLY C 291 -51.55 -9.01 46.98
CA GLY C 291 -50.26 -9.55 47.36
C GLY C 291 -49.42 -10.09 46.23
N TRP C 292 -49.94 -10.04 45.02
CA TRP C 292 -49.19 -10.41 43.84
C TRP C 292 -48.17 -9.36 43.48
N ASP C 293 -46.90 -9.71 43.46
CA ASP C 293 -45.89 -8.74 43.07
C ASP C 293 -44.87 -9.33 42.10
N SER C 294 -43.67 -8.77 42.11
CA SER C 294 -42.63 -9.19 41.20
C SER C 294 -42.21 -10.62 41.49
N ASN C 295 -42.61 -11.17 42.61
CA ASN C 295 -42.15 -12.51 42.92
C ASN C 295 -43.25 -13.56 42.77
N THR C 296 -44.40 -13.11 42.29
CA THR C 296 -45.52 -14.00 41.96
C THR C 296 -45.36 -14.54 40.52
N TYR C 297 -45.37 -15.86 40.37
CA TYR C 297 -45.32 -16.46 39.03
C TYR C 297 -46.65 -17.14 38.71
N GLN C 298 -47.64 -16.31 38.39
CA GLN C 298 -49.00 -16.78 38.21
C GLN C 298 -49.58 -16.32 36.90
N ASP C 299 -50.88 -16.02 36.88
CA ASP C 299 -51.58 -15.77 35.62
C ASP C 299 -50.89 -14.72 34.77
N TYR C 300 -50.94 -14.90 33.45
CA TYR C 300 -50.33 -13.95 32.52
C TYR C 300 -51.19 -13.76 31.30
N ALA C 301 -50.64 -13.09 30.28
CA ALA C 301 -51.38 -12.88 29.04
C ALA C 301 -50.43 -12.87 27.86
N SER C 302 -50.80 -13.59 26.81
CA SER C 302 -49.96 -13.70 25.62
C SER C 302 -50.73 -13.39 24.34
N ALA C 303 -50.01 -13.33 23.23
CA ALA C 303 -50.53 -13.01 21.90
C ALA C 303 -49.42 -13.02 20.87
N LEU C 304 -49.72 -13.47 19.66
CA LEU C 304 -48.76 -13.28 18.58
C LEU C 304 -48.58 -11.80 18.38
N TYR C 305 -47.35 -11.36 18.12
CA TYR C 305 -47.03 -9.95 17.93
C TYR C 305 -48.03 -9.28 17.01
N LYS C 306 -48.43 -9.99 15.96
CA LYS C 306 -49.36 -9.44 14.96
C LYS C 306 -50.75 -9.29 15.52
N ASP C 307 -51.04 -10.06 16.57
CA ASP C 307 -52.39 -10.18 17.12
C ASP C 307 -52.64 -9.43 18.43
N LEU C 308 -51.67 -8.63 18.86
CA LEU C 308 -51.85 -7.84 20.08
C LEU C 308 -53.13 -7.03 19.97
N VAL C 309 -53.98 -7.12 20.99
CA VAL C 309 -55.25 -6.43 20.89
C VAL C 309 -55.11 -5.00 21.33
N VAL C 310 -55.44 -4.08 20.43
CA VAL C 310 -55.46 -2.67 20.78
C VAL C 310 -56.79 -2.24 21.42
N GLY C 311 -56.74 -1.56 22.56
CA GLY C 311 -57.92 -1.07 23.24
C GLY C 311 -58.71 -0.14 22.35
N THR C 312 -60.03 -0.06 22.55
CA THR C 312 -60.95 0.52 21.57
C THR C 312 -60.71 1.99 21.26
N GLY C 313 -60.35 2.78 22.26
CA GLY C 313 -60.15 4.18 21.94
C GLY C 313 -58.78 4.49 21.37
N ILE C 314 -57.89 3.53 21.47
CA ILE C 314 -56.47 3.81 21.42
C ILE C 314 -55.88 3.86 20.03
N THR C 315 -55.07 4.88 19.79
CA THR C 315 -54.22 4.92 18.61
C THR C 315 -52.79 4.62 18.99
N VAL C 316 -52.30 3.46 18.57
CA VAL C 316 -50.95 3.04 18.93
C VAL C 316 -49.88 4.01 18.43
N PRO C 317 -49.18 4.68 19.36
CA PRO C 317 -48.14 5.65 19.00
C PRO C 317 -47.02 4.98 18.21
N ASN C 318 -46.44 5.66 17.24
CA ASN C 318 -45.40 5.04 16.42
C ASN C 318 -44.20 4.57 17.24
N LEU C 319 -43.90 5.29 18.32
CA LEU C 319 -42.81 4.90 19.18
C LEU C 319 -42.88 3.41 19.54
N LEU C 320 -44.09 2.91 19.76
CA LEU C 320 -44.23 1.50 20.15
C LEU C 320 -43.94 0.56 18.99
N LYS C 321 -44.35 0.93 17.79
CA LYS C 321 -44.06 0.15 16.60
C LYS C 321 -42.54 0.15 16.35
N VAL C 322 -41.96 1.33 16.42
CA VAL C 322 -40.55 1.48 16.22
C VAL C 322 -39.72 0.69 17.24
N LEU C 323 -40.25 0.48 18.44
CA LEU C 323 -39.51 -0.23 19.47
C LEU C 323 -39.99 -1.66 19.62
N MSE C 324 -40.79 -2.09 18.66
CA MSE C 324 -41.24 -3.48 18.58
C MSE C 324 -42.08 -3.92 19.78
O MSE C 324 -41.96 -5.05 20.23
CB MSE C 324 -40.03 -4.38 18.43
CG MSE C 324 -39.30 -4.21 17.11
SE MSE C 324 -40.12 -5.27 15.71
CE MSE C 324 -39.17 -6.93 15.91
N LEU C 325 -42.93 -3.03 20.29
CA LEU C 325 -43.76 -3.26 21.47
C LEU C 325 -45.23 -3.41 21.05
N ALA C 326 -45.50 -3.02 19.81
CA ALA C 326 -46.81 -3.19 19.20
C ALA C 326 -46.62 -3.34 17.70
N PRO C 327 -47.40 -4.23 17.10
CA PRO C 327 -47.08 -4.67 15.74
C PRO C 327 -47.25 -3.58 14.71
N HIS C 328 -46.42 -3.63 13.66
CA HIS C 328 -46.54 -2.67 12.55
C HIS C 328 -46.98 -3.34 11.26
N THR C 329 -47.12 -4.66 11.23
CA THR C 329 -47.44 -5.24 9.93
C THR C 329 -48.44 -6.39 9.83
N THR C 330 -48.46 -7.29 10.79
CA THR C 330 -49.31 -8.50 10.65
C THR C 330 -48.90 -9.44 9.52
N SER C 331 -47.88 -9.09 8.74
CA SER C 331 -47.32 -10.07 7.80
C SER C 331 -46.39 -11.05 8.55
N ILE C 332 -46.11 -10.73 9.81
CA ILE C 332 -45.29 -11.54 10.68
C ILE C 332 -46.14 -12.54 11.50
N THR C 333 -45.92 -13.81 11.24
CA THR C 333 -46.75 -14.91 11.73
C THR C 333 -46.10 -15.72 12.86
N LYS C 334 -44.94 -15.24 13.28
CA LYS C 334 -44.19 -15.86 14.35
C LYS C 334 -43.82 -14.84 15.39
N GLY C 335 -43.41 -15.30 16.56
CA GLY C 335 -42.99 -14.40 17.61
C GLY C 335 -44.15 -13.94 18.47
N ARG C 336 -44.14 -14.45 19.69
CA ARG C 336 -45.24 -14.23 20.60
C ARG C 336 -44.85 -13.25 21.71
N LEU C 337 -45.84 -12.47 22.16
CA LEU C 337 -45.71 -11.52 23.26
C LEU C 337 -46.30 -12.08 24.52
N TYR C 338 -45.54 -12.06 25.61
CA TYR C 338 -46.01 -12.46 26.92
C TYR C 338 -45.90 -11.31 27.94
N ALA C 339 -46.84 -11.19 28.88
CA ALA C 339 -46.75 -10.16 29.92
C ALA C 339 -47.53 -10.52 31.20
N ARG C 340 -46.91 -10.31 32.37
CA ARG C 340 -47.59 -10.34 33.67
C ARG C 340 -47.76 -8.91 34.15
N PRO C 341 -48.99 -8.38 34.07
CA PRO C 341 -49.20 -6.95 34.37
C PRO C 341 -49.16 -6.64 35.87
N TYR C 342 -48.34 -7.35 36.62
CA TYR C 342 -48.16 -7.06 38.03
C TYR C 342 -46.68 -7.23 38.42
N GLY C 343 -46.17 -6.29 39.18
CA GLY C 343 -44.78 -6.36 39.58
C GLY C 343 -43.83 -5.75 38.55
N GLU C 344 -42.54 -5.87 38.81
CA GLU C 344 -41.56 -5.41 37.84
C GLU C 344 -41.15 -6.54 36.93
N ARG C 345 -41.27 -6.32 35.64
CA ARG C 345 -40.86 -7.33 34.68
C ARG C 345 -39.81 -6.78 33.71
N LEU C 346 -38.76 -7.57 33.51
CA LEU C 346 -37.72 -7.21 32.59
C LEU C 346 -37.74 -8.15 31.40
N PRO C 347 -37.41 -7.62 30.21
CA PRO C 347 -37.67 -8.30 28.94
C PRO C 347 -36.57 -9.26 28.49
N ILE C 348 -36.99 -10.38 27.90
CA ILE C 348 -36.06 -11.23 27.17
C ILE C 348 -36.62 -11.44 25.76
N ARG C 349 -35.77 -11.46 24.73
CA ARG C 349 -36.27 -11.50 23.34
C ARG C 349 -35.77 -12.71 22.58
N GLY C 350 -36.43 -13.02 21.48
CA GLY C 350 -35.96 -13.99 20.51
C GLY C 350 -36.44 -15.43 20.60
N GLY C 351 -36.84 -15.86 21.79
CA GLY C 351 -37.28 -17.23 22.00
C GLY C 351 -36.10 -18.17 22.11
N ASP C 352 -36.33 -19.37 22.66
CA ASP C 352 -35.28 -20.36 22.81
C ASP C 352 -35.62 -21.68 22.10
N TRP C 353 -34.85 -22.72 22.41
CA TRP C 353 -34.87 -23.95 21.65
C TRP C 353 -36.18 -24.70 21.68
N GLY C 354 -36.99 -24.42 22.70
CA GLY C 354 -38.20 -25.18 22.95
C GLY C 354 -39.47 -24.46 22.60
N ASN C 355 -39.35 -23.16 22.38
CA ASN C 355 -40.48 -22.38 21.90
C ASN C 355 -40.59 -22.83 20.47
N GLY C 356 -41.66 -22.57 19.78
CA GLY C 356 -41.62 -23.09 18.43
C GLY C 356 -41.67 -21.87 17.59
N GLY C 357 -42.84 -21.68 17.00
CA GLY C 357 -43.16 -20.44 16.34
C GLY C 357 -43.38 -19.34 17.36
N VAL C 358 -43.25 -19.68 18.63
CA VAL C 358 -43.28 -18.65 19.66
C VAL C 358 -42.06 -17.78 19.50
N ALA C 359 -40.95 -18.42 19.14
CA ALA C 359 -39.70 -17.73 18.92
C ALA C 359 -39.74 -16.86 17.67
N GLY C 360 -38.79 -15.93 17.55
CA GLY C 360 -38.71 -15.06 16.39
C GLY C 360 -38.28 -13.65 16.68
N LEU C 361 -38.07 -12.84 15.64
CA LEU C 361 -37.61 -11.49 15.85
C LEU C 361 -38.55 -10.71 16.76
N ALA C 362 -39.82 -11.08 16.74
CA ALA C 362 -40.85 -10.29 17.41
C ALA C 362 -41.18 -10.81 18.79
N ALA C 363 -40.64 -11.98 19.13
CA ALA C 363 -40.87 -12.61 20.44
C ALA C 363 -40.40 -11.77 21.62
N LEU C 364 -41.32 -11.50 22.53
CA LEU C 364 -41.04 -10.67 23.68
C LEU C 364 -41.71 -11.26 24.93
N TYR C 365 -40.89 -11.60 25.90
CA TYR C 365 -41.33 -12.34 27.06
C TYR C 365 -41.13 -11.53 28.34
N LEU C 366 -42.24 -11.01 28.87
CA LEU C 366 -42.22 -10.19 30.08
C LEU C 366 -42.88 -10.85 31.29
N LEU C 367 -42.61 -12.12 31.53
CA LEU C 367 -43.22 -12.80 32.68
C LEU C 367 -42.28 -12.82 33.87
N ASN C 368 -41.02 -12.53 33.64
CA ASN C 368 -40.04 -12.63 34.71
C ASN C 368 -39.57 -11.33 35.31
N PRO C 369 -39.19 -11.37 36.59
CA PRO C 369 -38.51 -10.25 37.23
C PRO C 369 -37.01 -10.36 36.98
N ARG C 370 -36.32 -9.27 37.20
CA ARG C 370 -34.90 -9.17 36.90
C ARG C 370 -34.05 -10.20 37.60
N GLY C 371 -34.59 -10.85 38.60
CA GLY C 371 -33.79 -11.73 39.42
C GLY C 371 -33.72 -13.12 38.88
N SER C 372 -34.56 -13.37 37.88
CA SER C 372 -34.74 -14.69 37.33
C SER C 372 -33.49 -15.27 36.64
N ARG C 373 -33.18 -16.53 36.93
CA ARG C 373 -32.13 -17.24 36.20
C ARG C 373 -32.71 -18.51 35.60
N ARG C 374 -32.63 -18.67 34.27
CA ARG C 374 -33.17 -19.84 33.58
C ARG C 374 -32.13 -20.41 32.63
N TRP C 375 -32.22 -21.71 32.37
CA TRP C 375 -31.22 -22.37 31.53
C TRP C 375 -31.44 -22.05 30.07
N GLY C 376 -32.57 -21.44 29.73
CA GLY C 376 -32.85 -21.09 28.35
C GLY C 376 -32.90 -19.58 28.14
N VAL C 377 -32.34 -18.84 29.08
CA VAL C 377 -32.28 -17.40 28.96
C VAL C 377 -30.84 -16.97 29.12
N GLY C 378 -30.37 -16.12 28.19
CA GLY C 378 -29.00 -15.64 28.22
C GLY C 378 -28.90 -14.19 27.79
N ALA C 379 -27.79 -13.80 27.16
CA ALA C 379 -27.58 -12.41 26.78
C ALA C 379 -26.47 -12.27 25.75
N ARG C 380 -26.35 -11.09 25.13
CA ARG C 380 -25.25 -10.85 24.22
C ARG C 380 -24.81 -9.38 24.22
N PRO C 381 -23.50 -9.15 24.01
CA PRO C 381 -22.96 -7.79 24.04
C PRO C 381 -23.22 -7.05 22.76
N ALA C 382 -23.16 -5.72 22.88
CA ALA C 382 -23.21 -4.82 21.75
C ALA C 382 -22.22 -3.67 21.97
N PHE C 383 -21.97 -2.87 20.94
CA PHE C 383 -20.94 -1.84 21.09
C PHE C 383 -21.25 -0.55 20.36
N VAL C 384 -21.05 0.60 21.02
CA VAL C 384 -21.25 1.89 20.35
C VAL C 384 -20.21 2.91 20.79
N LEU C 385 -19.59 3.61 19.82
CA LEU C 385 -18.54 4.61 20.07
C LEU C 385 -17.17 4.04 20.35
N ILE D 6 15.44 12.75 6.28
CA ILE D 6 15.24 11.34 5.95
C ILE D 6 14.59 11.23 4.56
N PHE D 7 14.23 12.39 4.02
CA PHE D 7 13.59 12.53 2.73
C PHE D 7 14.71 12.74 1.74
N SER D 8 14.63 12.17 0.54
CA SER D 8 15.70 12.46 -0.42
C SER D 8 15.15 13.14 -1.67
N VAL D 9 15.70 14.33 -1.96
CA VAL D 9 15.28 15.12 -3.10
C VAL D 9 15.71 14.46 -4.42
N LYS D 10 16.93 13.92 -4.44
CA LYS D 10 17.41 13.24 -5.64
C LYS D 10 16.53 12.04 -5.98
N ASP D 11 16.06 11.30 -4.97
CA ASP D 11 15.23 10.13 -5.26
C ASP D 11 13.80 10.56 -5.60
N SER D 12 13.36 11.65 -4.99
CA SER D 12 12.02 12.18 -5.23
C SER D 12 11.85 12.58 -6.69
N LEU D 13 12.89 13.19 -7.26
CA LEU D 13 12.93 13.52 -8.67
C LEU D 13 12.82 12.25 -9.54
N ARG D 14 13.61 11.23 -9.18
CA ARG D 14 13.61 9.93 -9.84
C ARG D 14 12.17 9.41 -9.91
N GLN D 15 11.48 9.53 -8.77
CA GLN D 15 10.08 9.11 -8.66
C GLN D 15 9.13 9.93 -9.55
N ALA D 16 9.35 11.26 -9.56
CA ALA D 16 8.54 12.17 -10.37
C ALA D 16 8.64 11.89 -11.86
N VAL D 17 9.88 11.66 -12.32
CA VAL D 17 10.13 11.33 -13.72
C VAL D 17 9.45 10.02 -14.12
N GLU D 18 9.58 9.00 -13.27
CA GLU D 18 8.98 7.67 -13.53
C GLU D 18 7.45 7.74 -13.59
N ALA D 19 6.89 8.44 -12.62
CA ALA D 19 5.46 8.62 -12.56
C ALA D 19 4.97 9.33 -13.80
N ALA D 20 5.49 10.53 -14.06
CA ALA D 20 5.05 11.35 -15.19
C ALA D 20 5.20 10.63 -16.55
N SER D 21 6.10 9.66 -16.60
CA SER D 21 6.50 9.03 -17.86
C SER D 21 5.96 7.62 -18.05
N GLY D 22 4.99 7.21 -17.22
CA GLY D 22 4.40 5.89 -17.32
C GLY D 22 5.40 4.75 -17.16
N GLY D 23 6.50 5.04 -16.47
CA GLY D 23 7.53 4.04 -16.23
C GLY D 23 8.50 3.92 -17.38
N LEU D 24 8.29 4.73 -18.41
CA LEU D 24 9.13 4.69 -19.61
C LEU D 24 10.48 5.35 -19.35
N CYS D 25 10.51 6.38 -18.49
CA CYS D 25 11.75 7.08 -18.14
C CYS D 25 12.13 6.98 -16.67
N THR D 26 13.41 7.18 -16.37
CA THR D 26 13.86 7.30 -14.99
C THR D 26 15.02 8.28 -14.88
N VAL D 27 15.54 8.45 -13.67
CA VAL D 27 16.75 9.23 -13.43
C VAL D 27 17.78 8.45 -12.62
N MSE D 28 18.83 7.96 -13.27
CA MSE D 28 19.88 7.25 -12.54
C MSE D 28 20.97 8.21 -12.11
O MSE D 28 21.12 9.29 -12.70
CB MSE D 28 20.48 6.12 -13.38
CG MSE D 28 19.46 5.07 -13.76
SE MSE D 28 20.20 3.55 -14.70
CE MSE D 28 18.58 2.90 -15.58
N TYR D 29 21.73 7.84 -11.09
CA TYR D 29 22.74 8.75 -10.55
C TYR D 29 24.15 8.19 -10.67
N THR D 30 25.06 9.08 -11.03
CA THR D 30 26.44 8.75 -11.30
C THR D 30 27.22 8.62 -9.99
N LYS D 31 28.44 8.09 -10.06
CA LYS D 31 29.34 8.03 -8.92
C LYS D 31 29.39 9.36 -8.16
N LYS D 32 29.36 10.47 -8.90
CA LYS D 32 29.42 11.80 -8.31
C LYS D 32 28.02 12.36 -7.98
N GLY D 33 27.02 11.49 -8.02
CA GLY D 33 25.67 11.83 -7.58
C GLY D 33 24.89 12.79 -8.45
N GLN D 34 25.13 12.74 -9.76
CA GLN D 34 24.44 13.59 -10.73
C GLN D 34 23.33 12.86 -11.51
N PRO D 35 22.30 13.60 -11.94
CA PRO D 35 21.15 13.00 -12.61
C PRO D 35 21.38 12.64 -14.09
N VAL D 36 20.94 11.45 -14.50
CA VAL D 36 20.97 11.07 -15.92
C VAL D 36 19.57 10.59 -16.36
N PHE D 37 18.86 11.44 -17.09
CA PHE D 37 17.56 11.08 -17.63
C PHE D 37 17.71 10.00 -18.70
N LEU D 38 17.02 8.89 -18.48
CA LEU D 38 17.10 7.74 -19.39
C LEU D 38 15.72 7.23 -19.79
N ARG D 39 15.63 6.74 -21.02
CA ARG D 39 14.41 6.19 -21.58
C ARG D 39 14.67 4.75 -21.92
N ARG D 40 13.80 3.85 -21.51
CA ARG D 40 14.03 2.43 -21.75
C ARG D 40 13.46 2.00 -23.10
N ILE D 41 14.22 1.16 -23.81
CA ILE D 41 13.73 0.56 -25.03
C ILE D 41 13.86 -0.94 -24.87
N PRO D 42 12.73 -1.64 -24.75
CA PRO D 42 12.75 -3.07 -24.46
C PRO D 42 13.24 -3.86 -25.66
N ARG D 43 13.89 -4.97 -25.41
CA ARG D 43 14.42 -5.81 -26.47
C ARG D 43 13.37 -6.10 -27.52
N PHE D 44 13.78 -6.05 -28.79
CA PHE D 44 12.93 -6.47 -29.89
C PHE D 44 13.70 -7.35 -30.88
N ASN D 45 12.94 -8.03 -31.75
CA ASN D 45 13.52 -8.94 -32.73
C ASN D 45 13.54 -8.38 -34.13
N LEU D 46 14.50 -8.86 -34.93
CA LEU D 46 14.65 -8.36 -36.28
C LEU D 46 13.36 -8.65 -37.06
N GLU D 47 12.77 -9.82 -36.85
CA GLU D 47 11.57 -10.23 -37.59
C GLU D 47 10.37 -9.34 -37.29
N ASP D 48 10.44 -8.62 -36.16
CA ASP D 48 9.38 -7.68 -35.78
C ASP D 48 9.47 -6.38 -36.57
N ILE D 49 10.65 -6.07 -37.08
CA ILE D 49 10.82 -4.89 -37.91
C ILE D 49 10.42 -5.25 -39.33
N ASP D 50 10.94 -6.38 -39.81
CA ASP D 50 10.63 -6.93 -41.13
C ASP D 50 11.32 -8.29 -41.23
N PRO D 51 10.54 -9.37 -41.42
CA PRO D 51 11.09 -10.74 -41.39
C PRO D 51 12.22 -10.97 -42.40
N SER D 52 12.33 -10.10 -43.40
CA SER D 52 13.36 -10.20 -44.44
C SER D 52 14.71 -9.57 -44.03
N LEU D 53 14.79 -9.06 -42.80
CA LEU D 53 16.04 -8.56 -42.25
C LEU D 53 16.73 -9.65 -41.45
N GLY D 54 16.07 -10.79 -41.34
CA GLY D 54 16.57 -11.93 -40.58
C GLY D 54 15.75 -12.18 -39.34
N THR D 55 16.37 -12.82 -38.36
CA THR D 55 15.69 -13.15 -37.11
C THR D 55 16.61 -12.97 -35.91
N GLY D 56 16.03 -13.10 -34.72
CA GLY D 56 16.80 -13.01 -33.48
C GLY D 56 16.83 -11.64 -32.84
N PRO D 57 17.49 -11.54 -31.67
CA PRO D 57 17.57 -10.27 -30.96
C PRO D 57 18.34 -9.27 -31.80
N HIS D 58 17.97 -8.00 -31.73
CA HIS D 58 18.78 -6.97 -32.35
C HIS D 58 20.09 -6.88 -31.57
N PRO D 59 21.21 -6.65 -32.27
CA PRO D 59 22.54 -6.61 -31.66
C PRO D 59 22.63 -5.66 -30.46
N ALA D 60 21.80 -4.62 -30.46
CA ALA D 60 21.80 -3.63 -29.37
C ALA D 60 21.54 -4.23 -27.99
N PHE D 61 20.87 -5.37 -27.95
CA PHE D 61 20.45 -5.97 -26.69
C PHE D 61 21.33 -7.16 -26.32
N VAL D 62 22.48 -7.26 -26.98
CA VAL D 62 23.43 -8.32 -26.70
C VAL D 62 24.75 -7.74 -26.20
N VAL D 63 25.04 -7.96 -24.93
CA VAL D 63 26.28 -7.48 -24.34
C VAL D 63 27.04 -8.61 -23.67
N GLY D 64 28.25 -8.90 -24.15
CA GLY D 64 29.04 -10.00 -23.63
C GLY D 64 28.32 -11.34 -23.73
N GLY D 65 27.74 -11.61 -24.90
CA GLY D 65 27.07 -12.88 -25.15
C GLY D 65 25.68 -13.02 -24.57
N GLU D 66 25.36 -12.19 -23.58
CA GLU D 66 24.06 -12.28 -22.92
C GLU D 66 23.03 -11.28 -23.48
N VAL D 67 21.81 -11.77 -23.70
CA VAL D 67 20.71 -10.93 -24.20
C VAL D 67 20.10 -10.09 -23.07
N LYS D 68 20.10 -8.77 -23.25
CA LYS D 68 19.62 -7.87 -22.20
C LYS D 68 18.13 -7.61 -22.32
N SER D 69 17.50 -7.36 -21.18
CA SER D 69 16.08 -7.11 -21.09
C SER D 69 15.70 -5.80 -21.80
N GLU D 70 16.59 -4.82 -21.77
CA GLU D 70 16.30 -3.51 -22.32
C GLU D 70 17.57 -2.67 -22.36
N ILE D 71 17.49 -1.53 -23.05
CA ILE D 71 18.60 -0.57 -23.01
C ILE D 71 18.08 0.78 -22.54
N TRP D 72 18.98 1.56 -21.94
CA TRP D 72 18.61 2.88 -21.45
C TRP D 72 19.40 3.95 -22.21
N ILE D 73 18.65 4.78 -22.93
CA ILE D 73 19.20 5.86 -23.74
C ILE D 73 19.07 7.20 -23.04
N GLY D 74 20.10 8.02 -23.10
CA GLY D 74 20.01 9.35 -22.55
C GLY D 74 18.83 10.03 -23.24
N GLN D 75 17.91 10.58 -22.46
CA GLN D 75 16.73 11.19 -23.06
C GLN D 75 17.08 12.46 -23.84
N PHE D 76 18.20 13.07 -23.46
CA PHE D 76 18.63 14.35 -24.02
C PHE D 76 20.07 14.31 -24.48
N PRO D 77 20.47 15.27 -25.31
CA PRO D 77 21.90 15.43 -25.63
C PRO D 77 22.73 15.52 -24.35
N GLY D 78 23.89 14.87 -24.37
CA GLY D 78 24.75 14.87 -23.20
C GLY D 78 25.28 16.24 -22.88
N ILE D 79 25.61 16.45 -21.61
CA ILE D 79 26.30 17.63 -21.15
C ILE D 79 27.42 17.16 -20.21
N VAL D 80 28.57 17.81 -20.24
CA VAL D 80 29.66 17.39 -19.37
C VAL D 80 29.74 18.27 -18.12
N SER D 81 29.49 17.68 -16.97
CA SER D 81 29.59 18.40 -15.69
C SER D 81 30.37 17.62 -14.65
N ASN D 82 31.43 18.20 -14.10
CA ASN D 82 32.35 17.45 -13.24
C ASN D 82 32.86 16.16 -13.89
N GLY D 83 33.38 16.26 -15.11
CA GLY D 83 33.70 15.06 -15.85
C GLY D 83 32.32 14.53 -16.09
N GLU D 84 32.16 13.22 -16.27
CA GLU D 84 30.86 12.59 -16.58
C GLU D 84 29.95 13.30 -17.63
N LEU D 85 29.55 12.52 -18.62
CA LEU D 85 28.59 12.97 -19.63
C LEU D 85 27.19 12.58 -19.14
N ILE D 86 26.48 13.56 -18.60
CA ILE D 86 25.17 13.29 -18.04
C ILE D 86 24.11 13.70 -19.06
N SER D 87 22.84 13.43 -18.74
CA SER D 87 21.77 13.75 -19.68
C SER D 87 20.64 14.45 -18.94
N VAL D 88 20.50 15.74 -19.17
CA VAL D 88 19.46 16.54 -18.52
C VAL D 88 18.71 17.42 -19.53
N PRO D 89 17.52 17.88 -19.16
CA PRO D 89 16.68 18.78 -19.97
C PRO D 89 17.00 20.26 -19.72
N GLY D 90 16.90 21.09 -20.75
CA GLY D 90 16.92 22.53 -20.57
C GLY D 90 18.31 23.14 -20.48
N VAL D 91 19.32 22.43 -20.99
CA VAL D 91 20.72 22.89 -20.94
C VAL D 91 21.40 22.92 -22.32
N ASP D 92 22.55 23.60 -22.38
CA ASP D 92 23.38 23.67 -23.58
C ASP D 92 24.18 22.38 -23.80
N PRO D 93 23.93 21.69 -24.93
CA PRO D 93 24.54 20.40 -25.28
C PRO D 93 26.06 20.44 -25.31
N ALA D 94 26.71 19.38 -24.83
CA ALA D 94 28.17 19.30 -24.87
C ALA D 94 28.66 19.32 -26.32
N ASN D 95 29.75 20.05 -26.56
CA ASN D 95 30.39 20.13 -27.87
C ASN D 95 31.86 20.47 -27.72
N THR D 96 32.53 20.61 -28.86
CA THR D 96 33.96 20.94 -28.84
C THR D 96 34.63 19.86 -28.00
N ILE D 97 34.19 18.63 -28.25
CA ILE D 97 34.77 17.46 -27.62
C ILE D 97 34.94 16.39 -28.68
N ASN D 98 36.01 15.62 -28.58
CA ASN D 98 36.34 14.60 -29.55
C ASN D 98 35.79 13.25 -29.12
N PHE D 99 35.99 12.25 -29.96
CA PHE D 99 35.49 10.90 -29.69
C PHE D 99 36.10 10.32 -28.42
N ASP D 100 37.40 10.52 -28.23
CA ASP D 100 38.04 9.93 -27.06
C ASP D 100 37.58 10.63 -25.79
N GLU D 101 37.38 11.94 -25.86
CA GLU D 101 36.88 12.68 -24.71
C GLU D 101 35.43 12.33 -24.33
N ALA D 102 34.56 12.23 -25.32
CA ALA D 102 33.15 11.88 -25.09
C ALA D 102 33.04 10.48 -24.48
N LEU D 103 33.75 9.53 -25.07
CA LEU D 103 33.80 8.15 -24.59
C LEU D 103 34.33 8.12 -23.14
N GLY D 104 35.28 9.01 -22.84
CA GLY D 104 35.91 9.03 -21.53
C GLY D 104 34.96 9.57 -20.48
N TYR D 105 34.32 10.68 -20.82
CA TYR D 105 33.34 11.31 -19.93
C TYR D 105 32.11 10.43 -19.66
N ALA D 106 31.66 9.69 -20.68
CA ALA D 106 30.48 8.83 -20.56
C ALA D 106 30.73 7.65 -19.60
N ARG D 107 31.91 7.06 -19.68
CA ARG D 107 32.30 5.93 -18.84
C ARG D 107 32.54 6.33 -17.38
N ALA D 108 33.01 7.57 -17.19
CA ALA D 108 33.35 8.12 -15.89
C ALA D 108 32.22 8.01 -14.87
N SER D 109 30.99 7.92 -15.37
CA SER D 109 29.78 7.99 -14.57
C SER D 109 29.65 6.78 -13.64
N GLY D 110 30.27 5.67 -14.02
CA GLY D 110 30.27 4.48 -13.21
C GLY D 110 29.91 3.25 -14.02
N PRO D 111 29.96 2.07 -13.41
CA PRO D 111 29.64 0.81 -14.10
C PRO D 111 28.24 0.83 -14.71
N GLY D 112 28.14 0.45 -15.97
CA GLY D 112 26.87 0.47 -16.68
C GLY D 112 26.73 1.63 -17.66
N PHE D 113 27.17 2.81 -17.24
CA PHE D 113 27.10 3.99 -18.10
C PHE D 113 28.14 3.89 -19.22
N HIS D 114 27.71 4.21 -20.44
CA HIS D 114 28.62 4.21 -21.57
C HIS D 114 28.21 5.26 -22.61
N LEU D 115 29.15 5.63 -23.48
CA LEU D 115 28.85 6.51 -24.60
C LEU D 115 28.01 5.71 -25.58
N MSE D 116 26.89 6.29 -26.02
CA MSE D 116 25.92 5.59 -26.88
C MSE D 116 26.57 4.83 -28.03
O MSE D 116 27.58 5.25 -28.57
CB MSE D 116 24.89 6.60 -27.42
CG MSE D 116 23.78 5.96 -28.23
SE MSE D 116 22.21 7.12 -28.39
CE MSE D 116 21.01 5.88 -29.30
N THR D 117 25.98 3.69 -28.41
CA THR D 117 26.60 2.83 -29.42
C THR D 117 25.85 2.85 -30.73
N ASN D 118 26.54 2.47 -31.80
CA ASN D 118 25.96 2.40 -33.13
C ASN D 118 24.86 1.35 -33.18
N ALA D 119 25.03 0.28 -32.42
CA ALA D 119 24.01 -0.77 -32.31
C ALA D 119 22.73 -0.26 -31.63
N GLU D 120 22.92 0.57 -30.61
CA GLU D 120 21.81 1.20 -29.91
C GLU D 120 21.08 2.20 -30.81
N TRP D 121 21.84 3.07 -31.47
CA TRP D 121 21.27 4.05 -32.39
C TRP D 121 20.45 3.34 -33.45
N ALA D 122 21.03 2.27 -34.00
CA ALA D 122 20.39 1.51 -35.05
C ALA D 122 19.08 0.92 -34.55
N ALA D 123 19.10 0.41 -33.32
CA ALA D 123 17.92 -0.16 -32.70
C ALA D 123 16.80 0.88 -32.55
N VAL D 124 17.14 2.06 -32.05
CA VAL D 124 16.14 3.10 -31.85
C VAL D 124 15.58 3.56 -33.19
N ALA D 125 16.45 3.69 -34.19
CA ALA D 125 16.03 4.13 -35.52
C ALA D 125 15.08 3.11 -36.18
N LEU D 126 15.48 1.84 -36.18
CA LEU D 126 14.66 0.76 -36.75
C LEU D 126 13.28 0.64 -36.08
N LEU D 127 13.29 0.67 -34.75
CA LEU D 127 12.06 0.54 -34.01
C LEU D 127 11.18 1.77 -34.28
N THR D 128 11.78 2.96 -34.23
CA THR D 128 11.05 4.19 -34.49
C THR D 128 10.40 4.12 -35.86
N TRP D 129 11.17 3.67 -36.85
CA TRP D 129 10.66 3.65 -38.21
C TRP D 129 9.46 2.68 -38.37
N LYS D 130 9.57 1.48 -37.80
CA LYS D 130 8.51 0.48 -37.90
C LYS D 130 7.24 0.87 -37.16
N SER D 131 7.39 1.28 -35.92
CA SER D 131 6.25 1.58 -35.07
C SER D 131 5.49 2.80 -35.56
N ARG D 132 6.15 3.71 -36.24
CA ARG D 132 5.45 4.92 -36.65
C ARG D 132 4.86 4.79 -38.05
N GLY D 133 4.79 3.57 -38.56
CA GLY D 133 4.07 3.31 -39.79
C GLY D 133 4.84 2.76 -40.97
N ALA D 134 6.13 2.50 -40.78
CA ALA D 134 7.03 2.00 -41.84
C ALA D 134 6.99 2.88 -43.09
N GLY D 135 6.86 4.19 -42.87
CA GLY D 135 6.87 5.15 -43.96
C GLY D 135 8.20 5.90 -44.05
N ASP D 136 8.15 7.21 -43.77
CA ASP D 136 9.35 8.04 -43.78
C ASP D 136 10.09 7.99 -42.45
N ASP D 137 11.16 8.79 -42.32
CA ASP D 137 11.81 9.01 -41.04
C ASP D 137 10.82 9.87 -40.25
N PRO D 138 10.19 9.25 -39.26
CA PRO D 138 9.11 9.87 -38.49
C PRO D 138 9.50 11.16 -37.75
N VAL D 139 10.80 11.32 -37.47
CA VAL D 139 11.26 12.29 -36.48
C VAL D 139 11.71 13.62 -37.03
N ARG D 140 11.38 14.68 -36.30
CA ARG D 140 11.85 16.05 -36.60
C ARG D 140 12.87 16.51 -35.54
N GLY D 141 13.33 17.75 -35.63
CA GLY D 141 14.32 18.26 -34.68
C GLY D 141 14.82 19.64 -35.07
N ASN D 142 15.84 20.13 -34.35
CA ASN D 142 16.49 21.42 -34.67
C ASN D 142 17.35 21.31 -35.94
N THR D 143 16.76 21.54 -37.11
CA THR D 143 17.47 21.40 -38.40
C THR D 143 17.50 22.69 -39.23
N GLN D 144 17.34 23.83 -38.58
CA GLN D 144 17.42 25.10 -39.26
C GLN D 144 17.67 26.18 -38.20
N TRP D 145 18.84 26.10 -37.57
CA TRP D 145 19.30 27.10 -36.60
C TRP D 145 18.29 27.34 -35.48
N GLY D 146 17.70 26.28 -34.96
CA GLY D 146 16.80 26.42 -33.83
C GLY D 146 15.40 25.92 -34.11
N ARG D 147 15.00 25.93 -35.39
CA ARG D 147 13.68 25.47 -35.77
C ARG D 147 13.78 24.32 -36.76
N SER D 148 12.63 23.73 -37.08
CA SER D 148 12.61 22.66 -38.08
C SER D 148 12.47 23.23 -39.48
N HIS D 149 13.24 22.70 -40.43
CA HIS D 149 13.14 23.12 -41.82
C HIS D 149 11.85 22.62 -42.47
N GLU D 150 11.35 21.47 -42.00
CA GLU D 150 10.09 20.92 -42.48
C GLU D 150 8.89 21.64 -41.86
N ALA D 151 9.11 22.15 -40.65
CA ALA D 151 8.03 22.72 -39.87
C ALA D 151 8.56 23.92 -39.10
N GLN D 152 8.66 25.05 -39.78
CA GLN D 152 9.39 26.20 -39.26
C GLN D 152 8.79 26.79 -37.99
N TRP D 153 7.54 26.44 -37.71
CA TRP D 153 6.84 26.95 -36.54
C TRP D 153 7.27 26.21 -35.28
N GLU D 154 7.98 25.10 -35.49
CA GLU D 154 8.56 24.33 -34.40
C GLU D 154 9.95 24.87 -34.09
N ALA D 155 10.13 25.41 -32.90
CA ALA D 155 11.44 25.92 -32.50
C ALA D 155 11.75 25.54 -31.06
N GLY D 156 13.04 25.60 -30.71
CA GLY D 156 13.48 25.43 -29.34
C GLY D 156 13.93 26.73 -28.69
N THR D 157 14.62 26.62 -27.57
CA THR D 157 15.18 27.78 -26.91
C THR D 157 16.66 27.82 -27.25
N ARG D 158 17.05 28.82 -28.04
CA ARG D 158 18.43 28.92 -28.51
C ARG D 158 19.35 29.38 -27.41
N GLN D 159 20.48 28.69 -27.28
CA GLN D 159 21.49 29.04 -26.28
C GLN D 159 22.01 30.46 -26.51
N SER D 160 22.09 30.84 -27.79
CA SER D 160 22.67 32.11 -28.23
C SER D 160 21.84 33.34 -27.87
N GLY D 161 20.54 33.14 -27.67
CA GLY D 161 19.64 34.24 -27.37
C GLY D 161 18.96 34.80 -28.60
N ASP D 162 19.32 34.29 -29.77
CA ASP D 162 18.74 34.76 -31.02
C ASP D 162 17.41 34.11 -31.39
N ALA D 163 16.74 34.67 -32.38
CA ALA D 163 15.47 34.13 -32.88
C ALA D 163 15.68 32.85 -33.70
N PRO D 164 14.74 31.89 -33.57
CA PRO D 164 14.82 30.64 -34.34
C PRO D 164 14.89 30.86 -35.85
N GLY D 165 15.88 30.23 -36.50
CA GLY D 165 16.02 30.24 -37.94
C GLY D 165 17.05 31.21 -38.51
N GLU D 166 17.51 32.14 -37.67
CA GLU D 166 18.46 33.15 -38.11
C GLU D 166 19.88 32.61 -38.16
N ASP D 167 20.53 32.73 -39.32
CA ASP D 167 21.91 32.29 -39.49
C ASP D 167 22.85 33.31 -38.86
N THR D 168 23.53 32.89 -37.79
CA THR D 168 24.45 33.74 -37.06
C THR D 168 25.87 33.19 -37.20
N GLY D 169 26.09 32.37 -38.23
CA GLY D 169 27.38 31.76 -38.50
C GLY D 169 28.58 32.69 -38.50
N ALA D 170 28.42 33.86 -39.09
CA ALA D 170 29.48 34.86 -39.20
C ALA D 170 29.91 35.54 -37.88
N GLN D 171 29.01 35.64 -36.91
CA GLN D 171 29.33 36.30 -35.63
C GLN D 171 29.91 35.37 -34.57
N GLY D 172 30.12 34.11 -34.91
CA GLY D 172 30.64 33.13 -33.96
C GLY D 172 29.70 32.75 -32.84
N ARG D 173 28.39 32.86 -33.10
CA ARG D 173 27.36 32.45 -32.17
C ARG D 173 26.67 31.18 -32.68
N SER D 174 26.60 30.15 -31.84
CA SER D 174 26.11 28.85 -32.30
C SER D 174 24.59 28.78 -32.46
N GLY D 175 24.12 27.74 -33.15
CA GLY D 175 22.70 27.56 -33.38
C GLY D 175 22.05 26.47 -32.54
N ARG D 176 22.72 26.07 -31.45
CA ARG D 176 22.19 25.03 -30.58
C ARG D 176 20.96 25.50 -29.79
N THR D 177 20.06 24.57 -29.51
CA THR D 177 18.89 24.83 -28.66
C THR D 177 19.01 24.02 -27.38
N LEU D 178 18.49 24.56 -26.27
CA LEU D 178 18.53 23.89 -24.98
C LEU D 178 17.85 22.53 -25.11
N THR D 179 18.44 21.51 -24.48
CA THR D 179 18.01 20.12 -24.67
C THR D 179 16.53 19.89 -24.41
N GLY D 180 15.88 19.19 -25.35
CA GLY D 180 14.48 18.82 -25.26
C GLY D 180 13.48 19.96 -25.33
N SER D 181 13.98 21.18 -25.47
CA SER D 181 13.14 22.39 -25.43
C SER D 181 12.25 22.54 -26.66
N GLY D 182 12.43 21.64 -27.63
CA GLY D 182 11.57 21.64 -28.80
C GLY D 182 10.28 20.92 -28.49
N PRO D 183 9.37 20.85 -29.45
CA PRO D 183 8.09 20.14 -29.25
C PRO D 183 8.29 18.63 -29.10
N ALA D 184 7.18 17.92 -28.90
CA ALA D 184 7.25 16.48 -28.65
C ALA D 184 7.57 15.70 -29.92
N THR D 185 7.39 16.34 -31.07
CA THR D 185 7.65 15.70 -32.38
C THR D 185 9.15 15.65 -32.68
N TRP D 186 9.95 16.28 -31.83
CA TRP D 186 11.40 16.15 -31.87
C TRP D 186 11.88 15.02 -30.96
N ARG D 187 10.92 14.24 -30.46
CA ARG D 187 11.22 13.10 -29.63
C ARG D 187 10.80 11.81 -30.34
N HIS D 188 11.62 10.78 -30.18
CA HIS D 188 11.67 9.68 -31.14
C HIS D 188 10.34 8.98 -31.37
N ASP D 189 9.45 9.00 -30.37
CA ASP D 189 8.17 8.27 -30.45
C ASP D 189 6.96 9.22 -30.46
N GLY D 190 7.25 10.51 -30.55
CA GLY D 190 6.22 11.52 -30.71
C GLY D 190 5.62 12.02 -29.41
N THR D 191 6.03 11.42 -28.30
CA THR D 191 5.51 11.75 -26.97
C THR D 191 6.54 12.44 -26.10
N PRO D 192 6.08 13.06 -25.01
CA PRO D 192 6.97 13.70 -24.01
C PRO D 192 7.94 12.70 -23.36
N ALA D 193 7.68 11.41 -23.54
CA ALA D 193 8.51 10.37 -22.96
C ALA D 193 9.51 9.85 -23.96
N GLY D 194 9.55 10.47 -25.14
CA GLY D 194 10.45 10.01 -26.18
C GLY D 194 11.85 10.55 -25.97
N ILE D 195 12.82 9.91 -26.63
CA ILE D 195 14.19 10.42 -26.68
C ILE D 195 14.19 11.69 -27.52
N ALA D 196 14.74 12.76 -26.96
CA ALA D 196 14.62 14.06 -27.63
C ALA D 196 15.91 14.44 -28.35
N ASP D 197 15.75 15.12 -29.49
CA ASP D 197 16.86 15.73 -30.20
C ASP D 197 17.85 14.70 -30.75
N LEU D 198 17.36 13.50 -31.02
CA LEU D 198 18.15 12.52 -31.76
C LEU D 198 18.46 13.11 -33.14
N VAL D 199 17.46 13.82 -33.66
CA VAL D 199 17.56 14.53 -34.93
C VAL D 199 17.82 16.02 -34.68
N GLY D 200 18.90 16.54 -35.23
CA GLY D 200 19.19 17.96 -35.15
C GLY D 200 19.94 18.40 -33.90
N ASN D 201 19.92 19.71 -33.66
CA ASN D 201 20.67 20.33 -32.58
C ASN D 201 22.18 20.12 -32.73
N VAL D 202 22.71 18.99 -32.25
CA VAL D 202 24.11 18.67 -32.50
C VAL D 202 24.29 17.26 -33.07
N TRP D 203 25.32 17.08 -33.91
CA TRP D 203 25.73 15.73 -34.29
C TRP D 203 26.14 15.00 -33.02
N GLU D 204 26.16 13.68 -33.08
CA GLU D 204 26.55 12.93 -31.91
C GLU D 204 27.53 11.79 -32.19
N TRP D 205 28.64 11.80 -31.45
CA TRP D 205 29.59 10.69 -31.47
C TRP D 205 28.85 9.40 -31.11
N VAL D 206 29.11 8.34 -31.87
CA VAL D 206 28.56 7.05 -31.54
C VAL D 206 29.67 5.99 -31.49
N ALA D 207 29.52 5.00 -30.63
CA ALA D 207 30.56 3.99 -30.44
C ALA D 207 30.26 2.71 -31.22
N GLY D 208 31.32 1.98 -31.54
CA GLY D 208 31.17 0.68 -32.18
C GLY D 208 31.27 0.71 -33.69
N LEU D 209 31.63 1.87 -34.24
CA LEU D 209 31.73 2.02 -35.69
C LEU D 209 33.02 2.77 -36.03
N ARG D 210 33.63 2.38 -37.15
CA ARG D 210 34.93 2.91 -37.54
C ARG D 210 35.17 2.68 -39.03
N LEU D 211 35.93 3.58 -39.65
CA LEU D 211 36.41 3.38 -41.02
C LEU D 211 37.94 3.32 -41.06
N VAL D 212 38.47 2.32 -41.76
CA VAL D 212 39.91 2.23 -42.02
C VAL D 212 40.15 2.21 -43.52
N GLY D 213 40.56 3.35 -44.05
CA GLY D 213 40.79 3.47 -45.48
C GLY D 213 39.54 3.07 -46.23
N GLY D 214 38.38 3.43 -45.68
CA GLY D 214 37.11 3.09 -46.32
C GLY D 214 36.58 1.70 -45.99
N GLU D 215 37.41 0.85 -45.39
CA GLU D 215 36.96 -0.47 -44.94
C GLU D 215 36.14 -0.32 -43.66
N ILE D 216 34.95 -0.91 -43.63
CA ILE D 216 34.04 -0.80 -42.49
C ILE D 216 34.32 -1.79 -41.38
N GLN D 217 34.42 -1.27 -40.15
CA GLN D 217 34.67 -2.09 -38.98
C GLN D 217 33.71 -1.74 -37.84
N ILE D 218 33.27 -2.75 -37.10
CA ILE D 218 32.35 -2.55 -35.99
C ILE D 218 32.77 -3.40 -34.79
N ILE D 219 32.36 -3.01 -33.59
CA ILE D 219 32.48 -3.91 -32.44
C ILE D 219 31.22 -4.76 -32.42
N PRO D 220 31.39 -6.08 -32.42
CA PRO D 220 30.26 -7.02 -32.58
C PRO D 220 29.16 -6.74 -31.58
N ASP D 221 27.91 -6.98 -31.98
CA ASP D 221 26.74 -6.79 -31.12
C ASP D 221 26.76 -5.41 -30.46
N ASN D 222 26.43 -5.36 -29.17
CA ASN D 222 26.49 -4.10 -28.40
C ASN D 222 27.65 -4.09 -27.39
N ASP D 223 28.68 -4.89 -27.67
CA ASP D 223 29.87 -5.02 -26.83
C ASP D 223 30.62 -3.70 -26.69
N ALA D 224 30.20 -2.72 -27.49
CA ALA D 224 30.76 -1.37 -27.42
C ALA D 224 30.31 -0.66 -26.15
N ALA D 225 29.42 -1.32 -25.41
CA ALA D 225 28.81 -0.77 -24.21
C ALA D 225 29.70 -0.92 -22.96
N PHE D 226 30.53 -1.95 -22.94
CA PHE D 226 31.46 -2.18 -21.83
C PHE D 226 32.41 -1.00 -21.67
N ALA D 227 32.75 -0.68 -20.43
CA ALA D 227 33.65 0.42 -20.16
C ALA D 227 35.08 -0.06 -20.31
N SER D 228 35.24 -1.37 -20.50
CA SER D 228 36.56 -1.99 -20.54
C SER D 228 37.07 -2.35 -21.94
N THR D 229 36.18 -2.40 -22.92
CA THR D 229 36.58 -2.86 -24.26
C THR D 229 37.33 -1.77 -25.01
N ASP D 230 38.45 -2.15 -25.61
CA ASP D 230 39.36 -1.24 -26.28
C ASP D 230 38.77 -0.82 -27.63
N MSE D 231 38.65 0.50 -27.84
CA MSE D 231 38.19 1.03 -29.12
C MSE D 231 39.13 2.13 -29.63
O MSE D 231 38.72 2.98 -30.43
CB MSE D 231 36.74 1.55 -29.02
CG MSE D 231 35.69 0.46 -28.78
SE MSE D 231 33.83 1.00 -29.08
CE MSE D 231 33.86 2.69 -28.16
N SER D 232 40.38 2.11 -29.17
CA SER D 232 41.41 3.00 -29.72
C SER D 232 41.85 2.48 -31.09
N ALA D 233 42.70 3.25 -31.76
CA ALA D 233 43.16 2.90 -33.10
C ALA D 233 43.84 1.52 -33.14
N SER D 234 44.58 1.19 -32.08
CA SER D 234 45.38 -0.04 -32.05
C SER D 234 44.58 -1.28 -31.68
N SER D 235 43.31 -1.12 -31.34
CA SER D 235 42.49 -2.21 -30.82
C SER D 235 42.34 -3.39 -31.77
N PRO D 236 42.51 -4.60 -31.24
CA PRO D 236 42.34 -5.86 -31.98
C PRO D 236 40.89 -6.35 -32.07
N LEU D 237 39.97 -5.63 -31.45
CA LEU D 237 38.57 -6.05 -31.37
C LEU D 237 37.75 -5.85 -32.65
N TRP D 238 38.16 -4.86 -33.46
CA TRP D 238 37.45 -4.50 -34.69
C TRP D 238 37.31 -5.63 -35.72
N LYS D 239 36.11 -5.75 -36.30
CA LYS D 239 35.85 -6.76 -37.33
C LYS D 239 35.32 -6.12 -38.63
N ALA D 240 35.60 -6.76 -39.76
CA ALA D 240 35.07 -6.34 -41.06
C ALA D 240 34.00 -7.32 -41.55
N ILE D 241 33.37 -7.03 -42.68
CA ILE D 241 32.27 -7.85 -43.16
C ILE D 241 32.47 -8.31 -44.62
N ARG D 242 32.19 -9.58 -44.88
CA ARG D 242 32.66 -10.23 -46.11
C ARG D 242 31.75 -10.09 -47.36
N ALA D 243 30.57 -9.52 -47.20
CA ALA D 243 29.71 -9.22 -48.36
C ALA D 243 29.11 -10.47 -48.98
N SER D 244 29.93 -11.50 -49.14
CA SER D 244 29.50 -12.78 -49.68
C SER D 244 28.64 -13.55 -48.67
N ASP D 245 29.07 -13.57 -47.41
CA ASP D 245 28.33 -14.28 -46.36
C ASP D 245 27.95 -13.38 -45.19
N GLY D 246 28.30 -12.10 -45.30
CA GLY D 246 28.00 -11.11 -44.28
C GLY D 246 28.66 -11.47 -42.95
N ALA D 247 29.65 -12.35 -43.02
CA ALA D 247 30.38 -12.81 -41.85
C ALA D 247 31.37 -11.78 -41.30
N LEU D 248 31.54 -11.80 -39.98
CA LEU D 248 32.52 -10.96 -39.29
C LEU D 248 33.92 -11.56 -39.41
N VAL D 249 34.87 -10.78 -39.90
CA VAL D 249 36.24 -11.26 -40.11
C VAL D 249 37.30 -10.21 -39.72
N SER D 250 38.57 -10.61 -39.71
CA SER D 250 39.65 -9.70 -39.35
C SER D 250 39.88 -8.71 -40.50
N PRO D 251 40.12 -7.42 -40.17
CA PRO D 251 40.38 -6.32 -41.09
C PRO D 251 41.51 -6.57 -42.10
N GLY D 252 41.31 -6.16 -43.35
CA GLY D 252 42.30 -6.36 -44.39
C GLY D 252 42.08 -7.59 -45.27
N THR D 253 41.14 -8.45 -44.86
CA THR D 253 40.77 -9.62 -45.66
C THR D 253 40.26 -9.18 -47.05
N SER D 254 40.24 -10.11 -47.99
CA SER D 254 40.07 -9.78 -49.41
C SER D 254 38.72 -9.14 -49.70
N GLY D 255 37.63 -9.83 -49.35
CA GLY D 255 36.31 -9.41 -49.74
C GLY D 255 35.57 -8.47 -48.79
N THR D 256 36.30 -7.63 -48.08
CA THR D 256 35.68 -6.79 -47.05
C THR D 256 34.91 -5.64 -47.68
N LEU D 257 33.80 -5.27 -47.05
CA LEU D 257 32.95 -4.20 -47.54
C LEU D 257 33.56 -2.83 -47.25
N LYS D 258 33.49 -1.92 -48.21
CA LYS D 258 34.12 -0.62 -48.05
C LYS D 258 33.25 0.49 -48.63
N TYR D 259 33.32 1.67 -48.02
CA TYR D 259 32.70 2.86 -48.58
C TYR D 259 33.65 3.45 -49.59
N ASP D 260 33.13 3.76 -50.77
CA ASP D 260 34.00 4.21 -51.85
C ASP D 260 33.37 5.40 -52.56
N ILE D 261 34.21 6.19 -53.21
CA ILE D 261 33.71 7.25 -54.09
C ILE D 261 33.07 6.61 -55.32
N ASN D 262 32.33 7.42 -56.07
CA ASN D 262 31.55 6.92 -57.19
C ASN D 262 32.49 6.27 -58.22
N PRO D 263 32.11 5.09 -58.74
CA PRO D 263 32.91 4.41 -59.78
C PRO D 263 33.14 5.28 -61.04
N ASN D 264 32.15 6.09 -61.38
CA ASN D 264 32.21 6.95 -62.58
C ASN D 264 32.89 8.29 -62.34
N LYS D 265 33.60 8.41 -61.22
CA LYS D 265 34.44 9.56 -60.94
C LYS D 265 35.75 9.08 -60.29
N SER D 266 36.71 9.98 -60.08
CA SER D 266 38.02 9.61 -59.55
C SER D 266 38.59 10.73 -58.70
N TYR D 267 39.46 10.40 -57.75
CA TYR D 267 40.00 11.38 -56.81
C TYR D 267 40.74 12.52 -57.47
N SER D 268 40.40 13.74 -57.03
CA SER D 268 41.05 14.94 -57.52
C SER D 268 41.96 15.60 -56.47
N ASN D 269 43.27 15.43 -56.65
CA ASN D 269 44.28 16.00 -55.77
C ASN D 269 44.49 17.49 -56.09
N ASP D 270 43.42 18.25 -56.07
CA ASP D 270 43.43 19.65 -56.48
C ASP D 270 43.36 20.67 -55.35
N ASN D 271 43.63 20.22 -54.13
CA ASN D 271 43.44 21.03 -52.93
C ASN D 271 42.11 21.79 -52.87
N THR D 272 41.06 21.13 -53.34
CA THR D 272 39.72 21.70 -53.36
C THR D 272 38.73 20.58 -53.08
N ILE D 273 37.81 20.80 -52.15
CA ILE D 273 36.88 19.77 -51.74
C ILE D 273 35.68 19.67 -52.71
N GLN D 274 35.51 18.48 -53.28
CA GLN D 274 34.36 18.18 -54.15
C GLN D 274 33.60 16.98 -53.60
N ASP D 275 32.29 17.05 -53.72
CA ASP D 275 31.42 15.95 -53.30
C ASP D 275 31.36 14.82 -54.33
N LEU D 276 31.90 13.67 -53.96
CA LEU D 276 32.03 12.54 -54.86
C LEU D 276 30.87 11.56 -54.67
N LEU D 279 28.09 7.43 -53.33
CA LEU D 279 28.87 6.41 -52.63
C LEU D 279 28.46 5.00 -53.00
N THR D 280 29.47 4.15 -53.15
CA THR D 280 29.22 2.79 -53.58
C THR D 280 29.72 1.83 -52.53
N LEU D 281 29.00 0.73 -52.36
CA LEU D 281 29.40 -0.29 -51.43
C LEU D 281 29.78 -1.58 -52.17
N HIS D 282 31.07 -1.85 -52.26
CA HIS D 282 31.57 -3.11 -52.80
C HIS D 282 32.82 -3.60 -52.06
N THR D 283 33.57 -4.50 -52.70
CA THR D 283 34.72 -5.15 -52.07
C THR D 283 36.01 -4.46 -52.46
N THR D 284 35.90 -3.24 -52.97
CA THR D 284 37.04 -2.48 -53.46
C THR D 284 37.06 -1.04 -52.95
N THR D 285 38.22 -0.42 -53.06
CA THR D 285 38.41 0.98 -52.71
C THR D 285 39.29 1.63 -53.77
N GLN D 286 38.83 2.72 -54.37
CA GLN D 286 39.68 3.47 -55.30
C GLN D 286 40.89 3.97 -54.53
N THR D 287 42.07 3.77 -55.11
CA THR D 287 43.31 4.16 -54.44
C THR D 287 43.31 5.67 -54.27
N PRO D 288 43.32 6.14 -53.01
CA PRO D 288 43.36 7.59 -52.83
C PRO D 288 44.71 8.11 -53.23
N PRO D 289 44.81 9.39 -53.59
CA PRO D 289 46.09 10.04 -53.84
C PRO D 289 47.14 9.73 -52.76
N ALA D 290 48.40 9.67 -53.16
CA ALA D 290 49.48 9.25 -52.27
C ALA D 290 49.71 10.27 -51.16
N GLY D 291 49.90 9.78 -49.94
CA GLY D 291 50.22 10.63 -48.82
C GLY D 291 48.98 11.13 -48.09
N TRP D 292 47.80 10.77 -48.59
CA TRP D 292 46.55 11.06 -47.90
C TRP D 292 46.33 10.08 -46.76
N ASP D 293 46.25 10.63 -45.55
CA ASP D 293 46.11 9.81 -44.35
C ASP D 293 45.02 10.32 -43.40
N SER D 294 45.18 10.02 -42.11
CA SER D 294 44.19 10.34 -41.09
C SER D 294 43.97 11.83 -40.83
N ASN D 295 44.87 12.68 -41.34
CA ASN D 295 44.78 14.12 -41.09
C ASN D 295 44.34 14.94 -42.30
N THR D 296 44.04 14.27 -43.40
CA THR D 296 43.64 14.95 -44.64
C THR D 296 42.18 15.34 -44.66
N TYR D 297 41.92 16.64 -44.84
CA TYR D 297 40.57 17.14 -44.95
C TYR D 297 40.29 17.59 -46.38
N GLN D 298 40.09 16.63 -47.27
CA GLN D 298 39.90 16.91 -48.68
C GLN D 298 38.66 16.20 -49.22
N ASP D 299 38.75 15.71 -50.45
CA ASP D 299 37.62 15.13 -51.16
C ASP D 299 36.92 14.02 -50.35
N TYR D 300 35.60 13.99 -50.45
CA TYR D 300 34.77 12.99 -49.78
C TYR D 300 33.64 12.56 -50.71
N ALA D 301 32.68 11.83 -50.17
CA ALA D 301 31.53 11.41 -50.96
C ALA D 301 30.27 11.33 -50.11
N SER D 302 29.18 11.91 -50.57
CA SER D 302 27.92 11.87 -49.82
C SER D 302 26.78 11.35 -50.68
N ALA D 303 25.62 11.12 -50.05
CA ALA D 303 24.46 10.55 -50.72
C ALA D 303 23.30 10.41 -49.73
N LEU D 304 22.08 10.58 -50.22
CA LEU D 304 20.91 10.28 -49.41
C LEU D 304 21.00 8.80 -49.04
N TYR D 305 20.64 8.47 -47.80
CA TYR D 305 20.70 7.10 -47.31
C TYR D 305 19.99 6.14 -48.27
N LYS D 306 18.84 6.59 -48.79
CA LYS D 306 18.04 5.77 -49.72
C LYS D 306 18.73 5.63 -51.08
N ASP D 307 19.65 6.55 -51.39
CA ASP D 307 20.31 6.62 -52.69
C ASP D 307 21.70 6.02 -52.70
N LEU D 308 22.09 5.39 -51.59
CA LEU D 308 23.38 4.71 -51.52
C LEU D 308 23.43 3.65 -52.63
N VAL D 309 24.47 3.69 -53.45
CA VAL D 309 24.60 2.79 -54.59
C VAL D 309 25.25 1.45 -54.24
N VAL D 310 24.52 0.35 -54.44
CA VAL D 310 25.06 -0.98 -54.19
C VAL D 310 25.86 -1.47 -55.40
N GLY D 311 27.07 -1.96 -55.12
CA GLY D 311 27.95 -2.44 -56.18
C GLY D 311 27.24 -3.49 -57.02
N THR D 312 27.62 -3.55 -58.29
CA THR D 312 26.85 -4.29 -59.29
C THR D 312 26.76 -5.80 -58.98
N GLY D 313 27.85 -6.37 -58.45
CA GLY D 313 27.88 -7.79 -58.11
C GLY D 313 27.38 -8.12 -56.71
N ILE D 314 27.27 -7.09 -55.87
CA ILE D 314 27.12 -7.26 -54.43
C ILE D 314 25.66 -7.35 -53.96
N THR D 315 25.41 -8.31 -53.07
CA THR D 315 24.15 -8.38 -52.34
C THR D 315 24.40 -7.93 -50.89
N VAL D 316 23.82 -6.79 -50.51
CA VAL D 316 24.02 -6.16 -49.20
C VAL D 316 23.61 -7.05 -48.01
N PRO D 317 24.60 -7.42 -47.16
CA PRO D 317 24.37 -8.30 -46.00
C PRO D 317 23.39 -7.68 -45.01
N ASN D 318 22.57 -8.51 -44.36
CA ASN D 318 21.61 -7.96 -43.42
C ASN D 318 22.26 -7.21 -42.27
N LEU D 319 23.44 -7.68 -41.83
CA LEU D 319 24.13 -7.06 -40.70
C LEU D 319 24.29 -5.55 -40.91
N LEU D 320 24.50 -5.14 -42.15
CA LEU D 320 24.69 -3.74 -42.48
C LEU D 320 23.41 -2.91 -42.39
N LYS D 321 22.29 -3.48 -42.84
CA LYS D 321 20.98 -2.80 -42.79
C LYS D 321 20.57 -2.57 -41.35
N VAL D 322 20.71 -3.62 -40.55
CA VAL D 322 20.37 -3.64 -39.14
C VAL D 322 21.16 -2.63 -38.29
N LEU D 323 22.37 -2.30 -38.73
CA LEU D 323 23.22 -1.36 -37.99
C LEU D 323 23.20 0.05 -38.61
N MSE D 324 22.16 0.32 -39.41
CA MSE D 324 21.97 1.58 -40.12
C MSE D 324 23.21 2.03 -40.91
O MSE D 324 23.71 3.13 -40.70
CB MSE D 324 21.54 2.70 -39.17
CG MSE D 324 20.11 2.57 -38.63
SE MSE D 324 18.68 2.47 -39.97
CE MSE D 324 18.13 4.35 -40.10
N LEU D 325 23.67 1.15 -41.79
CA LEU D 325 24.84 1.41 -42.63
C LEU D 325 24.50 1.27 -44.12
N ALA D 326 23.36 0.66 -44.42
CA ALA D 326 22.85 0.55 -45.78
C ALA D 326 21.32 0.47 -45.75
N PRO D 327 20.64 1.11 -46.71
CA PRO D 327 19.18 1.30 -46.63
C PRO D 327 18.39 0.00 -46.70
N HIS D 328 17.21 -0.02 -46.07
CA HIS D 328 16.35 -1.19 -46.12
C HIS D 328 15.02 -0.91 -46.82
N THR D 329 14.76 0.34 -47.17
CA THR D 329 13.44 0.69 -47.67
C THR D 329 13.42 1.71 -48.81
N THR D 330 14.34 2.66 -48.77
CA THR D 330 14.40 3.78 -49.71
C THR D 330 13.19 4.73 -49.61
N SER D 331 12.27 4.47 -48.69
CA SER D 331 11.20 5.43 -48.36
C SER D 331 11.69 6.53 -47.40
N ILE D 332 12.92 6.40 -46.91
CA ILE D 332 13.51 7.41 -46.00
C ILE D 332 14.16 8.50 -46.84
N THR D 333 13.60 9.71 -46.74
CA THR D 333 13.96 10.80 -47.64
C THR D 333 14.87 11.83 -46.98
N LYS D 334 15.38 11.52 -45.78
CA LYS D 334 16.30 12.40 -45.10
C LYS D 334 17.51 11.63 -44.62
N GLY D 335 18.54 12.35 -44.18
CA GLY D 335 19.71 11.72 -43.60
C GLY D 335 20.74 11.30 -44.63
N ARG D 336 21.87 11.99 -44.65
CA ARG D 336 22.89 11.74 -45.65
C ARG D 336 24.13 11.04 -45.07
N LEU D 337 24.75 10.19 -45.87
CA LEU D 337 25.95 9.48 -45.46
C LEU D 337 27.19 10.17 -46.00
N TYR D 338 28.16 10.47 -45.14
CA TYR D 338 29.40 11.08 -45.60
C TYR D 338 30.56 10.13 -45.32
N ALA D 339 31.54 10.09 -46.22
CA ALA D 339 32.69 9.20 -46.02
C ALA D 339 33.96 9.67 -46.74
N ARG D 340 35.07 9.65 -46.00
CA ARG D 340 36.42 9.78 -46.56
C ARG D 340 37.12 8.41 -46.50
N PRO D 341 37.20 7.69 -47.63
CA PRO D 341 37.71 6.31 -47.59
C PRO D 341 39.23 6.25 -47.41
N TYR D 342 39.79 7.20 -46.67
CA TYR D 342 41.22 7.21 -46.37
C TYR D 342 41.48 7.65 -44.94
N GLY D 343 42.33 6.90 -44.23
CA GLY D 343 42.63 7.22 -42.85
C GLY D 343 41.59 6.60 -41.92
N GLU D 344 41.68 6.92 -40.63
CA GLU D 344 40.66 6.48 -39.66
C GLU D 344 39.58 7.54 -39.44
N ARG D 345 38.34 7.15 -39.69
CA ARG D 345 37.21 8.06 -39.49
C ARG D 345 36.26 7.45 -38.48
N LEU D 346 35.83 8.25 -37.51
CA LEU D 346 34.88 7.80 -36.51
C LEU D 346 33.56 8.54 -36.68
N PRO D 347 32.44 7.84 -36.40
CA PRO D 347 31.10 8.28 -36.80
C PRO D 347 30.42 9.26 -35.85
N ILE D 348 29.69 10.22 -36.42
CA ILE D 348 28.75 11.03 -35.67
C ILE D 348 27.39 10.92 -36.37
N ARG D 349 26.29 10.86 -35.60
CA ARG D 349 24.98 10.59 -36.20
C ARG D 349 23.95 11.68 -35.95
N GLY D 350 22.87 11.65 -36.73
CA GLY D 350 21.69 12.46 -36.44
C GLY D 350 21.58 13.84 -37.07
N GLY D 351 22.72 14.45 -37.38
CA GLY D 351 22.73 15.79 -37.95
C GLY D 351 22.55 16.87 -36.90
N ASP D 352 22.95 18.10 -37.25
CA ASP D 352 22.83 19.24 -36.33
C ASP D 352 22.01 20.40 -36.89
N TRP D 353 22.13 21.56 -36.22
CA TRP D 353 21.27 22.72 -36.46
C TRP D 353 21.43 23.31 -37.85
N GLY D 354 22.54 23.00 -38.52
CA GLY D 354 22.86 23.61 -39.79
C GLY D 354 22.57 22.74 -41.01
N ASN D 355 22.43 21.44 -40.80
CA ASN D 355 21.97 20.59 -41.90
C ASN D 355 20.48 20.82 -42.09
N GLY D 356 19.93 20.33 -43.19
CA GLY D 356 18.52 20.53 -43.48
C GLY D 356 17.87 19.18 -43.44
N GLY D 357 17.52 18.67 -44.62
CA GLY D 357 17.10 17.30 -44.78
C GLY D 357 18.30 16.37 -44.66
N VAL D 358 19.47 16.95 -44.46
CA VAL D 358 20.69 16.17 -44.21
C VAL D 358 20.57 15.42 -42.89
N ALA D 359 19.94 16.07 -41.92
CA ALA D 359 19.66 15.49 -40.61
C ALA D 359 18.57 14.43 -40.70
N GLY D 360 18.46 13.60 -39.67
CA GLY D 360 17.47 12.54 -39.61
C GLY D 360 18.07 11.30 -38.96
N LEU D 361 17.24 10.29 -38.72
CA LEU D 361 17.69 9.07 -38.05
C LEU D 361 18.82 8.36 -38.80
N ALA D 362 18.86 8.53 -40.11
CA ALA D 362 19.79 7.79 -40.96
C ALA D 362 21.09 8.54 -41.19
N ALA D 363 21.12 9.79 -40.72
CA ALA D 363 22.29 10.65 -40.85
C ALA D 363 23.53 10.07 -40.19
N LEU D 364 24.58 9.91 -41.00
CA LEU D 364 25.84 9.34 -40.57
C LEU D 364 27.02 10.08 -41.22
N TYR D 365 27.90 10.63 -40.37
CA TYR D 365 29.00 11.49 -40.80
C TYR D 365 30.35 10.89 -40.40
N LEU D 366 31.03 10.30 -41.38
CA LEU D 366 32.32 9.65 -41.14
C LEU D 366 33.47 10.39 -41.83
N LEU D 367 33.47 11.72 -41.76
CA LEU D 367 34.52 12.50 -42.42
C LEU D 367 35.63 12.94 -41.47
N ASN D 368 35.40 12.89 -40.17
CA ASN D 368 36.39 13.38 -39.24
C ASN D 368 37.15 12.26 -38.52
N PRO D 369 38.38 12.56 -38.07
CA PRO D 369 39.20 11.68 -37.24
C PRO D 369 38.85 11.82 -35.76
N ARG D 370 39.21 10.82 -34.96
CA ARG D 370 38.81 10.78 -33.56
C ARG D 370 39.29 11.99 -32.74
N GLY D 371 40.21 12.76 -33.29
CA GLY D 371 40.78 13.87 -32.55
C GLY D 371 40.01 15.15 -32.73
N SER D 372 39.10 15.15 -33.71
CA SER D 372 38.37 16.35 -34.13
C SER D 372 37.48 16.88 -33.01
N ARG D 373 37.49 18.19 -32.82
CA ARG D 373 36.59 18.86 -31.87
C ARG D 373 35.79 19.90 -32.61
N ARG D 374 34.46 19.79 -32.57
CA ARG D 374 33.63 20.68 -33.37
C ARG D 374 32.51 21.39 -32.63
N TRP D 375 32.14 22.51 -33.23
CA TRP D 375 31.18 23.48 -32.74
C TRP D 375 29.74 22.94 -32.79
N GLY D 376 29.53 21.96 -33.67
CA GLY D 376 28.24 21.31 -33.84
C GLY D 376 28.24 19.81 -33.57
N VAL D 377 29.26 19.32 -32.87
CA VAL D 377 29.34 17.89 -32.57
C VAL D 377 29.50 17.64 -31.08
N GLY D 378 28.65 16.75 -30.56
CA GLY D 378 28.65 16.38 -29.16
C GLY D 378 28.36 14.90 -29.01
N ALA D 379 27.73 14.50 -27.92
CA ALA D 379 27.42 13.09 -27.65
C ALA D 379 26.36 12.95 -26.55
N ARG D 380 25.88 11.72 -26.35
CA ARG D 380 24.93 11.45 -25.27
C ARG D 380 25.13 10.07 -24.64
N PRO D 381 24.89 9.98 -23.32
CA PRO D 381 25.11 8.75 -22.52
C PRO D 381 24.00 7.71 -22.64
N ALA D 382 24.37 6.47 -22.38
CA ALA D 382 23.41 5.38 -22.30
C ALA D 382 23.78 4.45 -21.15
N PHE D 383 22.89 3.50 -20.84
CA PHE D 383 23.08 2.61 -19.71
C PHE D 383 22.57 1.18 -19.96
N VAL D 384 23.31 0.19 -19.46
CA VAL D 384 22.89 -1.21 -19.52
C VAL D 384 23.16 -1.99 -18.20
N LEU D 385 22.18 -2.80 -17.80
CA LEU D 385 22.12 -3.58 -16.54
C LEU D 385 21.70 -2.80 -15.31
CA CA E . -12.24 16.36 39.37
CA CA F . -3.90 16.23 11.55
C ACT G . -18.01 6.29 2.78
O ACT G . -17.41 5.66 1.87
OXT ACT G . -17.36 6.53 3.83
CH3 ACT G . -19.43 6.75 2.68
H1 ACT G . -19.71 7.26 3.60
H2 ACT G . -20.08 5.88 2.54
H3 ACT G . -19.53 7.43 1.83
C ACT H . -5.10 -6.25 21.06
O ACT H . -5.03 -6.76 19.91
OXT ACT H . -5.33 -7.04 22.02
CH3 ACT H . -4.95 -4.77 21.30
H1 ACT H . -5.05 -4.56 22.37
H2 ACT H . -5.71 -4.23 20.74
H3 ACT H . -3.96 -4.46 20.97
C ACT I . -5.28 13.18 22.35
O ACT I . -4.07 13.42 22.63
OXT ACT I . -5.62 12.03 22.01
CH3 ACT I . -6.35 14.23 22.43
H1 ACT I . -5.91 15.17 22.73
H2 ACT I . -7.10 13.92 23.15
H3 ACT I . -6.81 14.34 21.45
C ACT J . 1.51 16.74 -5.36
O ACT J . 2.53 16.83 -4.62
OXT ACT J . 0.99 15.62 -5.51
CH3 ACT J . 0.94 17.92 -6.05
H1 ACT J . 1.53 18.81 -5.81
H2 ACT J . -0.09 18.08 -5.73
H3 ACT J . 0.96 17.76 -7.13
C ACT K . -3.50 8.15 21.62
O ACT K . -2.64 7.58 22.32
OXT ACT K . -4.41 7.43 21.15
CH3 ACT K . -3.45 9.63 21.36
H1 ACT K . -2.59 10.06 21.86
H2 ACT K . -4.36 10.10 21.73
H3 ACT K . -3.37 9.81 20.29
CA CA L . 12.63 -15.54 -1.86
CA CA M . 40.28 -13.28 -9.20
C ACT N . -4.42 -16.87 3.03
O ACT N . -4.17 -17.72 3.95
OXT ACT N . -5.42 -16.97 2.22
CH3 ACT N . -3.51 -15.71 2.92
H1 ACT N . -2.74 -15.77 3.68
H2 ACT N . -4.08 -14.78 3.06
H3 ACT N . -3.04 -15.69 1.93
C ACT O . 21.68 -6.99 -1.93
O ACT O . 21.37 -6.79 -3.12
OXT ACT O . 21.36 -8.10 -1.46
CH3 ACT O . 22.38 -5.94 -1.09
H1 ACT O . 22.54 -6.33 -0.08
H2 ACT O . 21.76 -5.05 -1.02
H3 ACT O . 23.34 -5.69 -1.55
C ACT P . 23.15 -11.29 -3.89
O ACT P . 23.25 -11.45 -5.12
OXT ACT P . 23.68 -12.16 -3.17
CH3 ACT P . 22.41 -10.10 -3.34
H1 ACT P . 22.43 -10.13 -2.25
H2 ACT P . 21.38 -10.12 -3.68
H3 ACT P . 22.89 -9.19 -3.68
C ACT Q . -7.52 -26.81 -6.87
O ACT Q . -6.25 -26.72 -7.10
OXT ACT Q . -8.21 -27.61 -7.53
CH3 ACT Q . -8.28 -26.04 -5.84
H1 ACT Q . -7.60 -25.38 -5.30
H2 ACT Q . -8.74 -26.74 -5.12
H3 ACT Q . -9.06 -25.46 -6.32
C ACT R . -1.39 -2.31 -15.35
O ACT R . -1.47 -3.13 -16.31
OXT ACT R . -2.22 -2.41 -14.36
CH3 ACT R . -0.31 -1.26 -15.46
H1 ACT R . 0.23 -1.40 -16.39
H2 ACT R . 0.37 -1.36 -14.61
H3 ACT R . -0.77 -0.27 -15.44
C ACT S . -1.05 -31.58 -12.41
O ACT S . 0.13 -31.25 -12.70
OXT ACT S . -1.30 -32.79 -12.50
CH3 ACT S . -2.08 -30.58 -11.99
H1 ACT S . -1.64 -29.58 -11.98
H2 ACT S . -2.44 -30.83 -10.98
H3 ACT S . -2.92 -30.59 -12.69
C ACT T . -3.56 -10.35 -1.15
O ACT T . -3.32 -11.36 -1.87
OXT ACT T . -4.75 -10.27 -0.73
CH3 ACT T . -2.51 -9.30 -0.84
H1 ACT T . -2.95 -8.52 -0.22
H2 ACT T . -2.14 -8.86 -1.76
H3 ACT T . -1.68 -9.77 -0.31
C ACT U . 28.10 -11.09 -6.37
O ACT U . 28.86 -11.44 -5.45
OXT ACT U . 27.85 -11.95 -7.24
CH3 ACT U . 27.51 -9.72 -6.47
H1 ACT U . 27.85 -9.12 -5.64
H2 ACT U . 26.42 -9.79 -6.46
H3 ACT U . 27.83 -9.25 -7.41
C ACT V . -3.67 -25.11 20.10
O ACT V . -3.68 -25.90 19.13
OXT ACT V . -4.77 -25.00 20.68
CH3 ACT V . -2.43 -24.35 20.53
H1 ACT V . -1.60 -24.60 19.87
H2 ACT V . -2.17 -24.61 21.56
H3 ACT V . -2.63 -23.27 20.47
CA CA W . -54.65 -18.52 38.35
CA CA X . -32.22 -16.03 20.72
CA CA Y . -35.95 -21.41 30.48
C ACT Z . -39.61 -20.07 28.01
O ACT Z . -38.76 -20.34 28.89
OXT ACT Z . -39.88 -20.96 27.18
CH3 ACT Z . -40.28 -18.76 27.97
H1 ACT Z . -39.91 -18.13 28.77
H2 ACT Z . -41.36 -18.90 28.07
H3 ACT Z . -40.07 -18.27 27.01
C ACT AA . -17.87 -13.70 9.24
O ACT AA . -18.14 -14.06 8.05
OXT ACT AA . -17.31 -14.50 10.00
CH3 ACT AA . -18.19 -12.35 9.78
H1 ACT AA . -17.87 -12.28 10.82
H2 ACT AA . -19.27 -12.18 9.72
H3 ACT AA . -17.68 -11.58 9.19
C ACT BA . -37.48 -24.91 28.10
O ACT BA . -37.92 -25.57 27.12
OXT ACT BA . -37.30 -25.53 29.18
CH3 ACT BA . -37.17 -23.44 27.97
H1 ACT BA . -36.80 -23.07 28.93
H2 ACT BA . -38.07 -22.91 27.70
H3 ACT BA . -36.41 -23.30 27.20
C ACT CA . -5.73 -13.29 6.97
O ACT CA . -4.80 -13.44 7.82
OXT ACT CA . -6.47 -14.27 6.58
CH3 ACT CA . -5.96 -11.91 6.44
H1 ACT CA . -5.24 -11.24 6.90
H2 ACT CA . -6.97 -11.59 6.68
H3 ACT CA . -5.83 -11.91 5.37
C ACT DA . -33.25 -14.23 1.39
O ACT DA . -32.45 -15.14 0.95
OXT ACT DA . -34.31 -14.57 1.99
CH3 ACT DA . -32.96 -12.75 1.21
H1 ACT DA . -32.02 -12.61 0.68
H2 ACT DA . -32.89 -12.27 2.19
H3 ACT DA . -33.77 -12.28 0.64
C ACT EA . -43.34 -29.00 15.14
O ACT EA . -42.41 -28.89 14.29
OXT ACT EA . -43.71 -30.17 15.43
CH3 ACT EA . -44.01 -27.80 15.79
H1 ACT EA . -43.55 -26.89 15.41
H2 ACT EA . -43.87 -27.85 16.87
H3 ACT EA . -45.08 -27.80 15.55
C ACT FA . -16.64 -12.12 0.16
O ACT FA . -17.42 -12.27 -0.80
OXT ACT FA . -16.40 -13.16 0.83
CH3 ACT FA . -16.06 -10.76 0.47
H1 ACT FA . -15.41 -10.83 1.35
H2 ACT FA . -16.86 -10.05 0.68
H3 ACT FA . -15.48 -10.41 -0.39
C ACT GA . -21.98 -21.50 8.74
O ACT GA . -20.87 -21.67 8.19
OXT ACT GA . -22.31 -22.30 9.70
CH3 ACT GA . -22.85 -20.37 8.25
H1 ACT GA . -22.34 -19.85 7.44
H2 ACT GA . -23.03 -19.68 9.08
H3 ACT GA . -23.80 -20.76 7.89
C ACT HA . -20.07 -30.42 22.20
O ACT HA . -18.98 -30.34 21.60
OXT ACT HA . -20.87 -31.28 21.75
CH3 ACT HA . -20.39 -29.54 23.39
H1 ACT HA . -19.54 -28.88 23.59
H2 ACT HA . -20.57 -30.16 24.26
H3 ACT HA . -21.27 -28.94 23.16
C ACT IA . -39.85 -22.81 4.53
O ACT IA . -38.76 -23.34 4.15
OXT ACT IA . -40.19 -23.02 5.72
CH3 ACT IA . -40.71 -21.97 3.62
H1 ACT IA . -41.58 -21.62 4.16
H2 ACT IA . -41.02 -22.57 2.76
H3 ACT IA . -40.13 -21.11 3.26
C ACT JA . -18.37 -18.13 12.07
O ACT JA . -17.17 -18.20 12.42
OXT ACT JA . -19.08 -19.18 12.20
CH3 ACT JA . -18.88 -16.84 11.52
H1 ACT JA . -18.07 -16.10 11.51
H2 ACT JA . -19.69 -16.46 12.14
H3 ACT JA . -19.24 -16.99 10.50
C ACT KA . -23.08 -19.43 33.08
O ACT KA . -22.35 -19.10 34.06
OXT ACT KA . -23.64 -20.54 33.14
CH3 ACT KA . -23.28 -18.52 31.92
H1 ACT KA . -22.72 -17.59 32.07
H2 ACT KA . -24.34 -18.28 31.82
H3 ACT KA . -22.94 -19.00 31.00
C ACT LA . -26.14 -30.48 29.85
O ACT LA . -24.93 -30.27 30.15
OXT ACT LA . -26.39 -31.65 29.49
CH3 ACT LA . -27.20 -29.42 29.93
H1 ACT LA . -26.77 -28.48 30.27
H2 ACT LA . -27.98 -29.73 30.64
H3 ACT LA . -27.65 -29.27 28.96
C ACT MA . -33.86 -17.90 40.04
O ACT MA . -32.61 -17.89 40.27
OXT ACT MA . -34.35 -18.97 39.62
CH3 ACT MA . -34.73 -16.69 40.26
H1 ACT MA . -34.13 -15.86 40.63
H2 ACT MA . -35.51 -16.92 40.99
H3 ACT MA . -35.19 -16.41 39.31
C ACT NA . -33.01 -27.78 34.75
O ACT NA . -31.79 -27.98 35.01
OXT ACT NA . -33.67 -28.74 34.24
CH3 ACT NA . -33.68 -26.46 35.02
H1 ACT NA . -32.96 -25.77 35.45
H2 ACT NA . -34.50 -26.61 35.72
H3 ACT NA . -34.07 -26.06 34.09
CA CA OA . 21.41 15.04 -32.34
C ACT PA . 6.38 13.08 -6.08
O ACT PA . 7.02 13.78 -5.28
OXT ACT PA . 6.42 11.86 -5.81
CH3 ACT PA . 5.62 13.65 -7.26
H1 ACT PA . 5.74 14.73 -7.26
H2 ACT PA . 4.57 13.40 -7.18
H3 ACT PA . 6.02 13.24 -8.18
#